data_2AT2
# 
_entry.id   2AT2 
# 
_audit_conform.dict_name       mmcif_pdbx.dic 
_audit_conform.dict_version    5.387 
_audit_conform.dict_location   http://mmcif.pdb.org/dictionaries/ascii/mmcif_pdbx.dic 
# 
loop_
_database_2.database_id 
_database_2.database_code 
_database_2.pdbx_database_accession 
_database_2.pdbx_DOI 
PDB   2AT2         pdb_00002at2 10.2210/pdb2at2/pdb 
WWPDB D_1000177780 ?            ?                   
# 
loop_
_pdbx_audit_revision_history.ordinal 
_pdbx_audit_revision_history.data_content_type 
_pdbx_audit_revision_history.major_revision 
_pdbx_audit_revision_history.minor_revision 
_pdbx_audit_revision_history.revision_date 
1 'Structure model' 1 0 1994-01-31 
2 'Structure model' 1 1 2008-03-24 
3 'Structure model' 1 2 2011-07-13 
4 'Structure model' 1 3 2024-02-14 
# 
_pdbx_audit_revision_details.ordinal             1 
_pdbx_audit_revision_details.revision_ordinal    1 
_pdbx_audit_revision_details.data_content_type   'Structure model' 
_pdbx_audit_revision_details.provider            repository 
_pdbx_audit_revision_details.type                'Initial release' 
_pdbx_audit_revision_details.description         ? 
_pdbx_audit_revision_details.details             ? 
# 
loop_
_pdbx_audit_revision_group.ordinal 
_pdbx_audit_revision_group.revision_ordinal 
_pdbx_audit_revision_group.data_content_type 
_pdbx_audit_revision_group.group 
1 2 'Structure model' 'Version format compliance' 
2 3 'Structure model' 'Version format compliance' 
3 4 'Structure model' 'Data collection'           
4 4 'Structure model' 'Database references'       
5 4 'Structure model' Other                       
# 
loop_
_pdbx_audit_revision_category.ordinal 
_pdbx_audit_revision_category.revision_ordinal 
_pdbx_audit_revision_category.data_content_type 
_pdbx_audit_revision_category.category 
1 4 'Structure model' chem_comp_atom       
2 4 'Structure model' chem_comp_bond       
3 4 'Structure model' database_2           
4 4 'Structure model' pdbx_database_status 
# 
loop_
_pdbx_audit_revision_item.ordinal 
_pdbx_audit_revision_item.revision_ordinal 
_pdbx_audit_revision_item.data_content_type 
_pdbx_audit_revision_item.item 
1 4 'Structure model' '_database_2.pdbx_DOI'                
2 4 'Structure model' '_database_2.pdbx_database_accession' 
3 4 'Structure model' '_pdbx_database_status.process_site'  
# 
_pdbx_database_status.status_code                     REL 
_pdbx_database_status.entry_id                        2AT2 
_pdbx_database_status.recvd_initial_deposition_date   1992-07-20 
_pdbx_database_status.deposit_site                    ? 
_pdbx_database_status.process_site                    BNL 
_pdbx_database_status.SG_entry                        . 
_pdbx_database_status.pdb_format_compatible           Y 
_pdbx_database_status.status_code_mr                  ? 
_pdbx_database_status.status_code_sf                  ? 
_pdbx_database_status.status_code_cs                  ? 
_pdbx_database_status.status_code_nmr_data            ? 
_pdbx_database_status.methods_development_category    ? 
# 
loop_
_audit_author.name 
_audit_author.pdbx_ordinal 
'Stevens, R.C.'  1 
'Reinisch, K.M.' 2 
'Lipscomb, W.N.' 3 
# 
_citation.id                        primary 
_citation.title                     'Molecular structure of Bacillus subtilis aspartate transcarbamoylase at 3.0 A resolution.' 
_citation.journal_abbrev            Proc.Natl.Acad.Sci.USA 
_citation.journal_volume            88 
_citation.page_first                6087 
_citation.page_last                 6091 
_citation.year                      1991 
_citation.journal_id_ASTM           PNASA6 
_citation.country                   US 
_citation.journal_id_ISSN           0027-8424 
_citation.journal_id_CSD            0040 
_citation.book_publisher            ? 
_citation.pdbx_database_id_PubMed   1906175 
_citation.pdbx_database_id_DOI      10.1073/pnas.88.14.6087 
# 
loop_
_citation_author.citation_id 
_citation_author.name 
_citation_author.ordinal 
_citation_author.identifier_ORCID 
primary 'Stevens, R.C.'  1 ? 
primary 'Reinisch, K.M.' 2 ? 
primary 'Lipscomb, W.N.' 3 ? 
# 
_entity.id                         1 
_entity.type                       polymer 
_entity.src_method                 man 
_entity.pdbx_description           'ASPARTATE CARBAMOYLTRANSFERASE' 
_entity.formula_weight             33775.129 
_entity.pdbx_number_of_molecules   3 
_entity.pdbx_ec                    2.1.3.2 
_entity.pdbx_mutation              ? 
_entity.pdbx_fragment              ? 
_entity.details                    ? 
# 
_entity_poly.entity_id                      1 
_entity_poly.type                           'polypeptide(L)' 
_entity_poly.nstd_linkage                   no 
_entity_poly.nstd_monomer                   no 
_entity_poly.pdbx_seq_one_letter_code       
;MKHLTTMSELSTEEIKDLLQTAQELKSGKTDNQLTGKFAANLFFEPSTRTRFSFEVAEKKLGMNVLNLDGTSTSVQKGET
LYDTIRTLESIGVDVCVIRHSEDEYYEELVSQVNIPILNAGDGCGQHPTQSLLDLMTIYEEFNTFKGLTVSIHGDIKHSR
VARSNAEVLTRLGARVLFSGPSEWQDEENTFGTYVSMDEAVESSDVVMLLRIQNERHQSAVSQEGYLNKYGLTVERAERM
KRHAIIMHPAPVNRGVEIDDSLVESEKSRIFKQMKNGVFIRMAVIQCALQTNVKRGEAAY
;
_entity_poly.pdbx_seq_one_letter_code_can   
;MKHLTTMSELSTEEIKDLLQTAQELKSGKTDNQLTGKFAANLFFEPSTRTRFSFEVAEKKLGMNVLNLDGTSTSVQKGET
LYDTIRTLESIGVDVCVIRHSEDEYYEELVSQVNIPILNAGDGCGQHPTQSLLDLMTIYEEFNTFKGLTVSIHGDIKHSR
VARSNAEVLTRLGARVLFSGPSEWQDEENTFGTYVSMDEAVESSDVVMLLRIQNERHQSAVSQEGYLNKYGLTVERAERM
KRHAIIMHPAPVNRGVEIDDSLVESEKSRIFKQMKNGVFIRMAVIQCALQTNVKRGEAAY
;
_entity_poly.pdbx_strand_id                 A,B,C 
_entity_poly.pdbx_target_identifier         ? 
# 
loop_
_entity_poly_seq.entity_id 
_entity_poly_seq.num 
_entity_poly_seq.mon_id 
_entity_poly_seq.hetero 
1 1   MET n 
1 2   LYS n 
1 3   HIS n 
1 4   LEU n 
1 5   THR n 
1 6   THR n 
1 7   MET n 
1 8   SER n 
1 9   GLU n 
1 10  LEU n 
1 11  SER n 
1 12  THR n 
1 13  GLU n 
1 14  GLU n 
1 15  ILE n 
1 16  LYS n 
1 17  ASP n 
1 18  LEU n 
1 19  LEU n 
1 20  GLN n 
1 21  THR n 
1 22  ALA n 
1 23  GLN n 
1 24  GLU n 
1 25  LEU n 
1 26  LYS n 
1 27  SER n 
1 28  GLY n 
1 29  LYS n 
1 30  THR n 
1 31  ASP n 
1 32  ASN n 
1 33  GLN n 
1 34  LEU n 
1 35  THR n 
1 36  GLY n 
1 37  LYS n 
1 38  PHE n 
1 39  ALA n 
1 40  ALA n 
1 41  ASN n 
1 42  LEU n 
1 43  PHE n 
1 44  PHE n 
1 45  GLU n 
1 46  PRO n 
1 47  SER n 
1 48  THR n 
1 49  ARG n 
1 50  THR n 
1 51  ARG n 
1 52  PHE n 
1 53  SER n 
1 54  PHE n 
1 55  GLU n 
1 56  VAL n 
1 57  ALA n 
1 58  GLU n 
1 59  LYS n 
1 60  LYS n 
1 61  LEU n 
1 62  GLY n 
1 63  MET n 
1 64  ASN n 
1 65  VAL n 
1 66  LEU n 
1 67  ASN n 
1 68  LEU n 
1 69  ASP n 
1 70  GLY n 
1 71  THR n 
1 72  SER n 
1 73  THR n 
1 74  SER n 
1 75  VAL n 
1 76  GLN n 
1 77  LYS n 
1 78  GLY n 
1 79  GLU n 
1 80  THR n 
1 81  LEU n 
1 82  TYR n 
1 83  ASP n 
1 84  THR n 
1 85  ILE n 
1 86  ARG n 
1 87  THR n 
1 88  LEU n 
1 89  GLU n 
1 90  SER n 
1 91  ILE n 
1 92  GLY n 
1 93  VAL n 
1 94  ASP n 
1 95  VAL n 
1 96  CYS n 
1 97  VAL n 
1 98  ILE n 
1 99  ARG n 
1 100 HIS n 
1 101 SER n 
1 102 GLU n 
1 103 ASP n 
1 104 GLU n 
1 105 TYR n 
1 106 TYR n 
1 107 GLU n 
1 108 GLU n 
1 109 LEU n 
1 110 VAL n 
1 111 SER n 
1 112 GLN n 
1 113 VAL n 
1 114 ASN n 
1 115 ILE n 
1 116 PRO n 
1 117 ILE n 
1 118 LEU n 
1 119 ASN n 
1 120 ALA n 
1 121 GLY n 
1 122 ASP n 
1 123 GLY n 
1 124 CYS n 
1 125 GLY n 
1 126 GLN n 
1 127 HIS n 
1 128 PRO n 
1 129 THR n 
1 130 GLN n 
1 131 SER n 
1 132 LEU n 
1 133 LEU n 
1 134 ASP n 
1 135 LEU n 
1 136 MET n 
1 137 THR n 
1 138 ILE n 
1 139 TYR n 
1 140 GLU n 
1 141 GLU n 
1 142 PHE n 
1 143 ASN n 
1 144 THR n 
1 145 PHE n 
1 146 LYS n 
1 147 GLY n 
1 148 LEU n 
1 149 THR n 
1 150 VAL n 
1 151 SER n 
1 152 ILE n 
1 153 HIS n 
1 154 GLY n 
1 155 ASP n 
1 156 ILE n 
1 157 LYS n 
1 158 HIS n 
1 159 SER n 
1 160 ARG n 
1 161 VAL n 
1 162 ALA n 
1 163 ARG n 
1 164 SER n 
1 165 ASN n 
1 166 ALA n 
1 167 GLU n 
1 168 VAL n 
1 169 LEU n 
1 170 THR n 
1 171 ARG n 
1 172 LEU n 
1 173 GLY n 
1 174 ALA n 
1 175 ARG n 
1 176 VAL n 
1 177 LEU n 
1 178 PHE n 
1 179 SER n 
1 180 GLY n 
1 181 PRO n 
1 182 SER n 
1 183 GLU n 
1 184 TRP n 
1 185 GLN n 
1 186 ASP n 
1 187 GLU n 
1 188 GLU n 
1 189 ASN n 
1 190 THR n 
1 191 PHE n 
1 192 GLY n 
1 193 THR n 
1 194 TYR n 
1 195 VAL n 
1 196 SER n 
1 197 MET n 
1 198 ASP n 
1 199 GLU n 
1 200 ALA n 
1 201 VAL n 
1 202 GLU n 
1 203 SER n 
1 204 SER n 
1 205 ASP n 
1 206 VAL n 
1 207 VAL n 
1 208 MET n 
1 209 LEU n 
1 210 LEU n 
1 211 ARG n 
1 212 ILE n 
1 213 GLN n 
1 214 ASN n 
1 215 GLU n 
1 216 ARG n 
1 217 HIS n 
1 218 GLN n 
1 219 SER n 
1 220 ALA n 
1 221 VAL n 
1 222 SER n 
1 223 GLN n 
1 224 GLU n 
1 225 GLY n 
1 226 TYR n 
1 227 LEU n 
1 228 ASN n 
1 229 LYS n 
1 230 TYR n 
1 231 GLY n 
1 232 LEU n 
1 233 THR n 
1 234 VAL n 
1 235 GLU n 
1 236 ARG n 
1 237 ALA n 
1 238 GLU n 
1 239 ARG n 
1 240 MET n 
1 241 LYS n 
1 242 ARG n 
1 243 HIS n 
1 244 ALA n 
1 245 ILE n 
1 246 ILE n 
1 247 MET n 
1 248 HIS n 
1 249 PRO n 
1 250 ALA n 
1 251 PRO n 
1 252 VAL n 
1 253 ASN n 
1 254 ARG n 
1 255 GLY n 
1 256 VAL n 
1 257 GLU n 
1 258 ILE n 
1 259 ASP n 
1 260 ASP n 
1 261 SER n 
1 262 LEU n 
1 263 VAL n 
1 264 GLU n 
1 265 SER n 
1 266 GLU n 
1 267 LYS n 
1 268 SER n 
1 269 ARG n 
1 270 ILE n 
1 271 PHE n 
1 272 LYS n 
1 273 GLN n 
1 274 MET n 
1 275 LYS n 
1 276 ASN n 
1 277 GLY n 
1 278 VAL n 
1 279 PHE n 
1 280 ILE n 
1 281 ARG n 
1 282 MET n 
1 283 ALA n 
1 284 VAL n 
1 285 ILE n 
1 286 GLN n 
1 287 CYS n 
1 288 ALA n 
1 289 LEU n 
1 290 GLN n 
1 291 THR n 
1 292 ASN n 
1 293 VAL n 
1 294 LYS n 
1 295 ARG n 
1 296 GLY n 
1 297 GLU n 
1 298 ALA n 
1 299 ALA n 
1 300 TYR n 
# 
_entity_src_gen.entity_id                          1 
_entity_src_gen.pdbx_src_id                        1 
_entity_src_gen.pdbx_alt_source_flag               sample 
_entity_src_gen.pdbx_seq_type                      ? 
_entity_src_gen.pdbx_beg_seq_num                   ? 
_entity_src_gen.pdbx_end_seq_num                   ? 
_entity_src_gen.gene_src_common_name               ? 
_entity_src_gen.gene_src_genus                     Bacillus 
_entity_src_gen.pdbx_gene_src_gene                 ? 
_entity_src_gen.gene_src_species                   ? 
_entity_src_gen.gene_src_strain                    ? 
_entity_src_gen.gene_src_tissue                    ? 
_entity_src_gen.gene_src_tissue_fraction           ? 
_entity_src_gen.gene_src_details                   ? 
_entity_src_gen.pdbx_gene_src_fragment             ? 
_entity_src_gen.pdbx_gene_src_scientific_name      'Bacillus subtilis' 
_entity_src_gen.pdbx_gene_src_ncbi_taxonomy_id     1423 
_entity_src_gen.pdbx_gene_src_variant              ? 
_entity_src_gen.pdbx_gene_src_cell_line            ? 
_entity_src_gen.pdbx_gene_src_atcc                 ? 
_entity_src_gen.pdbx_gene_src_organ                ? 
_entity_src_gen.pdbx_gene_src_organelle            ? 
_entity_src_gen.pdbx_gene_src_cell                 ? 
_entity_src_gen.pdbx_gene_src_cellular_location    ? 
_entity_src_gen.host_org_common_name               ? 
_entity_src_gen.pdbx_host_org_scientific_name      ? 
_entity_src_gen.pdbx_host_org_ncbi_taxonomy_id     ? 
_entity_src_gen.host_org_genus                     ? 
_entity_src_gen.pdbx_host_org_gene                 ? 
_entity_src_gen.pdbx_host_org_organ                ? 
_entity_src_gen.host_org_species                   ? 
_entity_src_gen.pdbx_host_org_tissue               ? 
_entity_src_gen.pdbx_host_org_tissue_fraction      ? 
_entity_src_gen.pdbx_host_org_strain               ? 
_entity_src_gen.pdbx_host_org_variant              ? 
_entity_src_gen.pdbx_host_org_cell_line            ? 
_entity_src_gen.pdbx_host_org_atcc                 ? 
_entity_src_gen.pdbx_host_org_culture_collection   ? 
_entity_src_gen.pdbx_host_org_cell                 ? 
_entity_src_gen.pdbx_host_org_organelle            ? 
_entity_src_gen.pdbx_host_org_cellular_location    ? 
_entity_src_gen.pdbx_host_org_vector_type          ? 
_entity_src_gen.pdbx_host_org_vector               ? 
_entity_src_gen.host_org_details                   ? 
_entity_src_gen.expression_system_id               ? 
_entity_src_gen.plasmid_name                       ? 
_entity_src_gen.plasmid_details                    ? 
_entity_src_gen.pdbx_description                   ? 
# 
loop_
_chem_comp.id 
_chem_comp.type 
_chem_comp.mon_nstd_flag 
_chem_comp.name 
_chem_comp.pdbx_synonyms 
_chem_comp.formula 
_chem_comp.formula_weight 
ALA 'L-peptide linking' y ALANINE         ? 'C3 H7 N O2'     89.093  
ARG 'L-peptide linking' y ARGININE        ? 'C6 H15 N4 O2 1' 175.209 
ASN 'L-peptide linking' y ASPARAGINE      ? 'C4 H8 N2 O3'    132.118 
ASP 'L-peptide linking' y 'ASPARTIC ACID' ? 'C4 H7 N O4'     133.103 
CYS 'L-peptide linking' y CYSTEINE        ? 'C3 H7 N O2 S'   121.158 
GLN 'L-peptide linking' y GLUTAMINE       ? 'C5 H10 N2 O3'   146.144 
GLU 'L-peptide linking' y 'GLUTAMIC ACID' ? 'C5 H9 N O4'     147.129 
GLY 'peptide linking'   y GLYCINE         ? 'C2 H5 N O2'     75.067  
HIS 'L-peptide linking' y HISTIDINE       ? 'C6 H10 N3 O2 1' 156.162 
ILE 'L-peptide linking' y ISOLEUCINE      ? 'C6 H13 N O2'    131.173 
LEU 'L-peptide linking' y LEUCINE         ? 'C6 H13 N O2'    131.173 
LYS 'L-peptide linking' y LYSINE          ? 'C6 H15 N2 O2 1' 147.195 
MET 'L-peptide linking' y METHIONINE      ? 'C5 H11 N O2 S'  149.211 
PHE 'L-peptide linking' y PHENYLALANINE   ? 'C9 H11 N O2'    165.189 
PRO 'L-peptide linking' y PROLINE         ? 'C5 H9 N O2'     115.130 
SER 'L-peptide linking' y SERINE          ? 'C3 H7 N O3'     105.093 
THR 'L-peptide linking' y THREONINE       ? 'C4 H9 N O3'     119.119 
TRP 'L-peptide linking' y TRYPTOPHAN      ? 'C11 H12 N2 O2'  204.225 
TYR 'L-peptide linking' y TYROSINE        ? 'C9 H11 N O3'    181.189 
VAL 'L-peptide linking' y VALINE          ? 'C5 H11 N O2'    117.146 
# 
loop_
_pdbx_poly_seq_scheme.asym_id 
_pdbx_poly_seq_scheme.entity_id 
_pdbx_poly_seq_scheme.seq_id 
_pdbx_poly_seq_scheme.mon_id 
_pdbx_poly_seq_scheme.ndb_seq_num 
_pdbx_poly_seq_scheme.pdb_seq_num 
_pdbx_poly_seq_scheme.auth_seq_num 
_pdbx_poly_seq_scheme.pdb_mon_id 
_pdbx_poly_seq_scheme.auth_mon_id 
_pdbx_poly_seq_scheme.pdb_strand_id 
_pdbx_poly_seq_scheme.pdb_ins_code 
_pdbx_poly_seq_scheme.hetero 
A 1 1   MET 1   1   1   MET MET A . n 
A 1 2   LYS 2   2   2   LYS LYS A . n 
A 1 3   HIS 3   3   3   HIS HIS A . n 
A 1 4   LEU 4   4   4   LEU LEU A . n 
A 1 5   THR 5   5   5   THR THR A . n 
A 1 6   THR 6   6   6   THR THR A . n 
A 1 7   MET 7   7   7   MET MET A . n 
A 1 8   SER 8   8   8   SER SER A . n 
A 1 9   GLU 9   9   9   GLU GLU A . n 
A 1 10  LEU 10  10  10  LEU LEU A . n 
A 1 11  SER 11  11  11  SER SER A . n 
A 1 12  THR 12  12  12  THR THR A . n 
A 1 13  GLU 13  13  13  GLU GLU A . n 
A 1 14  GLU 14  14  14  GLU GLU A . n 
A 1 15  ILE 15  15  15  ILE ILE A . n 
A 1 16  LYS 16  16  16  LYS LYS A . n 
A 1 17  ASP 17  17  17  ASP ASP A . n 
A 1 18  LEU 18  18  18  LEU LEU A . n 
A 1 19  LEU 19  19  19  LEU LEU A . n 
A 1 20  GLN 20  20  20  GLN GLN A . n 
A 1 21  THR 21  21  21  THR THR A . n 
A 1 22  ALA 22  22  22  ALA ALA A . n 
A 1 23  GLN 23  23  23  GLN GLN A . n 
A 1 24  GLU 24  24  24  GLU GLU A . n 
A 1 25  LEU 25  25  25  LEU LEU A . n 
A 1 26  LYS 26  26  26  LYS LYS A . n 
A 1 27  SER 27  27  27  SER SER A . n 
A 1 28  GLY 28  28  28  GLY GLY A . n 
A 1 29  LYS 29  29  29  LYS LYS A . n 
A 1 30  THR 30  30  30  THR THR A . n 
A 1 31  ASP 31  31  31  ASP ASP A . n 
A 1 32  ASN 32  32  32  ASN ASN A . n 
A 1 33  GLN 33  33  33  GLN GLN A . n 
A 1 34  LEU 34  34  34  LEU LEU A . n 
A 1 35  THR 35  35  35  THR THR A . n 
A 1 36  GLY 36  36  36  GLY GLY A . n 
A 1 37  LYS 37  37  37  LYS LYS A . n 
A 1 38  PHE 38  38  38  PHE PHE A . n 
A 1 39  ALA 39  39  39  ALA ALA A . n 
A 1 40  ALA 40  40  40  ALA ALA A . n 
A 1 41  ASN 41  41  41  ASN ASN A . n 
A 1 42  LEU 42  42  42  LEU LEU A . n 
A 1 43  PHE 43  43  43  PHE PHE A . n 
A 1 44  PHE 44  44  44  PHE PHE A . n 
A 1 45  GLU 45  45  45  GLU GLU A . n 
A 1 46  PRO 46  46  46  PRO PRO A . n 
A 1 47  SER 47  47  47  SER SER A . n 
A 1 48  THR 48  48  48  THR THR A . n 
A 1 49  ARG 49  49  49  ARG ARG A . n 
A 1 50  THR 50  50  50  THR THR A . n 
A 1 51  ARG 51  51  51  ARG ARG A . n 
A 1 52  PHE 52  52  52  PHE PHE A . n 
A 1 53  SER 53  53  53  SER SER A . n 
A 1 54  PHE 54  54  54  PHE PHE A . n 
A 1 55  GLU 55  55  55  GLU GLU A . n 
A 1 56  VAL 56  56  56  VAL VAL A . n 
A 1 57  ALA 57  57  57  ALA ALA A . n 
A 1 58  GLU 58  58  58  GLU GLU A . n 
A 1 59  LYS 59  59  59  LYS LYS A . n 
A 1 60  LYS 60  60  60  LYS LYS A . n 
A 1 61  LEU 61  61  61  LEU LEU A . n 
A 1 62  GLY 62  62  62  GLY GLY A . n 
A 1 63  MET 63  63  63  MET MET A . n 
A 1 64  ASN 64  64  64  ASN ASN A . n 
A 1 65  VAL 65  65  65  VAL VAL A . n 
A 1 66  LEU 66  66  66  LEU LEU A . n 
A 1 67  ASN 67  67  67  ASN ASN A . n 
A 1 68  LEU 68  68  68  LEU LEU A . n 
A 1 69  ASP 69  69  69  ASP ASP A . n 
A 1 70  GLY 70  70  70  GLY GLY A . n 
A 1 71  THR 71  71  71  THR THR A . n 
A 1 72  SER 72  72  72  SER SER A . n 
A 1 73  THR 73  73  73  THR THR A . n 
A 1 74  SER 74  74  74  SER SER A . n 
A 1 75  VAL 75  75  75  VAL VAL A . n 
A 1 76  GLN 76  76  76  GLN GLN A . n 
A 1 77  LYS 77  77  77  LYS LYS A . n 
A 1 78  GLY 78  78  78  GLY GLY A . n 
A 1 79  GLU 79  79  79  GLU GLU A . n 
A 1 80  THR 80  80  80  THR THR A . n 
A 1 81  LEU 81  81  81  LEU LEU A . n 
A 1 82  TYR 82  82  82  TYR TYR A . n 
A 1 83  ASP 83  83  83  ASP ASP A . n 
A 1 84  THR 84  84  84  THR THR A . n 
A 1 85  ILE 85  85  85  ILE ILE A . n 
A 1 86  ARG 86  86  86  ARG ARG A . n 
A 1 87  THR 87  87  87  THR THR A . n 
A 1 88  LEU 88  88  88  LEU LEU A . n 
A 1 89  GLU 89  89  89  GLU GLU A . n 
A 1 90  SER 90  90  90  SER SER A . n 
A 1 91  ILE 91  91  91  ILE ILE A . n 
A 1 92  GLY 92  92  92  GLY GLY A . n 
A 1 93  VAL 93  93  93  VAL VAL A . n 
A 1 94  ASP 94  94  94  ASP ASP A . n 
A 1 95  VAL 95  95  95  VAL VAL A . n 
A 1 96  CYS 96  96  96  CYS CYS A . n 
A 1 97  VAL 97  97  97  VAL VAL A . n 
A 1 98  ILE 98  98  98  ILE ILE A . n 
A 1 99  ARG 99  99  99  ARG ARG A . n 
A 1 100 HIS 100 100 100 HIS HIS A . n 
A 1 101 SER 101 101 101 SER SER A . n 
A 1 102 GLU 102 102 102 GLU GLU A . n 
A 1 103 ASP 103 103 103 ASP ASP A . n 
A 1 104 GLU 104 104 104 GLU GLU A . n 
A 1 105 TYR 105 105 105 TYR TYR A . n 
A 1 106 TYR 106 106 106 TYR TYR A . n 
A 1 107 GLU 107 107 107 GLU GLU A . n 
A 1 108 GLU 108 108 108 GLU GLU A . n 
A 1 109 LEU 109 109 109 LEU LEU A . n 
A 1 110 VAL 110 110 110 VAL VAL A . n 
A 1 111 SER 111 111 111 SER SER A . n 
A 1 112 GLN 112 112 112 GLN GLN A . n 
A 1 113 VAL 113 113 113 VAL VAL A . n 
A 1 114 ASN 114 114 114 ASN ASN A . n 
A 1 115 ILE 115 115 115 ILE ILE A . n 
A 1 116 PRO 116 116 116 PRO PRO A . n 
A 1 117 ILE 117 117 117 ILE ILE A . n 
A 1 118 LEU 118 118 118 LEU LEU A . n 
A 1 119 ASN 119 119 119 ASN ASN A . n 
A 1 120 ALA 120 120 120 ALA ALA A . n 
A 1 121 GLY 121 121 121 GLY GLY A . n 
A 1 122 ASP 122 122 122 ASP ASP A . n 
A 1 123 GLY 123 123 123 GLY GLY A . n 
A 1 124 CYS 124 124 124 CYS CYS A . n 
A 1 125 GLY 125 125 125 GLY GLY A . n 
A 1 126 GLN 126 126 126 GLN GLN A . n 
A 1 127 HIS 127 127 127 HIS HIS A . n 
A 1 128 PRO 128 128 128 PRO PRO A . n 
A 1 129 THR 129 129 129 THR THR A . n 
A 1 130 GLN 130 130 130 GLN GLN A . n 
A 1 131 SER 131 131 131 SER SER A . n 
A 1 132 LEU 132 132 132 LEU LEU A . n 
A 1 133 LEU 133 133 133 LEU LEU A . n 
A 1 134 ASP 134 134 134 ASP ASP A . n 
A 1 135 LEU 135 135 135 LEU LEU A . n 
A 1 136 MET 136 136 136 MET MET A . n 
A 1 137 THR 137 137 137 THR THR A . n 
A 1 138 ILE 138 138 138 ILE ILE A . n 
A 1 139 TYR 139 139 139 TYR TYR A . n 
A 1 140 GLU 140 140 140 GLU GLU A . n 
A 1 141 GLU 141 141 141 GLU GLU A . n 
A 1 142 PHE 142 142 142 PHE PHE A . n 
A 1 143 ASN 143 143 143 ASN ASN A . n 
A 1 144 THR 144 144 144 THR THR A . n 
A 1 145 PHE 145 145 145 PHE PHE A . n 
A 1 146 LYS 146 146 146 LYS LYS A . n 
A 1 147 GLY 147 147 147 GLY GLY A . n 
A 1 148 LEU 148 148 148 LEU LEU A . n 
A 1 149 THR 149 149 149 THR THR A . n 
A 1 150 VAL 150 150 150 VAL VAL A . n 
A 1 151 SER 151 151 151 SER SER A . n 
A 1 152 ILE 152 152 152 ILE ILE A . n 
A 1 153 HIS 153 153 153 HIS HIS A . n 
A 1 154 GLY 154 154 154 GLY GLY A . n 
A 1 155 ASP 155 155 155 ASP ASP A . n 
A 1 156 ILE 156 156 156 ILE ILE A . n 
A 1 157 LYS 157 157 157 LYS LYS A . n 
A 1 158 HIS 158 158 158 HIS HIS A . n 
A 1 159 SER 159 159 159 SER SER A . n 
A 1 160 ARG 160 160 160 ARG ARG A . n 
A 1 161 VAL 161 161 161 VAL VAL A . n 
A 1 162 ALA 162 162 162 ALA ALA A . n 
A 1 163 ARG 163 163 163 ARG ARG A . n 
A 1 164 SER 164 164 164 SER SER A . n 
A 1 165 ASN 165 165 165 ASN ASN A . n 
A 1 166 ALA 166 166 166 ALA ALA A . n 
A 1 167 GLU 167 167 167 GLU GLU A . n 
A 1 168 VAL 168 168 168 VAL VAL A . n 
A 1 169 LEU 169 169 169 LEU LEU A . n 
A 1 170 THR 170 170 170 THR THR A . n 
A 1 171 ARG 171 171 171 ARG ARG A . n 
A 1 172 LEU 172 172 172 LEU LEU A . n 
A 1 173 GLY 173 173 173 GLY GLY A . n 
A 1 174 ALA 174 174 174 ALA ALA A . n 
A 1 175 ARG 175 175 175 ARG ARG A . n 
A 1 176 VAL 176 176 176 VAL VAL A . n 
A 1 177 LEU 177 177 177 LEU LEU A . n 
A 1 178 PHE 178 178 178 PHE PHE A . n 
A 1 179 SER 179 179 179 SER SER A . n 
A 1 180 GLY 180 180 180 GLY GLY A . n 
A 1 181 PRO 181 181 181 PRO PRO A . n 
A 1 182 SER 182 182 182 SER SER A . n 
A 1 183 GLU 183 183 183 GLU GLU A . n 
A 1 184 TRP 184 184 184 TRP TRP A . n 
A 1 185 GLN 185 185 185 GLN GLN A . n 
A 1 186 ASP 186 186 186 ASP ASP A . n 
A 1 187 GLU 187 187 187 GLU GLU A . n 
A 1 188 GLU 188 188 188 GLU GLU A . n 
A 1 189 ASN 189 189 189 ASN ASN A . n 
A 1 190 THR 190 190 190 THR THR A . n 
A 1 191 PHE 191 191 191 PHE PHE A . n 
A 1 192 GLY 192 192 192 GLY GLY A . n 
A 1 193 THR 193 193 193 THR THR A . n 
A 1 194 TYR 194 194 194 TYR TYR A . n 
A 1 195 VAL 195 195 195 VAL VAL A . n 
A 1 196 SER 196 196 196 SER SER A . n 
A 1 197 MET 197 197 197 MET MET A . n 
A 1 198 ASP 198 198 198 ASP ASP A . n 
A 1 199 GLU 199 199 199 GLU GLU A . n 
A 1 200 ALA 200 200 200 ALA ALA A . n 
A 1 201 VAL 201 201 201 VAL VAL A . n 
A 1 202 GLU 202 202 202 GLU GLU A . n 
A 1 203 SER 203 203 203 SER SER A . n 
A 1 204 SER 204 204 204 SER SER A . n 
A 1 205 ASP 205 205 205 ASP ASP A . n 
A 1 206 VAL 206 206 206 VAL VAL A . n 
A 1 207 VAL 207 207 207 VAL VAL A . n 
A 1 208 MET 208 208 208 MET MET A . n 
A 1 209 LEU 209 209 209 LEU LEU A . n 
A 1 210 LEU 210 210 210 LEU LEU A . n 
A 1 211 ARG 211 211 211 ARG ARG A . n 
A 1 212 ILE 212 212 212 ILE ILE A . n 
A 1 213 GLN 213 213 213 GLN GLN A . n 
A 1 214 ASN 214 214 214 ASN ASN A . n 
A 1 215 GLU 215 215 215 GLU GLU A . n 
A 1 216 ARG 216 216 216 ARG ARG A . n 
A 1 217 HIS 217 217 217 HIS HIS A . n 
A 1 218 GLN 218 218 218 GLN GLN A . n 
A 1 219 SER 219 219 219 SER SER A . n 
A 1 220 ALA 220 220 220 ALA ALA A . n 
A 1 221 VAL 221 221 221 VAL VAL A . n 
A 1 222 SER 222 222 222 SER SER A . n 
A 1 223 GLN 223 223 223 GLN GLN A . n 
A 1 224 GLU 224 224 224 GLU GLU A . n 
A 1 225 GLY 225 225 225 GLY GLY A . n 
A 1 226 TYR 226 226 226 TYR TYR A . n 
A 1 227 LEU 227 227 227 LEU LEU A . n 
A 1 228 ASN 228 228 228 ASN ASN A . n 
A 1 229 LYS 229 229 229 LYS LYS A . n 
A 1 230 TYR 230 230 230 TYR TYR A . n 
A 1 231 GLY 231 231 231 GLY GLY A . n 
A 1 232 LEU 232 232 232 LEU LEU A . n 
A 1 233 THR 233 233 233 THR THR A . n 
A 1 234 VAL 234 234 234 VAL VAL A . n 
A 1 235 GLU 235 235 235 GLU GLU A . n 
A 1 236 ARG 236 236 236 ARG ARG A . n 
A 1 237 ALA 237 237 237 ALA ALA A . n 
A 1 238 GLU 238 238 238 GLU GLU A . n 
A 1 239 ARG 239 239 239 ARG ARG A . n 
A 1 240 MET 240 240 240 MET MET A . n 
A 1 241 LYS 241 241 241 LYS LYS A . n 
A 1 242 ARG 242 242 242 ARG ARG A . n 
A 1 243 HIS 243 243 243 HIS HIS A . n 
A 1 244 ALA 244 244 244 ALA ALA A . n 
A 1 245 ILE 245 245 245 ILE ILE A . n 
A 1 246 ILE 246 246 246 ILE ILE A . n 
A 1 247 MET 247 247 247 MET MET A . n 
A 1 248 HIS 248 248 248 HIS HIS A . n 
A 1 249 PRO 249 249 249 PRO PRO A . n 
A 1 250 ALA 250 250 250 ALA ALA A . n 
A 1 251 PRO 251 251 251 PRO PRO A . n 
A 1 252 VAL 252 252 252 VAL VAL A . n 
A 1 253 ASN 253 253 253 ASN ASN A . n 
A 1 254 ARG 254 254 254 ARG ARG A . n 
A 1 255 GLY 255 255 255 GLY GLY A . n 
A 1 256 VAL 256 256 256 VAL VAL A . n 
A 1 257 GLU 257 257 257 GLU GLU A . n 
A 1 258 ILE 258 258 258 ILE ILE A . n 
A 1 259 ASP 259 259 259 ASP ASP A . n 
A 1 260 ASP 260 260 260 ASP ASP A . n 
A 1 261 SER 261 261 261 SER SER A . n 
A 1 262 LEU 262 262 262 LEU LEU A . n 
A 1 263 VAL 263 263 263 VAL VAL A . n 
A 1 264 GLU 264 264 264 GLU GLU A . n 
A 1 265 SER 265 265 265 SER SER A . n 
A 1 266 GLU 266 266 266 GLU GLU A . n 
A 1 267 LYS 267 267 267 LYS LYS A . n 
A 1 268 SER 268 268 268 SER SER A . n 
A 1 269 ARG 269 269 269 ARG ARG A . n 
A 1 270 ILE 270 270 270 ILE ILE A . n 
A 1 271 PHE 271 271 271 PHE PHE A . n 
A 1 272 LYS 272 272 272 LYS LYS A . n 
A 1 273 GLN 273 273 273 GLN GLN A . n 
A 1 274 MET 274 274 274 MET MET A . n 
A 1 275 LYS 275 275 275 LYS LYS A . n 
A 1 276 ASN 276 276 276 ASN ASN A . n 
A 1 277 GLY 277 277 277 GLY GLY A . n 
A 1 278 VAL 278 278 278 VAL VAL A . n 
A 1 279 PHE 279 279 279 PHE PHE A . n 
A 1 280 ILE 280 280 280 ILE ILE A . n 
A 1 281 ARG 281 281 281 ARG ARG A . n 
A 1 282 MET 282 282 282 MET MET A . n 
A 1 283 ALA 283 283 283 ALA ALA A . n 
A 1 284 VAL 284 284 284 VAL VAL A . n 
A 1 285 ILE 285 285 285 ILE ILE A . n 
A 1 286 GLN 286 286 286 GLN GLN A . n 
A 1 287 CYS 287 287 287 CYS CYS A . n 
A 1 288 ALA 288 288 288 ALA ALA A . n 
A 1 289 LEU 289 289 289 LEU LEU A . n 
A 1 290 GLN 290 290 290 GLN GLN A . n 
A 1 291 THR 291 291 291 THR THR A . n 
A 1 292 ASN 292 292 292 ASN ASN A . n 
A 1 293 VAL 293 293 293 VAL VAL A . n 
A 1 294 LYS 294 294 294 LYS LYS A . n 
A 1 295 ARG 295 295 295 ARG ARG A . n 
A 1 296 GLY 296 296 ?   ?   ?   A . n 
A 1 297 GLU 297 297 ?   ?   ?   A . n 
A 1 298 ALA 298 298 ?   ?   ?   A . n 
A 1 299 ALA 299 299 ?   ?   ?   A . n 
A 1 300 TYR 300 300 ?   ?   ?   A . n 
B 1 1   MET 1   1   1   MET MET B . n 
B 1 2   LYS 2   2   2   LYS LYS B . n 
B 1 3   HIS 3   3   3   HIS HIS B . n 
B 1 4   LEU 4   4   4   LEU LEU B . n 
B 1 5   THR 5   5   5   THR THR B . n 
B 1 6   THR 6   6   6   THR THR B . n 
B 1 7   MET 7   7   7   MET MET B . n 
B 1 8   SER 8   8   8   SER SER B . n 
B 1 9   GLU 9   9   9   GLU GLU B . n 
B 1 10  LEU 10  10  10  LEU LEU B . n 
B 1 11  SER 11  11  11  SER SER B . n 
B 1 12  THR 12  12  12  THR THR B . n 
B 1 13  GLU 13  13  13  GLU GLU B . n 
B 1 14  GLU 14  14  14  GLU GLU B . n 
B 1 15  ILE 15  15  15  ILE ILE B . n 
B 1 16  LYS 16  16  16  LYS LYS B . n 
B 1 17  ASP 17  17  17  ASP ASP B . n 
B 1 18  LEU 18  18  18  LEU LEU B . n 
B 1 19  LEU 19  19  19  LEU LEU B . n 
B 1 20  GLN 20  20  20  GLN GLN B . n 
B 1 21  THR 21  21  21  THR THR B . n 
B 1 22  ALA 22  22  22  ALA ALA B . n 
B 1 23  GLN 23  23  23  GLN GLN B . n 
B 1 24  GLU 24  24  24  GLU GLU B . n 
B 1 25  LEU 25  25  25  LEU LEU B . n 
B 1 26  LYS 26  26  26  LYS LYS B . n 
B 1 27  SER 27  27  27  SER SER B . n 
B 1 28  GLY 28  28  28  GLY GLY B . n 
B 1 29  LYS 29  29  29  LYS LYS B . n 
B 1 30  THR 30  30  30  THR THR B . n 
B 1 31  ASP 31  31  31  ASP ASP B . n 
B 1 32  ASN 32  32  32  ASN ASN B . n 
B 1 33  GLN 33  33  33  GLN GLN B . n 
B 1 34  LEU 34  34  34  LEU LEU B . n 
B 1 35  THR 35  35  35  THR THR B . n 
B 1 36  GLY 36  36  36  GLY GLY B . n 
B 1 37  LYS 37  37  37  LYS LYS B . n 
B 1 38  PHE 38  38  38  PHE PHE B . n 
B 1 39  ALA 39  39  39  ALA ALA B . n 
B 1 40  ALA 40  40  40  ALA ALA B . n 
B 1 41  ASN 41  41  41  ASN ASN B . n 
B 1 42  LEU 42  42  42  LEU LEU B . n 
B 1 43  PHE 43  43  43  PHE PHE B . n 
B 1 44  PHE 44  44  44  PHE PHE B . n 
B 1 45  GLU 45  45  45  GLU GLU B . n 
B 1 46  PRO 46  46  46  PRO PRO B . n 
B 1 47  SER 47  47  47  SER SER B . n 
B 1 48  THR 48  48  48  THR THR B . n 
B 1 49  ARG 49  49  49  ARG ARG B . n 
B 1 50  THR 50  50  50  THR THR B . n 
B 1 51  ARG 51  51  51  ARG ARG B . n 
B 1 52  PHE 52  52  52  PHE PHE B . n 
B 1 53  SER 53  53  53  SER SER B . n 
B 1 54  PHE 54  54  54  PHE PHE B . n 
B 1 55  GLU 55  55  55  GLU GLU B . n 
B 1 56  VAL 56  56  56  VAL VAL B . n 
B 1 57  ALA 57  57  57  ALA ALA B . n 
B 1 58  GLU 58  58  58  GLU GLU B . n 
B 1 59  LYS 59  59  59  LYS LYS B . n 
B 1 60  LYS 60  60  60  LYS LYS B . n 
B 1 61  LEU 61  61  61  LEU LEU B . n 
B 1 62  GLY 62  62  62  GLY GLY B . n 
B 1 63  MET 63  63  63  MET MET B . n 
B 1 64  ASN 64  64  64  ASN ASN B . n 
B 1 65  VAL 65  65  65  VAL VAL B . n 
B 1 66  LEU 66  66  66  LEU LEU B . n 
B 1 67  ASN 67  67  67  ASN ASN B . n 
B 1 68  LEU 68  68  68  LEU LEU B . n 
B 1 69  ASP 69  69  69  ASP ASP B . n 
B 1 70  GLY 70  70  70  GLY GLY B . n 
B 1 71  THR 71  71  71  THR THR B . n 
B 1 72  SER 72  72  72  SER SER B . n 
B 1 73  THR 73  73  73  THR THR B . n 
B 1 74  SER 74  74  74  SER SER B . n 
B 1 75  VAL 75  75  75  VAL VAL B . n 
B 1 76  GLN 76  76  76  GLN GLN B . n 
B 1 77  LYS 77  77  77  LYS LYS B . n 
B 1 78  GLY 78  78  78  GLY GLY B . n 
B 1 79  GLU 79  79  79  GLU GLU B . n 
B 1 80  THR 80  80  80  THR THR B . n 
B 1 81  LEU 81  81  81  LEU LEU B . n 
B 1 82  TYR 82  82  82  TYR TYR B . n 
B 1 83  ASP 83  83  83  ASP ASP B . n 
B 1 84  THR 84  84  84  THR THR B . n 
B 1 85  ILE 85  85  85  ILE ILE B . n 
B 1 86  ARG 86  86  86  ARG ARG B . n 
B 1 87  THR 87  87  87  THR THR B . n 
B 1 88  LEU 88  88  88  LEU LEU B . n 
B 1 89  GLU 89  89  89  GLU GLU B . n 
B 1 90  SER 90  90  90  SER SER B . n 
B 1 91  ILE 91  91  91  ILE ILE B . n 
B 1 92  GLY 92  92  92  GLY GLY B . n 
B 1 93  VAL 93  93  93  VAL VAL B . n 
B 1 94  ASP 94  94  94  ASP ASP B . n 
B 1 95  VAL 95  95  95  VAL VAL B . n 
B 1 96  CYS 96  96  96  CYS CYS B . n 
B 1 97  VAL 97  97  97  VAL VAL B . n 
B 1 98  ILE 98  98  98  ILE ILE B . n 
B 1 99  ARG 99  99  99  ARG ARG B . n 
B 1 100 HIS 100 100 100 HIS HIS B . n 
B 1 101 SER 101 101 101 SER SER B . n 
B 1 102 GLU 102 102 102 GLU GLU B . n 
B 1 103 ASP 103 103 103 ASP ASP B . n 
B 1 104 GLU 104 104 104 GLU GLU B . n 
B 1 105 TYR 105 105 105 TYR TYR B . n 
B 1 106 TYR 106 106 106 TYR TYR B . n 
B 1 107 GLU 107 107 107 GLU GLU B . n 
B 1 108 GLU 108 108 108 GLU GLU B . n 
B 1 109 LEU 109 109 109 LEU LEU B . n 
B 1 110 VAL 110 110 110 VAL VAL B . n 
B 1 111 SER 111 111 111 SER SER B . n 
B 1 112 GLN 112 112 112 GLN GLN B . n 
B 1 113 VAL 113 113 113 VAL VAL B . n 
B 1 114 ASN 114 114 114 ASN ASN B . n 
B 1 115 ILE 115 115 115 ILE ILE B . n 
B 1 116 PRO 116 116 116 PRO PRO B . n 
B 1 117 ILE 117 117 117 ILE ILE B . n 
B 1 118 LEU 118 118 118 LEU LEU B . n 
B 1 119 ASN 119 119 119 ASN ASN B . n 
B 1 120 ALA 120 120 120 ALA ALA B . n 
B 1 121 GLY 121 121 121 GLY GLY B . n 
B 1 122 ASP 122 122 122 ASP ASP B . n 
B 1 123 GLY 123 123 123 GLY GLY B . n 
B 1 124 CYS 124 124 124 CYS CYS B . n 
B 1 125 GLY 125 125 125 GLY GLY B . n 
B 1 126 GLN 126 126 126 GLN GLN B . n 
B 1 127 HIS 127 127 127 HIS HIS B . n 
B 1 128 PRO 128 128 128 PRO PRO B . n 
B 1 129 THR 129 129 129 THR THR B . n 
B 1 130 GLN 130 130 130 GLN GLN B . n 
B 1 131 SER 131 131 131 SER SER B . n 
B 1 132 LEU 132 132 132 LEU LEU B . n 
B 1 133 LEU 133 133 133 LEU LEU B . n 
B 1 134 ASP 134 134 134 ASP ASP B . n 
B 1 135 LEU 135 135 135 LEU LEU B . n 
B 1 136 MET 136 136 136 MET MET B . n 
B 1 137 THR 137 137 137 THR THR B . n 
B 1 138 ILE 138 138 138 ILE ILE B . n 
B 1 139 TYR 139 139 139 TYR TYR B . n 
B 1 140 GLU 140 140 140 GLU GLU B . n 
B 1 141 GLU 141 141 141 GLU GLU B . n 
B 1 142 PHE 142 142 142 PHE PHE B . n 
B 1 143 ASN 143 143 143 ASN ASN B . n 
B 1 144 THR 144 144 144 THR THR B . n 
B 1 145 PHE 145 145 145 PHE PHE B . n 
B 1 146 LYS 146 146 146 LYS LYS B . n 
B 1 147 GLY 147 147 147 GLY GLY B . n 
B 1 148 LEU 148 148 148 LEU LEU B . n 
B 1 149 THR 149 149 149 THR THR B . n 
B 1 150 VAL 150 150 150 VAL VAL B . n 
B 1 151 SER 151 151 151 SER SER B . n 
B 1 152 ILE 152 152 152 ILE ILE B . n 
B 1 153 HIS 153 153 153 HIS HIS B . n 
B 1 154 GLY 154 154 154 GLY GLY B . n 
B 1 155 ASP 155 155 155 ASP ASP B . n 
B 1 156 ILE 156 156 156 ILE ILE B . n 
B 1 157 LYS 157 157 157 LYS LYS B . n 
B 1 158 HIS 158 158 158 HIS HIS B . n 
B 1 159 SER 159 159 159 SER SER B . n 
B 1 160 ARG 160 160 160 ARG ARG B . n 
B 1 161 VAL 161 161 161 VAL VAL B . n 
B 1 162 ALA 162 162 162 ALA ALA B . n 
B 1 163 ARG 163 163 163 ARG ARG B . n 
B 1 164 SER 164 164 164 SER SER B . n 
B 1 165 ASN 165 165 165 ASN ASN B . n 
B 1 166 ALA 166 166 166 ALA ALA B . n 
B 1 167 GLU 167 167 167 GLU GLU B . n 
B 1 168 VAL 168 168 168 VAL VAL B . n 
B 1 169 LEU 169 169 169 LEU LEU B . n 
B 1 170 THR 170 170 170 THR THR B . n 
B 1 171 ARG 171 171 171 ARG ARG B . n 
B 1 172 LEU 172 172 172 LEU LEU B . n 
B 1 173 GLY 173 173 173 GLY GLY B . n 
B 1 174 ALA 174 174 174 ALA ALA B . n 
B 1 175 ARG 175 175 175 ARG ARG B . n 
B 1 176 VAL 176 176 176 VAL VAL B . n 
B 1 177 LEU 177 177 177 LEU LEU B . n 
B 1 178 PHE 178 178 178 PHE PHE B . n 
B 1 179 SER 179 179 179 SER SER B . n 
B 1 180 GLY 180 180 180 GLY GLY B . n 
B 1 181 PRO 181 181 181 PRO PRO B . n 
B 1 182 SER 182 182 182 SER SER B . n 
B 1 183 GLU 183 183 183 GLU GLU B . n 
B 1 184 TRP 184 184 184 TRP TRP B . n 
B 1 185 GLN 185 185 185 GLN GLN B . n 
B 1 186 ASP 186 186 186 ASP ASP B . n 
B 1 187 GLU 187 187 187 GLU GLU B . n 
B 1 188 GLU 188 188 188 GLU GLU B . n 
B 1 189 ASN 189 189 189 ASN ASN B . n 
B 1 190 THR 190 190 190 THR THR B . n 
B 1 191 PHE 191 191 191 PHE PHE B . n 
B 1 192 GLY 192 192 192 GLY GLY B . n 
B 1 193 THR 193 193 193 THR THR B . n 
B 1 194 TYR 194 194 194 TYR TYR B . n 
B 1 195 VAL 195 195 195 VAL VAL B . n 
B 1 196 SER 196 196 196 SER SER B . n 
B 1 197 MET 197 197 197 MET MET B . n 
B 1 198 ASP 198 198 198 ASP ASP B . n 
B 1 199 GLU 199 199 199 GLU GLU B . n 
B 1 200 ALA 200 200 200 ALA ALA B . n 
B 1 201 VAL 201 201 201 VAL VAL B . n 
B 1 202 GLU 202 202 202 GLU GLU B . n 
B 1 203 SER 203 203 203 SER SER B . n 
B 1 204 SER 204 204 204 SER SER B . n 
B 1 205 ASP 205 205 205 ASP ASP B . n 
B 1 206 VAL 206 206 206 VAL VAL B . n 
B 1 207 VAL 207 207 207 VAL VAL B . n 
B 1 208 MET 208 208 208 MET MET B . n 
B 1 209 LEU 209 209 209 LEU LEU B . n 
B 1 210 LEU 210 210 210 LEU LEU B . n 
B 1 211 ARG 211 211 211 ARG ARG B . n 
B 1 212 ILE 212 212 212 ILE ILE B . n 
B 1 213 GLN 213 213 213 GLN GLN B . n 
B 1 214 ASN 214 214 214 ASN ASN B . n 
B 1 215 GLU 215 215 215 GLU GLU B . n 
B 1 216 ARG 216 216 216 ARG ARG B . n 
B 1 217 HIS 217 217 217 HIS HIS B . n 
B 1 218 GLN 218 218 218 GLN GLN B . n 
B 1 219 SER 219 219 219 SER SER B . n 
B 1 220 ALA 220 220 220 ALA ALA B . n 
B 1 221 VAL 221 221 221 VAL VAL B . n 
B 1 222 SER 222 222 222 SER SER B . n 
B 1 223 GLN 223 223 223 GLN GLN B . n 
B 1 224 GLU 224 224 224 GLU GLU B . n 
B 1 225 GLY 225 225 225 GLY GLY B . n 
B 1 226 TYR 226 226 226 TYR TYR B . n 
B 1 227 LEU 227 227 227 LEU LEU B . n 
B 1 228 ASN 228 228 228 ASN ASN B . n 
B 1 229 LYS 229 229 229 LYS LYS B . n 
B 1 230 TYR 230 230 230 TYR TYR B . n 
B 1 231 GLY 231 231 231 GLY GLY B . n 
B 1 232 LEU 232 232 232 LEU LEU B . n 
B 1 233 THR 233 233 233 THR THR B . n 
B 1 234 VAL 234 234 234 VAL VAL B . n 
B 1 235 GLU 235 235 235 GLU GLU B . n 
B 1 236 ARG 236 236 236 ARG ARG B . n 
B 1 237 ALA 237 237 237 ALA ALA B . n 
B 1 238 GLU 238 238 238 GLU GLU B . n 
B 1 239 ARG 239 239 239 ARG ARG B . n 
B 1 240 MET 240 240 240 MET MET B . n 
B 1 241 LYS 241 241 241 LYS LYS B . n 
B 1 242 ARG 242 242 242 ARG ARG B . n 
B 1 243 HIS 243 243 243 HIS HIS B . n 
B 1 244 ALA 244 244 244 ALA ALA B . n 
B 1 245 ILE 245 245 245 ILE ILE B . n 
B 1 246 ILE 246 246 246 ILE ILE B . n 
B 1 247 MET 247 247 247 MET MET B . n 
B 1 248 HIS 248 248 248 HIS HIS B . n 
B 1 249 PRO 249 249 249 PRO PRO B . n 
B 1 250 ALA 250 250 250 ALA ALA B . n 
B 1 251 PRO 251 251 251 PRO PRO B . n 
B 1 252 VAL 252 252 252 VAL VAL B . n 
B 1 253 ASN 253 253 253 ASN ASN B . n 
B 1 254 ARG 254 254 254 ARG ARG B . n 
B 1 255 GLY 255 255 255 GLY GLY B . n 
B 1 256 VAL 256 256 256 VAL VAL B . n 
B 1 257 GLU 257 257 257 GLU GLU B . n 
B 1 258 ILE 258 258 258 ILE ILE B . n 
B 1 259 ASP 259 259 259 ASP ASP B . n 
B 1 260 ASP 260 260 260 ASP ASP B . n 
B 1 261 SER 261 261 261 SER SER B . n 
B 1 262 LEU 262 262 262 LEU LEU B . n 
B 1 263 VAL 263 263 263 VAL VAL B . n 
B 1 264 GLU 264 264 264 GLU GLU B . n 
B 1 265 SER 265 265 265 SER SER B . n 
B 1 266 GLU 266 266 266 GLU GLU B . n 
B 1 267 LYS 267 267 267 LYS LYS B . n 
B 1 268 SER 268 268 268 SER SER B . n 
B 1 269 ARG 269 269 269 ARG ARG B . n 
B 1 270 ILE 270 270 270 ILE ILE B . n 
B 1 271 PHE 271 271 271 PHE PHE B . n 
B 1 272 LYS 272 272 272 LYS LYS B . n 
B 1 273 GLN 273 273 273 GLN GLN B . n 
B 1 274 MET 274 274 274 MET MET B . n 
B 1 275 LYS 275 275 275 LYS LYS B . n 
B 1 276 ASN 276 276 276 ASN ASN B . n 
B 1 277 GLY 277 277 277 GLY GLY B . n 
B 1 278 VAL 278 278 278 VAL VAL B . n 
B 1 279 PHE 279 279 279 PHE PHE B . n 
B 1 280 ILE 280 280 280 ILE ILE B . n 
B 1 281 ARG 281 281 281 ARG ARG B . n 
B 1 282 MET 282 282 282 MET MET B . n 
B 1 283 ALA 283 283 283 ALA ALA B . n 
B 1 284 VAL 284 284 284 VAL VAL B . n 
B 1 285 ILE 285 285 285 ILE ILE B . n 
B 1 286 GLN 286 286 286 GLN GLN B . n 
B 1 287 CYS 287 287 287 CYS CYS B . n 
B 1 288 ALA 288 288 288 ALA ALA B . n 
B 1 289 LEU 289 289 289 LEU LEU B . n 
B 1 290 GLN 290 290 290 GLN GLN B . n 
B 1 291 THR 291 291 291 THR THR B . n 
B 1 292 ASN 292 292 292 ASN ASN B . n 
B 1 293 VAL 293 293 293 VAL VAL B . n 
B 1 294 LYS 294 294 294 LYS LYS B . n 
B 1 295 ARG 295 295 295 ARG ARG B . n 
B 1 296 GLY 296 296 ?   ?   ?   B . n 
B 1 297 GLU 297 297 ?   ?   ?   B . n 
B 1 298 ALA 298 298 ?   ?   ?   B . n 
B 1 299 ALA 299 299 ?   ?   ?   B . n 
B 1 300 TYR 300 300 ?   ?   ?   B . n 
C 1 1   MET 1   1   1   MET MET C . n 
C 1 2   LYS 2   2   2   LYS LYS C . n 
C 1 3   HIS 3   3   3   HIS HIS C . n 
C 1 4   LEU 4   4   4   LEU LEU C . n 
C 1 5   THR 5   5   5   THR THR C . n 
C 1 6   THR 6   6   6   THR THR C . n 
C 1 7   MET 7   7   7   MET MET C . n 
C 1 8   SER 8   8   8   SER SER C . n 
C 1 9   GLU 9   9   9   GLU GLU C . n 
C 1 10  LEU 10  10  10  LEU LEU C . n 
C 1 11  SER 11  11  11  SER SER C . n 
C 1 12  THR 12  12  12  THR THR C . n 
C 1 13  GLU 13  13  13  GLU GLU C . n 
C 1 14  GLU 14  14  14  GLU GLU C . n 
C 1 15  ILE 15  15  15  ILE ILE C . n 
C 1 16  LYS 16  16  16  LYS LYS C . n 
C 1 17  ASP 17  17  17  ASP ASP C . n 
C 1 18  LEU 18  18  18  LEU LEU C . n 
C 1 19  LEU 19  19  19  LEU LEU C . n 
C 1 20  GLN 20  20  20  GLN GLN C . n 
C 1 21  THR 21  21  21  THR THR C . n 
C 1 22  ALA 22  22  22  ALA ALA C . n 
C 1 23  GLN 23  23  23  GLN GLN C . n 
C 1 24  GLU 24  24  24  GLU GLU C . n 
C 1 25  LEU 25  25  25  LEU LEU C . n 
C 1 26  LYS 26  26  26  LYS LYS C . n 
C 1 27  SER 27  27  27  SER SER C . n 
C 1 28  GLY 28  28  28  GLY GLY C . n 
C 1 29  LYS 29  29  29  LYS LYS C . n 
C 1 30  THR 30  30  30  THR THR C . n 
C 1 31  ASP 31  31  31  ASP ASP C . n 
C 1 32  ASN 32  32  32  ASN ASN C . n 
C 1 33  GLN 33  33  33  GLN GLN C . n 
C 1 34  LEU 34  34  34  LEU LEU C . n 
C 1 35  THR 35  35  35  THR THR C . n 
C 1 36  GLY 36  36  36  GLY GLY C . n 
C 1 37  LYS 37  37  37  LYS LYS C . n 
C 1 38  PHE 38  38  38  PHE PHE C . n 
C 1 39  ALA 39  39  39  ALA ALA C . n 
C 1 40  ALA 40  40  40  ALA ALA C . n 
C 1 41  ASN 41  41  41  ASN ASN C . n 
C 1 42  LEU 42  42  42  LEU LEU C . n 
C 1 43  PHE 43  43  43  PHE PHE C . n 
C 1 44  PHE 44  44  44  PHE PHE C . n 
C 1 45  GLU 45  45  45  GLU GLU C . n 
C 1 46  PRO 46  46  46  PRO PRO C . n 
C 1 47  SER 47  47  47  SER SER C . n 
C 1 48  THR 48  48  48  THR THR C . n 
C 1 49  ARG 49  49  49  ARG ARG C . n 
C 1 50  THR 50  50  50  THR THR C . n 
C 1 51  ARG 51  51  51  ARG ARG C . n 
C 1 52  PHE 52  52  52  PHE PHE C . n 
C 1 53  SER 53  53  53  SER SER C . n 
C 1 54  PHE 54  54  54  PHE PHE C . n 
C 1 55  GLU 55  55  55  GLU GLU C . n 
C 1 56  VAL 56  56  56  VAL VAL C . n 
C 1 57  ALA 57  57  57  ALA ALA C . n 
C 1 58  GLU 58  58  58  GLU GLU C . n 
C 1 59  LYS 59  59  59  LYS LYS C . n 
C 1 60  LYS 60  60  60  LYS LYS C . n 
C 1 61  LEU 61  61  61  LEU LEU C . n 
C 1 62  GLY 62  62  62  GLY GLY C . n 
C 1 63  MET 63  63  63  MET MET C . n 
C 1 64  ASN 64  64  64  ASN ASN C . n 
C 1 65  VAL 65  65  65  VAL VAL C . n 
C 1 66  LEU 66  66  66  LEU LEU C . n 
C 1 67  ASN 67  67  67  ASN ASN C . n 
C 1 68  LEU 68  68  68  LEU LEU C . n 
C 1 69  ASP 69  69  69  ASP ASP C . n 
C 1 70  GLY 70  70  70  GLY GLY C . n 
C 1 71  THR 71  71  71  THR THR C . n 
C 1 72  SER 72  72  72  SER SER C . n 
C 1 73  THR 73  73  73  THR THR C . n 
C 1 74  SER 74  74  74  SER SER C . n 
C 1 75  VAL 75  75  75  VAL VAL C . n 
C 1 76  GLN 76  76  76  GLN GLN C . n 
C 1 77  LYS 77  77  77  LYS LYS C . n 
C 1 78  GLY 78  78  78  GLY GLY C . n 
C 1 79  GLU 79  79  79  GLU GLU C . n 
C 1 80  THR 80  80  80  THR THR C . n 
C 1 81  LEU 81  81  81  LEU LEU C . n 
C 1 82  TYR 82  82  82  TYR TYR C . n 
C 1 83  ASP 83  83  83  ASP ASP C . n 
C 1 84  THR 84  84  84  THR THR C . n 
C 1 85  ILE 85  85  85  ILE ILE C . n 
C 1 86  ARG 86  86  86  ARG ARG C . n 
C 1 87  THR 87  87  87  THR THR C . n 
C 1 88  LEU 88  88  88  LEU LEU C . n 
C 1 89  GLU 89  89  89  GLU GLU C . n 
C 1 90  SER 90  90  90  SER SER C . n 
C 1 91  ILE 91  91  91  ILE ILE C . n 
C 1 92  GLY 92  92  92  GLY GLY C . n 
C 1 93  VAL 93  93  93  VAL VAL C . n 
C 1 94  ASP 94  94  94  ASP ASP C . n 
C 1 95  VAL 95  95  95  VAL VAL C . n 
C 1 96  CYS 96  96  96  CYS CYS C . n 
C 1 97  VAL 97  97  97  VAL VAL C . n 
C 1 98  ILE 98  98  98  ILE ILE C . n 
C 1 99  ARG 99  99  99  ARG ARG C . n 
C 1 100 HIS 100 100 100 HIS HIS C . n 
C 1 101 SER 101 101 101 SER SER C . n 
C 1 102 GLU 102 102 102 GLU GLU C . n 
C 1 103 ASP 103 103 103 ASP ASP C . n 
C 1 104 GLU 104 104 104 GLU GLU C . n 
C 1 105 TYR 105 105 105 TYR TYR C . n 
C 1 106 TYR 106 106 106 TYR TYR C . n 
C 1 107 GLU 107 107 107 GLU GLU C . n 
C 1 108 GLU 108 108 108 GLU GLU C . n 
C 1 109 LEU 109 109 109 LEU LEU C . n 
C 1 110 VAL 110 110 110 VAL VAL C . n 
C 1 111 SER 111 111 111 SER SER C . n 
C 1 112 GLN 112 112 112 GLN GLN C . n 
C 1 113 VAL 113 113 113 VAL VAL C . n 
C 1 114 ASN 114 114 114 ASN ASN C . n 
C 1 115 ILE 115 115 115 ILE ILE C . n 
C 1 116 PRO 116 116 116 PRO PRO C . n 
C 1 117 ILE 117 117 117 ILE ILE C . n 
C 1 118 LEU 118 118 118 LEU LEU C . n 
C 1 119 ASN 119 119 119 ASN ASN C . n 
C 1 120 ALA 120 120 120 ALA ALA C . n 
C 1 121 GLY 121 121 121 GLY GLY C . n 
C 1 122 ASP 122 122 122 ASP ASP C . n 
C 1 123 GLY 123 123 123 GLY GLY C . n 
C 1 124 CYS 124 124 124 CYS CYS C . n 
C 1 125 GLY 125 125 125 GLY GLY C . n 
C 1 126 GLN 126 126 126 GLN GLN C . n 
C 1 127 HIS 127 127 127 HIS HIS C . n 
C 1 128 PRO 128 128 128 PRO PRO C . n 
C 1 129 THR 129 129 129 THR THR C . n 
C 1 130 GLN 130 130 130 GLN GLN C . n 
C 1 131 SER 131 131 131 SER SER C . n 
C 1 132 LEU 132 132 132 LEU LEU C . n 
C 1 133 LEU 133 133 133 LEU LEU C . n 
C 1 134 ASP 134 134 134 ASP ASP C . n 
C 1 135 LEU 135 135 135 LEU LEU C . n 
C 1 136 MET 136 136 136 MET MET C . n 
C 1 137 THR 137 137 137 THR THR C . n 
C 1 138 ILE 138 138 138 ILE ILE C . n 
C 1 139 TYR 139 139 139 TYR TYR C . n 
C 1 140 GLU 140 140 140 GLU GLU C . n 
C 1 141 GLU 141 141 141 GLU GLU C . n 
C 1 142 PHE 142 142 142 PHE PHE C . n 
C 1 143 ASN 143 143 143 ASN ASN C . n 
C 1 144 THR 144 144 144 THR THR C . n 
C 1 145 PHE 145 145 145 PHE PHE C . n 
C 1 146 LYS 146 146 146 LYS LYS C . n 
C 1 147 GLY 147 147 147 GLY GLY C . n 
C 1 148 LEU 148 148 148 LEU LEU C . n 
C 1 149 THR 149 149 149 THR THR C . n 
C 1 150 VAL 150 150 150 VAL VAL C . n 
C 1 151 SER 151 151 151 SER SER C . n 
C 1 152 ILE 152 152 152 ILE ILE C . n 
C 1 153 HIS 153 153 153 HIS HIS C . n 
C 1 154 GLY 154 154 154 GLY GLY C . n 
C 1 155 ASP 155 155 155 ASP ASP C . n 
C 1 156 ILE 156 156 156 ILE ILE C . n 
C 1 157 LYS 157 157 157 LYS LYS C . n 
C 1 158 HIS 158 158 158 HIS HIS C . n 
C 1 159 SER 159 159 159 SER SER C . n 
C 1 160 ARG 160 160 160 ARG ARG C . n 
C 1 161 VAL 161 161 161 VAL VAL C . n 
C 1 162 ALA 162 162 162 ALA ALA C . n 
C 1 163 ARG 163 163 163 ARG ARG C . n 
C 1 164 SER 164 164 164 SER SER C . n 
C 1 165 ASN 165 165 165 ASN ASN C . n 
C 1 166 ALA 166 166 166 ALA ALA C . n 
C 1 167 GLU 167 167 167 GLU GLU C . n 
C 1 168 VAL 168 168 168 VAL VAL C . n 
C 1 169 LEU 169 169 169 LEU LEU C . n 
C 1 170 THR 170 170 170 THR THR C . n 
C 1 171 ARG 171 171 171 ARG ARG C . n 
C 1 172 LEU 172 172 172 LEU LEU C . n 
C 1 173 GLY 173 173 173 GLY GLY C . n 
C 1 174 ALA 174 174 174 ALA ALA C . n 
C 1 175 ARG 175 175 175 ARG ARG C . n 
C 1 176 VAL 176 176 176 VAL VAL C . n 
C 1 177 LEU 177 177 177 LEU LEU C . n 
C 1 178 PHE 178 178 178 PHE PHE C . n 
C 1 179 SER 179 179 179 SER SER C . n 
C 1 180 GLY 180 180 180 GLY GLY C . n 
C 1 181 PRO 181 181 181 PRO PRO C . n 
C 1 182 SER 182 182 182 SER SER C . n 
C 1 183 GLU 183 183 183 GLU GLU C . n 
C 1 184 TRP 184 184 184 TRP TRP C . n 
C 1 185 GLN 185 185 185 GLN GLN C . n 
C 1 186 ASP 186 186 186 ASP ASP C . n 
C 1 187 GLU 187 187 187 GLU GLU C . n 
C 1 188 GLU 188 188 188 GLU GLU C . n 
C 1 189 ASN 189 189 189 ASN ASN C . n 
C 1 190 THR 190 190 190 THR THR C . n 
C 1 191 PHE 191 191 191 PHE PHE C . n 
C 1 192 GLY 192 192 192 GLY GLY C . n 
C 1 193 THR 193 193 193 THR THR C . n 
C 1 194 TYR 194 194 194 TYR TYR C . n 
C 1 195 VAL 195 195 195 VAL VAL C . n 
C 1 196 SER 196 196 196 SER SER C . n 
C 1 197 MET 197 197 197 MET MET C . n 
C 1 198 ASP 198 198 198 ASP ASP C . n 
C 1 199 GLU 199 199 199 GLU GLU C . n 
C 1 200 ALA 200 200 200 ALA ALA C . n 
C 1 201 VAL 201 201 201 VAL VAL C . n 
C 1 202 GLU 202 202 202 GLU GLU C . n 
C 1 203 SER 203 203 203 SER SER C . n 
C 1 204 SER 204 204 204 SER SER C . n 
C 1 205 ASP 205 205 205 ASP ASP C . n 
C 1 206 VAL 206 206 206 VAL VAL C . n 
C 1 207 VAL 207 207 207 VAL VAL C . n 
C 1 208 MET 208 208 208 MET MET C . n 
C 1 209 LEU 209 209 209 LEU LEU C . n 
C 1 210 LEU 210 210 210 LEU LEU C . n 
C 1 211 ARG 211 211 211 ARG ARG C . n 
C 1 212 ILE 212 212 212 ILE ILE C . n 
C 1 213 GLN 213 213 213 GLN GLN C . n 
C 1 214 ASN 214 214 214 ASN ASN C . n 
C 1 215 GLU 215 215 215 GLU GLU C . n 
C 1 216 ARG 216 216 216 ARG ARG C . n 
C 1 217 HIS 217 217 217 HIS HIS C . n 
C 1 218 GLN 218 218 218 GLN GLN C . n 
C 1 219 SER 219 219 219 SER SER C . n 
C 1 220 ALA 220 220 220 ALA ALA C . n 
C 1 221 VAL 221 221 221 VAL VAL C . n 
C 1 222 SER 222 222 222 SER SER C . n 
C 1 223 GLN 223 223 223 GLN GLN C . n 
C 1 224 GLU 224 224 224 GLU GLU C . n 
C 1 225 GLY 225 225 225 GLY GLY C . n 
C 1 226 TYR 226 226 226 TYR TYR C . n 
C 1 227 LEU 227 227 227 LEU LEU C . n 
C 1 228 ASN 228 228 228 ASN ASN C . n 
C 1 229 LYS 229 229 229 LYS LYS C . n 
C 1 230 TYR 230 230 230 TYR TYR C . n 
C 1 231 GLY 231 231 231 GLY GLY C . n 
C 1 232 LEU 232 232 232 LEU LEU C . n 
C 1 233 THR 233 233 233 THR THR C . n 
C 1 234 VAL 234 234 234 VAL VAL C . n 
C 1 235 GLU 235 235 235 GLU GLU C . n 
C 1 236 ARG 236 236 236 ARG ARG C . n 
C 1 237 ALA 237 237 237 ALA ALA C . n 
C 1 238 GLU 238 238 238 GLU GLU C . n 
C 1 239 ARG 239 239 239 ARG ARG C . n 
C 1 240 MET 240 240 240 MET MET C . n 
C 1 241 LYS 241 241 241 LYS LYS C . n 
C 1 242 ARG 242 242 242 ARG ARG C . n 
C 1 243 HIS 243 243 243 HIS HIS C . n 
C 1 244 ALA 244 244 244 ALA ALA C . n 
C 1 245 ILE 245 245 245 ILE ILE C . n 
C 1 246 ILE 246 246 246 ILE ILE C . n 
C 1 247 MET 247 247 247 MET MET C . n 
C 1 248 HIS 248 248 248 HIS HIS C . n 
C 1 249 PRO 249 249 249 PRO PRO C . n 
C 1 250 ALA 250 250 250 ALA ALA C . n 
C 1 251 PRO 251 251 251 PRO PRO C . n 
C 1 252 VAL 252 252 252 VAL VAL C . n 
C 1 253 ASN 253 253 253 ASN ASN C . n 
C 1 254 ARG 254 254 254 ARG ARG C . n 
C 1 255 GLY 255 255 255 GLY GLY C . n 
C 1 256 VAL 256 256 256 VAL VAL C . n 
C 1 257 GLU 257 257 257 GLU GLU C . n 
C 1 258 ILE 258 258 258 ILE ILE C . n 
C 1 259 ASP 259 259 259 ASP ASP C . n 
C 1 260 ASP 260 260 260 ASP ASP C . n 
C 1 261 SER 261 261 261 SER SER C . n 
C 1 262 LEU 262 262 262 LEU LEU C . n 
C 1 263 VAL 263 263 263 VAL VAL C . n 
C 1 264 GLU 264 264 264 GLU GLU C . n 
C 1 265 SER 265 265 265 SER SER C . n 
C 1 266 GLU 266 266 266 GLU GLU C . n 
C 1 267 LYS 267 267 267 LYS LYS C . n 
C 1 268 SER 268 268 268 SER SER C . n 
C 1 269 ARG 269 269 269 ARG ARG C . n 
C 1 270 ILE 270 270 270 ILE ILE C . n 
C 1 271 PHE 271 271 271 PHE PHE C . n 
C 1 272 LYS 272 272 272 LYS LYS C . n 
C 1 273 GLN 273 273 273 GLN GLN C . n 
C 1 274 MET 274 274 274 MET MET C . n 
C 1 275 LYS 275 275 275 LYS LYS C . n 
C 1 276 ASN 276 276 276 ASN ASN C . n 
C 1 277 GLY 277 277 277 GLY GLY C . n 
C 1 278 VAL 278 278 278 VAL VAL C . n 
C 1 279 PHE 279 279 279 PHE PHE C . n 
C 1 280 ILE 280 280 280 ILE ILE C . n 
C 1 281 ARG 281 281 281 ARG ARG C . n 
C 1 282 MET 282 282 282 MET MET C . n 
C 1 283 ALA 283 283 283 ALA ALA C . n 
C 1 284 VAL 284 284 284 VAL VAL C . n 
C 1 285 ILE 285 285 285 ILE ILE C . n 
C 1 286 GLN 286 286 286 GLN GLN C . n 
C 1 287 CYS 287 287 287 CYS CYS C . n 
C 1 288 ALA 288 288 288 ALA ALA C . n 
C 1 289 LEU 289 289 289 LEU LEU C . n 
C 1 290 GLN 290 290 290 GLN GLN C . n 
C 1 291 THR 291 291 291 THR THR C . n 
C 1 292 ASN 292 292 292 ASN ASN C . n 
C 1 293 VAL 293 293 293 VAL VAL C . n 
C 1 294 LYS 294 294 294 LYS LYS C . n 
C 1 295 ARG 295 295 295 ARG ARG C . n 
C 1 296 GLY 296 296 ?   ?   ?   C . n 
C 1 297 GLU 297 297 ?   ?   ?   C . n 
C 1 298 ALA 298 298 ?   ?   ?   C . n 
C 1 299 ALA 299 299 ?   ?   ?   C . n 
C 1 300 TYR 300 300 ?   ?   ?   C . n 
# 
loop_
_software.name 
_software.classification 
_software.version 
_software.citation_id 
_software.pdbx_ordinal 
X-PLOR 'model building' . ? 1 
X-PLOR refinement       . ? 2 
X-PLOR phasing          . ? 3 
# 
_cell.entry_id           2AT2 
_cell.length_a           258.500 
_cell.length_b           153.200 
_cell.length_c           51.900 
_cell.angle_alpha        90.00 
_cell.angle_beta         97.70 
_cell.angle_gamma        90.00 
_cell.Z_PDB              12 
_cell.pdbx_unique_axis   ? 
# 
_symmetry.entry_id                         2AT2 
_symmetry.space_group_name_H-M             'C 1 2 1' 
_symmetry.pdbx_full_space_group_name_H-M   ? 
_symmetry.cell_setting                     ? 
_symmetry.Int_Tables_number                5 
# 
_exptl.entry_id          2AT2 
_exptl.method            'X-RAY DIFFRACTION' 
_exptl.crystals_number   ? 
# 
_exptl_crystal.id                    1 
_exptl_crystal.density_meas          ? 
_exptl_crystal.density_Matthews      5.03 
_exptl_crystal.density_percent_sol   75.52 
_exptl_crystal.description           ? 
# 
_diffrn.id                     1 
_diffrn.crystal_id             1 
_diffrn.ambient_temp           ? 
_diffrn.ambient_temp_details   ? 
# 
_refine.entry_id                                 2AT2 
_refine.ls_number_reflns_obs                     ? 
_refine.ls_number_reflns_all                     ? 
_refine.pdbx_ls_sigma_I                          ? 
_refine.pdbx_ls_sigma_F                          ? 
_refine.pdbx_data_cutoff_high_absF               ? 
_refine.pdbx_data_cutoff_low_absF                ? 
_refine.pdbx_data_cutoff_high_rms_absF           ? 
_refine.ls_d_res_low                             ? 
_refine.ls_d_res_high                            3.0 
_refine.ls_percent_reflns_obs                    ? 
_refine.ls_R_factor_obs                          0.1900000 
_refine.ls_R_factor_all                          ? 
_refine.ls_R_factor_R_work                       0.1900000 
_refine.ls_R_factor_R_free                       ? 
_refine.ls_R_factor_R_free_error                 ? 
_refine.ls_R_factor_R_free_error_details         ? 
_refine.ls_percent_reflns_R_free                 ? 
_refine.ls_number_reflns_R_free                  ? 
_refine.ls_number_parameters                     ? 
_refine.ls_number_restraints                     ? 
_refine.occupancy_min                            ? 
_refine.occupancy_max                            ? 
_refine.B_iso_mean                               ? 
_refine.aniso_B[1][1]                            ? 
_refine.aniso_B[2][2]                            ? 
_refine.aniso_B[3][3]                            ? 
_refine.aniso_B[1][2]                            ? 
_refine.aniso_B[1][3]                            ? 
_refine.aniso_B[2][3]                            ? 
_refine.solvent_model_details                    ? 
_refine.solvent_model_param_ksol                 ? 
_refine.solvent_model_param_bsol                 ? 
_refine.pdbx_ls_cross_valid_method               ? 
_refine.details                                  
;BECAUSE OF THE LOW RESOLUTION OF THE STUDY, ONLY CA ATOMS
ARE LISTED.  RESIDUES 69 - 84, 179 - 191, AND 212 - 229 ARE
LOOP REGIONS IN POOR ELECTRON DENSITY AS DISCUSSED IN THE
ARTICLE LISTED ABOVE.  THE GEOMETRY OF THESE RESIDUES WERE
FIT TO THE SCARCE ELECTRON DENSITY AND ARE NOT NECESSARILY
IN OPTIMUM ORIENTATIONS.  RESIDUES 296 - 304 ARE NOT LISTED
BECAUSE OF A LACK OF ELECTRON DENSITY.
;
_refine.pdbx_starting_model                      ? 
_refine.pdbx_method_to_determine_struct          ? 
_refine.pdbx_isotropic_thermal_model             ? 
_refine.pdbx_stereochemistry_target_values       ? 
_refine.pdbx_stereochem_target_val_spec_case     ? 
_refine.pdbx_R_Free_selection_details            ? 
_refine.pdbx_overall_ESU_R                       ? 
_refine.pdbx_overall_ESU_R_Free                  ? 
_refine.overall_SU_ML                            ? 
_refine.overall_SU_B                             ? 
_refine.pdbx_refine_id                           'X-RAY DIFFRACTION' 
_refine.pdbx_diffrn_id                           1 
_refine.pdbx_TLS_residual_ADP_flag               ? 
_refine.correlation_coeff_Fo_to_Fc               ? 
_refine.correlation_coeff_Fo_to_Fc_free          ? 
_refine.pdbx_solvent_vdw_probe_radii             ? 
_refine.pdbx_solvent_ion_probe_radii             ? 
_refine.pdbx_solvent_shrinkage_radii             ? 
_refine.pdbx_overall_phase_error                 ? 
_refine.overall_SU_R_Cruickshank_DPI             ? 
_refine.pdbx_overall_SU_R_free_Cruickshank_DPI   ? 
_refine.pdbx_overall_SU_R_Blow_DPI               ? 
_refine.pdbx_overall_SU_R_free_Blow_DPI          ? 
# 
_refine_hist.pdbx_refine_id                   'X-RAY DIFFRACTION' 
_refine_hist.cycle_id                         LAST 
_refine_hist.pdbx_number_atoms_protein        885 
_refine_hist.pdbx_number_atoms_nucleic_acid   0 
_refine_hist.pdbx_number_atoms_ligand         0 
_refine_hist.number_atoms_solvent             0 
_refine_hist.number_atoms_total               885 
_refine_hist.d_res_high                       3.0 
_refine_hist.d_res_low                        . 
# 
loop_
_refine_ls_restr.type 
_refine_ls_restr.dev_ideal 
_refine_ls_restr.dev_ideal_target 
_refine_ls_restr.weight 
_refine_ls_restr.number 
_refine_ls_restr.pdbx_refine_id 
_refine_ls_restr.pdbx_restraint_function 
x_bond_d                0.028 ? ? ? 'X-RAY DIFFRACTION' ? 
x_bond_d_na             ?     ? ? ? 'X-RAY DIFFRACTION' ? 
x_bond_d_prot           ?     ? ? ? 'X-RAY DIFFRACTION' ? 
x_angle_d               ?     ? ? ? 'X-RAY DIFFRACTION' ? 
x_angle_d_na            ?     ? ? ? 'X-RAY DIFFRACTION' ? 
x_angle_d_prot          ?     ? ? ? 'X-RAY DIFFRACTION' ? 
x_angle_deg             4.6   ? ? ? 'X-RAY DIFFRACTION' ? 
x_angle_deg_na          ?     ? ? ? 'X-RAY DIFFRACTION' ? 
x_angle_deg_prot        ?     ? ? ? 'X-RAY DIFFRACTION' ? 
x_dihedral_angle_d      ?     ? ? ? 'X-RAY DIFFRACTION' ? 
x_dihedral_angle_d_na   ?     ? ? ? 'X-RAY DIFFRACTION' ? 
x_dihedral_angle_d_prot ?     ? ? ? 'X-RAY DIFFRACTION' ? 
x_improper_angle_d      ?     ? ? ? 'X-RAY DIFFRACTION' ? 
x_improper_angle_d_na   ?     ? ? ? 'X-RAY DIFFRACTION' ? 
x_improper_angle_d_prot ?     ? ? ? 'X-RAY DIFFRACTION' ? 
x_mcbond_it             ?     ? ? ? 'X-RAY DIFFRACTION' ? 
x_mcangle_it            ?     ? ? ? 'X-RAY DIFFRACTION' ? 
x_scbond_it             ?     ? ? ? 'X-RAY DIFFRACTION' ? 
x_scangle_it            ?     ? ? ? 'X-RAY DIFFRACTION' ? 
# 
loop_
_struct_ncs_oper.id 
_struct_ncs_oper.code 
_struct_ncs_oper.details 
_struct_ncs_oper.matrix[1][1] 
_struct_ncs_oper.matrix[1][2] 
_struct_ncs_oper.matrix[1][3] 
_struct_ncs_oper.matrix[2][1] 
_struct_ncs_oper.matrix[2][2] 
_struct_ncs_oper.matrix[2][3] 
_struct_ncs_oper.matrix[3][1] 
_struct_ncs_oper.matrix[3][2] 
_struct_ncs_oper.matrix[3][3] 
_struct_ncs_oper.vector[1] 
_struct_ncs_oper.vector[2] 
_struct_ncs_oper.vector[3] 
1 given ? 0.80581443 -0.18119182 0.55258508 0.41502436  -0.48867081 -0.76738194 0.40755327 0.85341551  -0.32254362 0.35692 0.13075 0.16925 
2 given ? 0.80334933 0.42853770  0.41343262 -0.18293334 -0.48318356 0.85624657  0.56665975 -0.76350348 -0.30976577 0.22092 0.02085 0.11882 
# 
_struct.entry_id                  2AT2 
_struct.title                     
'MOLECULAR STRUCTURE OF BACILLUS SUBTILIS ASPARTATE TRANSCARBAMOYLASE AT 3.0 ANGSTROMS RESOLUTION' 
_struct.pdbx_model_details        ? 
_struct.pdbx_CASP_flag            ? 
_struct.pdbx_model_type_details   ? 
# 
_struct_keywords.entry_id        2AT2 
_struct_keywords.pdbx_keywords   TRANSFERASE 
_struct_keywords.text            TRANSFERASE 
# 
loop_
_struct_asym.id 
_struct_asym.pdbx_blank_PDB_chainid_flag 
_struct_asym.pdbx_modified 
_struct_asym.entity_id 
_struct_asym.details 
A N N 1 ? 
B N N 1 ? 
C N N 1 ? 
# 
_struct_ref.id                         1 
_struct_ref.db_name                    UNP 
_struct_ref.db_code                    PYRB_BACSU 
_struct_ref.entity_id                  1 
_struct_ref.pdbx_db_accession          P05654 
_struct_ref.pdbx_align_begin           1 
_struct_ref.pdbx_seq_one_letter_code   
;MKHLTTMSELSTEEIKDLLQTAQELKSGKTDNQLTGKFAANLFFEPSTRTRFSFEVAEKKLGMNVLNLDGTSTSVQKGET
LYDTIRTLESIGVDVCVIRHSEDEYYEELVSQVNIPILNAGDGCGQHPTQSLLDLMTIYEEFNTFKGLTVSIHGDIKHSR
VARSNAEVLTRLGARVLFSGPSEWQDEENTFGTYVSMDEAVESSDVVMLLRIQNERHQSAVSQEGYLNKYGLTVERAERM
KRHAIIMHPAPVNRGVEIDDSLVESEKSRIFKQMKNGVFIRMAVIQCALQTNVKRGEAAYVISH
;
_struct_ref.pdbx_db_isoform            ? 
# 
loop_
_struct_ref_seq.align_id 
_struct_ref_seq.ref_id 
_struct_ref_seq.pdbx_PDB_id_code 
_struct_ref_seq.pdbx_strand_id 
_struct_ref_seq.seq_align_beg 
_struct_ref_seq.pdbx_seq_align_beg_ins_code 
_struct_ref_seq.seq_align_end 
_struct_ref_seq.pdbx_seq_align_end_ins_code 
_struct_ref_seq.pdbx_db_accession 
_struct_ref_seq.db_align_beg 
_struct_ref_seq.pdbx_db_align_beg_ins_code 
_struct_ref_seq.db_align_end 
_struct_ref_seq.pdbx_db_align_end_ins_code 
_struct_ref_seq.pdbx_auth_seq_align_beg 
_struct_ref_seq.pdbx_auth_seq_align_end 
1 1 2AT2 A 1 ? 300 ? P05654 1 ? 300 ? 1 300 
2 1 2AT2 B 1 ? 300 ? P05654 1 ? 300 ? 1 300 
3 1 2AT2 C 1 ? 300 ? P05654 1 ? 300 ? 1 300 
# 
_pdbx_struct_assembly.id                   1 
_pdbx_struct_assembly.details              author_defined_assembly 
_pdbx_struct_assembly.method_details       ? 
_pdbx_struct_assembly.oligomeric_details   trimeric 
_pdbx_struct_assembly.oligomeric_count     3 
# 
_pdbx_struct_assembly_gen.assembly_id       1 
_pdbx_struct_assembly_gen.oper_expression   1 
_pdbx_struct_assembly_gen.asym_id_list      A,B,C 
# 
_pdbx_struct_oper_list.id                   1 
_pdbx_struct_oper_list.type                 'identity operation' 
_pdbx_struct_oper_list.name                 1_555 
_pdbx_struct_oper_list.symmetry_operation   x,y,z 
_pdbx_struct_oper_list.matrix[1][1]         1.0000000000 
_pdbx_struct_oper_list.matrix[1][2]         0.0000000000 
_pdbx_struct_oper_list.matrix[1][3]         0.0000000000 
_pdbx_struct_oper_list.vector[1]            0.0000000000 
_pdbx_struct_oper_list.matrix[2][1]         0.0000000000 
_pdbx_struct_oper_list.matrix[2][2]         1.0000000000 
_pdbx_struct_oper_list.matrix[2][3]         0.0000000000 
_pdbx_struct_oper_list.vector[2]            0.0000000000 
_pdbx_struct_oper_list.matrix[3][1]         0.0000000000 
_pdbx_struct_oper_list.matrix[3][2]         0.0000000000 
_pdbx_struct_oper_list.matrix[3][3]         1.0000000000 
_pdbx_struct_oper_list.vector[3]            0.0000000000 
# 
_struct_biol.id                    1 
_struct_biol.details               
;THE TRANSFORMATION PRESENTED ON *MTRIX 1* RECORDS BELOW
WILL YIELD APPROXIMATE COORDINATES FOR CHAIN *B* WHEN
APPLIED TO CHAIN *A*.  THE TRANSFORMATION PRESENTED ON
*MTRIX 2* RECORDS BELOW WILL YIELD APPROXIMATE COORDINATES
FOR CHAIN *C* WHEN APPLIED TO CHAIN *A*.
;
_struct_biol.pdbx_parent_biol_id   ? 
# 
loop_
_struct_conf.conf_type_id 
_struct_conf.id 
_struct_conf.pdbx_PDB_helix_id 
_struct_conf.beg_label_comp_id 
_struct_conf.beg_label_asym_id 
_struct_conf.beg_label_seq_id 
_struct_conf.pdbx_beg_PDB_ins_code 
_struct_conf.end_label_comp_id 
_struct_conf.end_label_asym_id 
_struct_conf.end_label_seq_id 
_struct_conf.pdbx_end_PDB_ins_code 
_struct_conf.beg_auth_comp_id 
_struct_conf.beg_auth_asym_id 
_struct_conf.beg_auth_seq_id 
_struct_conf.end_auth_comp_id 
_struct_conf.end_auth_asym_id 
_struct_conf.end_auth_seq_id 
_struct_conf.pdbx_PDB_helix_class 
_struct_conf.details 
_struct_conf.pdbx_PDB_helix_length 
HELX_P HELX_P1  H1A SER A 11  ? SER A 27  ? SER A 11  SER A 27  1 ? 17 
HELX_P HELX_P2  H2A THR A 48  ? LYS A 59  ? THR A 48  LYS A 59  1 ? 12 
HELX_P HELX_P3  H3A ASP A 83  ? ILE A 91  ? ASP A 83  ILE A 91  1 ? 9  
HELX_P HELX_P4  H4A SER A 159 ? LEU A 172 ? SER A 159 LEU A 172 1 ? 14 
HELX_P HELX_P5  H5A GLU A 224 ? LYS A 229 ? GLU A 224 LYS A 229 1 ? 6  
HELX_P HELX_P6  H6A SER A 261 ? SER A 265 ? SER A 261 SER A 265 1 ? 5  
HELX_P HELX_P7  H7A ARG A 269 ? GLN A 290 ? ARG A 269 GLN A 290 1 ? 22 
HELX_P HELX_P8  H1B SER B 11  ? SER B 27  ? SER B 11  SER B 27  1 ? 17 
HELX_P HELX_P9  H2B THR B 48  ? LYS B 59  ? THR B 48  LYS B 59  1 ? 12 
HELX_P HELX_P10 H3B ASP B 83  ? ILE B 91  ? ASP B 83  ILE B 91  1 ? 9  
HELX_P HELX_P11 H4B SER B 159 ? LEU B 172 ? SER B 159 LEU B 172 1 ? 14 
HELX_P HELX_P12 H5B GLU B 224 ? LYS B 229 ? GLU B 224 LYS B 229 1 ? 6  
HELX_P HELX_P13 H6B SER B 261 ? SER B 265 ? SER B 261 SER B 265 1 ? 5  
HELX_P HELX_P14 H7B ARG B 269 ? GLN B 290 ? ARG B 269 GLN B 290 1 ? 22 
HELX_P HELX_P15 H1C SER C 11  ? SER C 27  ? SER C 11  SER C 27  1 ? 17 
HELX_P HELX_P16 H2C THR C 48  ? LYS C 59  ? THR C 48  LYS C 59  1 ? 12 
HELX_P HELX_P17 H3C ASP C 83  ? ILE C 91  ? ASP C 83  ILE C 91  1 ? 9  
HELX_P HELX_P18 H4C SER C 159 ? LEU C 172 ? SER C 159 LEU C 172 1 ? 14 
HELX_P HELX_P19 H5C GLU C 224 ? LYS C 229 ? GLU C 224 LYS C 229 1 ? 6  
HELX_P HELX_P20 H6C SER C 261 ? SER C 265 ? SER C 261 SER C 265 1 ? 5  
HELX_P HELX_P21 H7C ARG C 269 ? GLN C 290 ? ARG C 269 GLN C 290 1 ? 22 
# 
_struct_conf_type.id          HELX_P 
_struct_conf_type.criteria    ? 
_struct_conf_type.reference   ? 
# 
loop_
_struct_sheet.id 
_struct_sheet.type 
_struct_sheet.number_strands 
_struct_sheet.details 
S1A ? 5 ? 
S1B ? 5 ? 
S1C ? 5 ? 
S2A ? 5 ? 
S2B ? 5 ? 
S2C ? 5 ? 
# 
loop_
_struct_sheet_order.sheet_id 
_struct_sheet_order.range_id_1 
_struct_sheet_order.range_id_2 
_struct_sheet_order.offset 
_struct_sheet_order.sense 
S1A 1 2 ? parallel 
S1A 2 3 ? parallel 
S1A 3 4 ? parallel 
S1A 4 5 ? parallel 
S1B 1 2 ? parallel 
S1B 2 3 ? parallel 
S1B 3 4 ? parallel 
S1B 4 5 ? parallel 
S1C 1 2 ? parallel 
S1C 2 3 ? parallel 
S1C 3 4 ? parallel 
S1C 4 5 ? parallel 
S2A 1 2 ? parallel 
S2A 2 3 ? parallel 
S2A 3 4 ? parallel 
S2A 4 5 ? parallel 
S2B 1 2 ? parallel 
S2B 2 3 ? parallel 
S2B 3 4 ? parallel 
S2B 4 5 ? parallel 
S2C 1 2 ? parallel 
S2C 2 3 ? parallel 
S2C 3 4 ? parallel 
S2C 4 5 ? parallel 
# 
loop_
_struct_sheet_range.sheet_id 
_struct_sheet_range.id 
_struct_sheet_range.beg_label_comp_id 
_struct_sheet_range.beg_label_asym_id 
_struct_sheet_range.beg_label_seq_id 
_struct_sheet_range.pdbx_beg_PDB_ins_code 
_struct_sheet_range.end_label_comp_id 
_struct_sheet_range.end_label_asym_id 
_struct_sheet_range.end_label_seq_id 
_struct_sheet_range.pdbx_end_PDB_ins_code 
_struct_sheet_range.beg_auth_comp_id 
_struct_sheet_range.beg_auth_asym_id 
_struct_sheet_range.beg_auth_seq_id 
_struct_sheet_range.end_auth_comp_id 
_struct_sheet_range.end_auth_asym_id 
_struct_sheet_range.end_auth_seq_id 
S1A 1 LYS A 2   ? THR A 6   ? LYS A 2   THR A 6   
S1A 2 ILE A 115 ? ALA A 120 ? ILE A 115 ALA A 120 
S1A 3 VAL A 93  ? HIS A 100 ? VAL A 93  HIS A 100 
S1A 4 GLY A 36  ? LEU A 42  ? GLY A 36  LEU A 42  
S1A 5 GLY A 62  ? ASP A 69  ? GLY A 62  ASP A 69  
S1B 1 LYS B 2   ? THR B 6   ? LYS B 2   THR B 6   
S1B 2 ILE B 115 ? ALA B 120 ? ILE B 115 ALA B 120 
S1B 3 VAL B 93  ? HIS B 100 ? VAL B 93  HIS B 100 
S1B 4 GLY B 36  ? LEU B 42  ? GLY B 36  LEU B 42  
S1B 5 GLY B 62  ? ASP B 69  ? GLY B 62  ASP B 69  
S1C 1 LYS C 2   ? THR C 6   ? LYS C 2   THR C 6   
S1C 2 ILE C 115 ? ALA C 120 ? ILE C 115 ALA C 120 
S1C 3 VAL C 93  ? HIS C 100 ? VAL C 93  HIS C 100 
S1C 4 GLY C 36  ? LEU C 42  ? GLY C 36  LEU C 42  
S1C 5 GLY C 62  ? ASP C 69  ? GLY C 62  ASP C 69  
S2A 1 PHE A 191 ? SER A 196 ? PHE A 191 SER A 196 
S2A 2 ALA A 174 ? GLY A 180 ? ALA A 174 GLY A 180 
S2A 3 THR A 149 ? GLY A 154 ? THR A 149 GLY A 154 
S2A 4 ASP A 205 ? ILE A 212 ? ASP A 205 ILE A 212 
S2A 5 ALA A 244 ? HIS A 248 ? ALA A 244 HIS A 248 
S2B 1 PHE B 191 ? SER B 196 ? PHE B 191 SER B 196 
S2B 2 ALA B 174 ? GLY B 180 ? ALA B 174 GLY B 180 
S2B 3 THR B 149 ? GLY B 154 ? THR B 149 GLY B 154 
S2B 4 ASP B 205 ? ILE B 212 ? ASP B 205 ILE B 212 
S2B 5 ALA B 244 ? HIS B 248 ? ALA B 244 HIS B 248 
S2C 1 PHE C 191 ? SER C 196 ? PHE C 191 SER C 196 
S2C 2 ALA C 174 ? GLY C 180 ? ALA C 174 GLY C 180 
S2C 3 THR C 149 ? GLY C 154 ? THR C 149 GLY C 154 
S2C 4 ASP C 205 ? ILE C 212 ? ASP C 205 ILE C 212 
S2C 5 ALA C 244 ? HIS C 248 ? ALA C 244 HIS C 248 
# 
loop_
_pdbx_unobs_or_zero_occ_residues.id 
_pdbx_unobs_or_zero_occ_residues.PDB_model_num 
_pdbx_unobs_or_zero_occ_residues.polymer_flag 
_pdbx_unobs_or_zero_occ_residues.occupancy_flag 
_pdbx_unobs_or_zero_occ_residues.auth_asym_id 
_pdbx_unobs_or_zero_occ_residues.auth_comp_id 
_pdbx_unobs_or_zero_occ_residues.auth_seq_id 
_pdbx_unobs_or_zero_occ_residues.PDB_ins_code 
_pdbx_unobs_or_zero_occ_residues.label_asym_id 
_pdbx_unobs_or_zero_occ_residues.label_comp_id 
_pdbx_unobs_or_zero_occ_residues.label_seq_id 
1  1 Y 1 A GLY 296 ? A GLY 296 
2  1 Y 1 A GLU 297 ? A GLU 297 
3  1 Y 1 A ALA 298 ? A ALA 298 
4  1 Y 1 A ALA 299 ? A ALA 299 
5  1 Y 1 A TYR 300 ? A TYR 300 
6  1 Y 1 B GLY 296 ? B GLY 296 
7  1 Y 1 B GLU 297 ? B GLU 297 
8  1 Y 1 B ALA 298 ? B ALA 298 
9  1 Y 1 B ALA 299 ? B ALA 299 
10 1 Y 1 B TYR 300 ? B TYR 300 
11 1 Y 1 C GLY 296 ? C GLY 296 
12 1 Y 1 C GLU 297 ? C GLU 297 
13 1 Y 1 C ALA 298 ? C ALA 298 
14 1 Y 1 C ALA 299 ? C ALA 299 
15 1 Y 1 C TYR 300 ? C TYR 300 
# 
loop_
_chem_comp_atom.comp_id 
_chem_comp_atom.atom_id 
_chem_comp_atom.type_symbol 
_chem_comp_atom.pdbx_aromatic_flag 
_chem_comp_atom.pdbx_stereo_config 
_chem_comp_atom.pdbx_ordinal 
ALA N    N N N 1   
ALA CA   C N S 2   
ALA C    C N N 3   
ALA O    O N N 4   
ALA CB   C N N 5   
ALA OXT  O N N 6   
ALA H    H N N 7   
ALA H2   H N N 8   
ALA HA   H N N 9   
ALA HB1  H N N 10  
ALA HB2  H N N 11  
ALA HB3  H N N 12  
ALA HXT  H N N 13  
ARG N    N N N 14  
ARG CA   C N S 15  
ARG C    C N N 16  
ARG O    O N N 17  
ARG CB   C N N 18  
ARG CG   C N N 19  
ARG CD   C N N 20  
ARG NE   N N N 21  
ARG CZ   C N N 22  
ARG NH1  N N N 23  
ARG NH2  N N N 24  
ARG OXT  O N N 25  
ARG H    H N N 26  
ARG H2   H N N 27  
ARG HA   H N N 28  
ARG HB2  H N N 29  
ARG HB3  H N N 30  
ARG HG2  H N N 31  
ARG HG3  H N N 32  
ARG HD2  H N N 33  
ARG HD3  H N N 34  
ARG HE   H N N 35  
ARG HH11 H N N 36  
ARG HH12 H N N 37  
ARG HH21 H N N 38  
ARG HH22 H N N 39  
ARG HXT  H N N 40  
ASN N    N N N 41  
ASN CA   C N S 42  
ASN C    C N N 43  
ASN O    O N N 44  
ASN CB   C N N 45  
ASN CG   C N N 46  
ASN OD1  O N N 47  
ASN ND2  N N N 48  
ASN OXT  O N N 49  
ASN H    H N N 50  
ASN H2   H N N 51  
ASN HA   H N N 52  
ASN HB2  H N N 53  
ASN HB3  H N N 54  
ASN HD21 H N N 55  
ASN HD22 H N N 56  
ASN HXT  H N N 57  
ASP N    N N N 58  
ASP CA   C N S 59  
ASP C    C N N 60  
ASP O    O N N 61  
ASP CB   C N N 62  
ASP CG   C N N 63  
ASP OD1  O N N 64  
ASP OD2  O N N 65  
ASP OXT  O N N 66  
ASP H    H N N 67  
ASP H2   H N N 68  
ASP HA   H N N 69  
ASP HB2  H N N 70  
ASP HB3  H N N 71  
ASP HD2  H N N 72  
ASP HXT  H N N 73  
CYS N    N N N 74  
CYS CA   C N R 75  
CYS C    C N N 76  
CYS O    O N N 77  
CYS CB   C N N 78  
CYS SG   S N N 79  
CYS OXT  O N N 80  
CYS H    H N N 81  
CYS H2   H N N 82  
CYS HA   H N N 83  
CYS HB2  H N N 84  
CYS HB3  H N N 85  
CYS HG   H N N 86  
CYS HXT  H N N 87  
GLN N    N N N 88  
GLN CA   C N S 89  
GLN C    C N N 90  
GLN O    O N N 91  
GLN CB   C N N 92  
GLN CG   C N N 93  
GLN CD   C N N 94  
GLN OE1  O N N 95  
GLN NE2  N N N 96  
GLN OXT  O N N 97  
GLN H    H N N 98  
GLN H2   H N N 99  
GLN HA   H N N 100 
GLN HB2  H N N 101 
GLN HB3  H N N 102 
GLN HG2  H N N 103 
GLN HG3  H N N 104 
GLN HE21 H N N 105 
GLN HE22 H N N 106 
GLN HXT  H N N 107 
GLU N    N N N 108 
GLU CA   C N S 109 
GLU C    C N N 110 
GLU O    O N N 111 
GLU CB   C N N 112 
GLU CG   C N N 113 
GLU CD   C N N 114 
GLU OE1  O N N 115 
GLU OE2  O N N 116 
GLU OXT  O N N 117 
GLU H    H N N 118 
GLU H2   H N N 119 
GLU HA   H N N 120 
GLU HB2  H N N 121 
GLU HB3  H N N 122 
GLU HG2  H N N 123 
GLU HG3  H N N 124 
GLU HE2  H N N 125 
GLU HXT  H N N 126 
GLY N    N N N 127 
GLY CA   C N N 128 
GLY C    C N N 129 
GLY O    O N N 130 
GLY OXT  O N N 131 
GLY H    H N N 132 
GLY H2   H N N 133 
GLY HA2  H N N 134 
GLY HA3  H N N 135 
GLY HXT  H N N 136 
HIS N    N N N 137 
HIS CA   C N S 138 
HIS C    C N N 139 
HIS O    O N N 140 
HIS CB   C N N 141 
HIS CG   C Y N 142 
HIS ND1  N Y N 143 
HIS CD2  C Y N 144 
HIS CE1  C Y N 145 
HIS NE2  N Y N 146 
HIS OXT  O N N 147 
HIS H    H N N 148 
HIS H2   H N N 149 
HIS HA   H N N 150 
HIS HB2  H N N 151 
HIS HB3  H N N 152 
HIS HD1  H N N 153 
HIS HD2  H N N 154 
HIS HE1  H N N 155 
HIS HE2  H N N 156 
HIS HXT  H N N 157 
ILE N    N N N 158 
ILE CA   C N S 159 
ILE C    C N N 160 
ILE O    O N N 161 
ILE CB   C N S 162 
ILE CG1  C N N 163 
ILE CG2  C N N 164 
ILE CD1  C N N 165 
ILE OXT  O N N 166 
ILE H    H N N 167 
ILE H2   H N N 168 
ILE HA   H N N 169 
ILE HB   H N N 170 
ILE HG12 H N N 171 
ILE HG13 H N N 172 
ILE HG21 H N N 173 
ILE HG22 H N N 174 
ILE HG23 H N N 175 
ILE HD11 H N N 176 
ILE HD12 H N N 177 
ILE HD13 H N N 178 
ILE HXT  H N N 179 
LEU N    N N N 180 
LEU CA   C N S 181 
LEU C    C N N 182 
LEU O    O N N 183 
LEU CB   C N N 184 
LEU CG   C N N 185 
LEU CD1  C N N 186 
LEU CD2  C N N 187 
LEU OXT  O N N 188 
LEU H    H N N 189 
LEU H2   H N N 190 
LEU HA   H N N 191 
LEU HB2  H N N 192 
LEU HB3  H N N 193 
LEU HG   H N N 194 
LEU HD11 H N N 195 
LEU HD12 H N N 196 
LEU HD13 H N N 197 
LEU HD21 H N N 198 
LEU HD22 H N N 199 
LEU HD23 H N N 200 
LEU HXT  H N N 201 
LYS N    N N N 202 
LYS CA   C N S 203 
LYS C    C N N 204 
LYS O    O N N 205 
LYS CB   C N N 206 
LYS CG   C N N 207 
LYS CD   C N N 208 
LYS CE   C N N 209 
LYS NZ   N N N 210 
LYS OXT  O N N 211 
LYS H    H N N 212 
LYS H2   H N N 213 
LYS HA   H N N 214 
LYS HB2  H N N 215 
LYS HB3  H N N 216 
LYS HG2  H N N 217 
LYS HG3  H N N 218 
LYS HD2  H N N 219 
LYS HD3  H N N 220 
LYS HE2  H N N 221 
LYS HE3  H N N 222 
LYS HZ1  H N N 223 
LYS HZ2  H N N 224 
LYS HZ3  H N N 225 
LYS HXT  H N N 226 
MET N    N N N 227 
MET CA   C N S 228 
MET C    C N N 229 
MET O    O N N 230 
MET CB   C N N 231 
MET CG   C N N 232 
MET SD   S N N 233 
MET CE   C N N 234 
MET OXT  O N N 235 
MET H    H N N 236 
MET H2   H N N 237 
MET HA   H N N 238 
MET HB2  H N N 239 
MET HB3  H N N 240 
MET HG2  H N N 241 
MET HG3  H N N 242 
MET HE1  H N N 243 
MET HE2  H N N 244 
MET HE3  H N N 245 
MET HXT  H N N 246 
PHE N    N N N 247 
PHE CA   C N S 248 
PHE C    C N N 249 
PHE O    O N N 250 
PHE CB   C N N 251 
PHE CG   C Y N 252 
PHE CD1  C Y N 253 
PHE CD2  C Y N 254 
PHE CE1  C Y N 255 
PHE CE2  C Y N 256 
PHE CZ   C Y N 257 
PHE OXT  O N N 258 
PHE H    H N N 259 
PHE H2   H N N 260 
PHE HA   H N N 261 
PHE HB2  H N N 262 
PHE HB3  H N N 263 
PHE HD1  H N N 264 
PHE HD2  H N N 265 
PHE HE1  H N N 266 
PHE HE2  H N N 267 
PHE HZ   H N N 268 
PHE HXT  H N N 269 
PRO N    N N N 270 
PRO CA   C N S 271 
PRO C    C N N 272 
PRO O    O N N 273 
PRO CB   C N N 274 
PRO CG   C N N 275 
PRO CD   C N N 276 
PRO OXT  O N N 277 
PRO H    H N N 278 
PRO HA   H N N 279 
PRO HB2  H N N 280 
PRO HB3  H N N 281 
PRO HG2  H N N 282 
PRO HG3  H N N 283 
PRO HD2  H N N 284 
PRO HD3  H N N 285 
PRO HXT  H N N 286 
SER N    N N N 287 
SER CA   C N S 288 
SER C    C N N 289 
SER O    O N N 290 
SER CB   C N N 291 
SER OG   O N N 292 
SER OXT  O N N 293 
SER H    H N N 294 
SER H2   H N N 295 
SER HA   H N N 296 
SER HB2  H N N 297 
SER HB3  H N N 298 
SER HG   H N N 299 
SER HXT  H N N 300 
THR N    N N N 301 
THR CA   C N S 302 
THR C    C N N 303 
THR O    O N N 304 
THR CB   C N R 305 
THR OG1  O N N 306 
THR CG2  C N N 307 
THR OXT  O N N 308 
THR H    H N N 309 
THR H2   H N N 310 
THR HA   H N N 311 
THR HB   H N N 312 
THR HG1  H N N 313 
THR HG21 H N N 314 
THR HG22 H N N 315 
THR HG23 H N N 316 
THR HXT  H N N 317 
TRP N    N N N 318 
TRP CA   C N S 319 
TRP C    C N N 320 
TRP O    O N N 321 
TRP CB   C N N 322 
TRP CG   C Y N 323 
TRP CD1  C Y N 324 
TRP CD2  C Y N 325 
TRP NE1  N Y N 326 
TRP CE2  C Y N 327 
TRP CE3  C Y N 328 
TRP CZ2  C Y N 329 
TRP CZ3  C Y N 330 
TRP CH2  C Y N 331 
TRP OXT  O N N 332 
TRP H    H N N 333 
TRP H2   H N N 334 
TRP HA   H N N 335 
TRP HB2  H N N 336 
TRP HB3  H N N 337 
TRP HD1  H N N 338 
TRP HE1  H N N 339 
TRP HE3  H N N 340 
TRP HZ2  H N N 341 
TRP HZ3  H N N 342 
TRP HH2  H N N 343 
TRP HXT  H N N 344 
TYR N    N N N 345 
TYR CA   C N S 346 
TYR C    C N N 347 
TYR O    O N N 348 
TYR CB   C N N 349 
TYR CG   C Y N 350 
TYR CD1  C Y N 351 
TYR CD2  C Y N 352 
TYR CE1  C Y N 353 
TYR CE2  C Y N 354 
TYR CZ   C Y N 355 
TYR OH   O N N 356 
TYR OXT  O N N 357 
TYR H    H N N 358 
TYR H2   H N N 359 
TYR HA   H N N 360 
TYR HB2  H N N 361 
TYR HB3  H N N 362 
TYR HD1  H N N 363 
TYR HD2  H N N 364 
TYR HE1  H N N 365 
TYR HE2  H N N 366 
TYR HH   H N N 367 
TYR HXT  H N N 368 
VAL N    N N N 369 
VAL CA   C N S 370 
VAL C    C N N 371 
VAL O    O N N 372 
VAL CB   C N N 373 
VAL CG1  C N N 374 
VAL CG2  C N N 375 
VAL OXT  O N N 376 
VAL H    H N N 377 
VAL H2   H N N 378 
VAL HA   H N N 379 
VAL HB   H N N 380 
VAL HG11 H N N 381 
VAL HG12 H N N 382 
VAL HG13 H N N 383 
VAL HG21 H N N 384 
VAL HG22 H N N 385 
VAL HG23 H N N 386 
VAL HXT  H N N 387 
# 
loop_
_chem_comp_bond.comp_id 
_chem_comp_bond.atom_id_1 
_chem_comp_bond.atom_id_2 
_chem_comp_bond.value_order 
_chem_comp_bond.pdbx_aromatic_flag 
_chem_comp_bond.pdbx_stereo_config 
_chem_comp_bond.pdbx_ordinal 
ALA N   CA   sing N N 1   
ALA N   H    sing N N 2   
ALA N   H2   sing N N 3   
ALA CA  C    sing N N 4   
ALA CA  CB   sing N N 5   
ALA CA  HA   sing N N 6   
ALA C   O    doub N N 7   
ALA C   OXT  sing N N 8   
ALA CB  HB1  sing N N 9   
ALA CB  HB2  sing N N 10  
ALA CB  HB3  sing N N 11  
ALA OXT HXT  sing N N 12  
ARG N   CA   sing N N 13  
ARG N   H    sing N N 14  
ARG N   H2   sing N N 15  
ARG CA  C    sing N N 16  
ARG CA  CB   sing N N 17  
ARG CA  HA   sing N N 18  
ARG C   O    doub N N 19  
ARG C   OXT  sing N N 20  
ARG CB  CG   sing N N 21  
ARG CB  HB2  sing N N 22  
ARG CB  HB3  sing N N 23  
ARG CG  CD   sing N N 24  
ARG CG  HG2  sing N N 25  
ARG CG  HG3  sing N N 26  
ARG CD  NE   sing N N 27  
ARG CD  HD2  sing N N 28  
ARG CD  HD3  sing N N 29  
ARG NE  CZ   sing N N 30  
ARG NE  HE   sing N N 31  
ARG CZ  NH1  sing N N 32  
ARG CZ  NH2  doub N N 33  
ARG NH1 HH11 sing N N 34  
ARG NH1 HH12 sing N N 35  
ARG NH2 HH21 sing N N 36  
ARG NH2 HH22 sing N N 37  
ARG OXT HXT  sing N N 38  
ASN N   CA   sing N N 39  
ASN N   H    sing N N 40  
ASN N   H2   sing N N 41  
ASN CA  C    sing N N 42  
ASN CA  CB   sing N N 43  
ASN CA  HA   sing N N 44  
ASN C   O    doub N N 45  
ASN C   OXT  sing N N 46  
ASN CB  CG   sing N N 47  
ASN CB  HB2  sing N N 48  
ASN CB  HB3  sing N N 49  
ASN CG  OD1  doub N N 50  
ASN CG  ND2  sing N N 51  
ASN ND2 HD21 sing N N 52  
ASN ND2 HD22 sing N N 53  
ASN OXT HXT  sing N N 54  
ASP N   CA   sing N N 55  
ASP N   H    sing N N 56  
ASP N   H2   sing N N 57  
ASP CA  C    sing N N 58  
ASP CA  CB   sing N N 59  
ASP CA  HA   sing N N 60  
ASP C   O    doub N N 61  
ASP C   OXT  sing N N 62  
ASP CB  CG   sing N N 63  
ASP CB  HB2  sing N N 64  
ASP CB  HB3  sing N N 65  
ASP CG  OD1  doub N N 66  
ASP CG  OD2  sing N N 67  
ASP OD2 HD2  sing N N 68  
ASP OXT HXT  sing N N 69  
CYS N   CA   sing N N 70  
CYS N   H    sing N N 71  
CYS N   H2   sing N N 72  
CYS CA  C    sing N N 73  
CYS CA  CB   sing N N 74  
CYS CA  HA   sing N N 75  
CYS C   O    doub N N 76  
CYS C   OXT  sing N N 77  
CYS CB  SG   sing N N 78  
CYS CB  HB2  sing N N 79  
CYS CB  HB3  sing N N 80  
CYS SG  HG   sing N N 81  
CYS OXT HXT  sing N N 82  
GLN N   CA   sing N N 83  
GLN N   H    sing N N 84  
GLN N   H2   sing N N 85  
GLN CA  C    sing N N 86  
GLN CA  CB   sing N N 87  
GLN CA  HA   sing N N 88  
GLN C   O    doub N N 89  
GLN C   OXT  sing N N 90  
GLN CB  CG   sing N N 91  
GLN CB  HB2  sing N N 92  
GLN CB  HB3  sing N N 93  
GLN CG  CD   sing N N 94  
GLN CG  HG2  sing N N 95  
GLN CG  HG3  sing N N 96  
GLN CD  OE1  doub N N 97  
GLN CD  NE2  sing N N 98  
GLN NE2 HE21 sing N N 99  
GLN NE2 HE22 sing N N 100 
GLN OXT HXT  sing N N 101 
GLU N   CA   sing N N 102 
GLU N   H    sing N N 103 
GLU N   H2   sing N N 104 
GLU CA  C    sing N N 105 
GLU CA  CB   sing N N 106 
GLU CA  HA   sing N N 107 
GLU C   O    doub N N 108 
GLU C   OXT  sing N N 109 
GLU CB  CG   sing N N 110 
GLU CB  HB2  sing N N 111 
GLU CB  HB3  sing N N 112 
GLU CG  CD   sing N N 113 
GLU CG  HG2  sing N N 114 
GLU CG  HG3  sing N N 115 
GLU CD  OE1  doub N N 116 
GLU CD  OE2  sing N N 117 
GLU OE2 HE2  sing N N 118 
GLU OXT HXT  sing N N 119 
GLY N   CA   sing N N 120 
GLY N   H    sing N N 121 
GLY N   H2   sing N N 122 
GLY CA  C    sing N N 123 
GLY CA  HA2  sing N N 124 
GLY CA  HA3  sing N N 125 
GLY C   O    doub N N 126 
GLY C   OXT  sing N N 127 
GLY OXT HXT  sing N N 128 
HIS N   CA   sing N N 129 
HIS N   H    sing N N 130 
HIS N   H2   sing N N 131 
HIS CA  C    sing N N 132 
HIS CA  CB   sing N N 133 
HIS CA  HA   sing N N 134 
HIS C   O    doub N N 135 
HIS C   OXT  sing N N 136 
HIS CB  CG   sing N N 137 
HIS CB  HB2  sing N N 138 
HIS CB  HB3  sing N N 139 
HIS CG  ND1  sing Y N 140 
HIS CG  CD2  doub Y N 141 
HIS ND1 CE1  doub Y N 142 
HIS ND1 HD1  sing N N 143 
HIS CD2 NE2  sing Y N 144 
HIS CD2 HD2  sing N N 145 
HIS CE1 NE2  sing Y N 146 
HIS CE1 HE1  sing N N 147 
HIS NE2 HE2  sing N N 148 
HIS OXT HXT  sing N N 149 
ILE N   CA   sing N N 150 
ILE N   H    sing N N 151 
ILE N   H2   sing N N 152 
ILE CA  C    sing N N 153 
ILE CA  CB   sing N N 154 
ILE CA  HA   sing N N 155 
ILE C   O    doub N N 156 
ILE C   OXT  sing N N 157 
ILE CB  CG1  sing N N 158 
ILE CB  CG2  sing N N 159 
ILE CB  HB   sing N N 160 
ILE CG1 CD1  sing N N 161 
ILE CG1 HG12 sing N N 162 
ILE CG1 HG13 sing N N 163 
ILE CG2 HG21 sing N N 164 
ILE CG2 HG22 sing N N 165 
ILE CG2 HG23 sing N N 166 
ILE CD1 HD11 sing N N 167 
ILE CD1 HD12 sing N N 168 
ILE CD1 HD13 sing N N 169 
ILE OXT HXT  sing N N 170 
LEU N   CA   sing N N 171 
LEU N   H    sing N N 172 
LEU N   H2   sing N N 173 
LEU CA  C    sing N N 174 
LEU CA  CB   sing N N 175 
LEU CA  HA   sing N N 176 
LEU C   O    doub N N 177 
LEU C   OXT  sing N N 178 
LEU CB  CG   sing N N 179 
LEU CB  HB2  sing N N 180 
LEU CB  HB3  sing N N 181 
LEU CG  CD1  sing N N 182 
LEU CG  CD2  sing N N 183 
LEU CG  HG   sing N N 184 
LEU CD1 HD11 sing N N 185 
LEU CD1 HD12 sing N N 186 
LEU CD1 HD13 sing N N 187 
LEU CD2 HD21 sing N N 188 
LEU CD2 HD22 sing N N 189 
LEU CD2 HD23 sing N N 190 
LEU OXT HXT  sing N N 191 
LYS N   CA   sing N N 192 
LYS N   H    sing N N 193 
LYS N   H2   sing N N 194 
LYS CA  C    sing N N 195 
LYS CA  CB   sing N N 196 
LYS CA  HA   sing N N 197 
LYS C   O    doub N N 198 
LYS C   OXT  sing N N 199 
LYS CB  CG   sing N N 200 
LYS CB  HB2  sing N N 201 
LYS CB  HB3  sing N N 202 
LYS CG  CD   sing N N 203 
LYS CG  HG2  sing N N 204 
LYS CG  HG3  sing N N 205 
LYS CD  CE   sing N N 206 
LYS CD  HD2  sing N N 207 
LYS CD  HD3  sing N N 208 
LYS CE  NZ   sing N N 209 
LYS CE  HE2  sing N N 210 
LYS CE  HE3  sing N N 211 
LYS NZ  HZ1  sing N N 212 
LYS NZ  HZ2  sing N N 213 
LYS NZ  HZ3  sing N N 214 
LYS OXT HXT  sing N N 215 
MET N   CA   sing N N 216 
MET N   H    sing N N 217 
MET N   H2   sing N N 218 
MET CA  C    sing N N 219 
MET CA  CB   sing N N 220 
MET CA  HA   sing N N 221 
MET C   O    doub N N 222 
MET C   OXT  sing N N 223 
MET CB  CG   sing N N 224 
MET CB  HB2  sing N N 225 
MET CB  HB3  sing N N 226 
MET CG  SD   sing N N 227 
MET CG  HG2  sing N N 228 
MET CG  HG3  sing N N 229 
MET SD  CE   sing N N 230 
MET CE  HE1  sing N N 231 
MET CE  HE2  sing N N 232 
MET CE  HE3  sing N N 233 
MET OXT HXT  sing N N 234 
PHE N   CA   sing N N 235 
PHE N   H    sing N N 236 
PHE N   H2   sing N N 237 
PHE CA  C    sing N N 238 
PHE CA  CB   sing N N 239 
PHE CA  HA   sing N N 240 
PHE C   O    doub N N 241 
PHE C   OXT  sing N N 242 
PHE CB  CG   sing N N 243 
PHE CB  HB2  sing N N 244 
PHE CB  HB3  sing N N 245 
PHE CG  CD1  doub Y N 246 
PHE CG  CD2  sing Y N 247 
PHE CD1 CE1  sing Y N 248 
PHE CD1 HD1  sing N N 249 
PHE CD2 CE2  doub Y N 250 
PHE CD2 HD2  sing N N 251 
PHE CE1 CZ   doub Y N 252 
PHE CE1 HE1  sing N N 253 
PHE CE2 CZ   sing Y N 254 
PHE CE2 HE2  sing N N 255 
PHE CZ  HZ   sing N N 256 
PHE OXT HXT  sing N N 257 
PRO N   CA   sing N N 258 
PRO N   CD   sing N N 259 
PRO N   H    sing N N 260 
PRO CA  C    sing N N 261 
PRO CA  CB   sing N N 262 
PRO CA  HA   sing N N 263 
PRO C   O    doub N N 264 
PRO C   OXT  sing N N 265 
PRO CB  CG   sing N N 266 
PRO CB  HB2  sing N N 267 
PRO CB  HB3  sing N N 268 
PRO CG  CD   sing N N 269 
PRO CG  HG2  sing N N 270 
PRO CG  HG3  sing N N 271 
PRO CD  HD2  sing N N 272 
PRO CD  HD3  sing N N 273 
PRO OXT HXT  sing N N 274 
SER N   CA   sing N N 275 
SER N   H    sing N N 276 
SER N   H2   sing N N 277 
SER CA  C    sing N N 278 
SER CA  CB   sing N N 279 
SER CA  HA   sing N N 280 
SER C   O    doub N N 281 
SER C   OXT  sing N N 282 
SER CB  OG   sing N N 283 
SER CB  HB2  sing N N 284 
SER CB  HB3  sing N N 285 
SER OG  HG   sing N N 286 
SER OXT HXT  sing N N 287 
THR N   CA   sing N N 288 
THR N   H    sing N N 289 
THR N   H2   sing N N 290 
THR CA  C    sing N N 291 
THR CA  CB   sing N N 292 
THR CA  HA   sing N N 293 
THR C   O    doub N N 294 
THR C   OXT  sing N N 295 
THR CB  OG1  sing N N 296 
THR CB  CG2  sing N N 297 
THR CB  HB   sing N N 298 
THR OG1 HG1  sing N N 299 
THR CG2 HG21 sing N N 300 
THR CG2 HG22 sing N N 301 
THR CG2 HG23 sing N N 302 
THR OXT HXT  sing N N 303 
TRP N   CA   sing N N 304 
TRP N   H    sing N N 305 
TRP N   H2   sing N N 306 
TRP CA  C    sing N N 307 
TRP CA  CB   sing N N 308 
TRP CA  HA   sing N N 309 
TRP C   O    doub N N 310 
TRP C   OXT  sing N N 311 
TRP CB  CG   sing N N 312 
TRP CB  HB2  sing N N 313 
TRP CB  HB3  sing N N 314 
TRP CG  CD1  doub Y N 315 
TRP CG  CD2  sing Y N 316 
TRP CD1 NE1  sing Y N 317 
TRP CD1 HD1  sing N N 318 
TRP CD2 CE2  doub Y N 319 
TRP CD2 CE3  sing Y N 320 
TRP NE1 CE2  sing Y N 321 
TRP NE1 HE1  sing N N 322 
TRP CE2 CZ2  sing Y N 323 
TRP CE3 CZ3  doub Y N 324 
TRP CE3 HE3  sing N N 325 
TRP CZ2 CH2  doub Y N 326 
TRP CZ2 HZ2  sing N N 327 
TRP CZ3 CH2  sing Y N 328 
TRP CZ3 HZ3  sing N N 329 
TRP CH2 HH2  sing N N 330 
TRP OXT HXT  sing N N 331 
TYR N   CA   sing N N 332 
TYR N   H    sing N N 333 
TYR N   H2   sing N N 334 
TYR CA  C    sing N N 335 
TYR CA  CB   sing N N 336 
TYR CA  HA   sing N N 337 
TYR C   O    doub N N 338 
TYR C   OXT  sing N N 339 
TYR CB  CG   sing N N 340 
TYR CB  HB2  sing N N 341 
TYR CB  HB3  sing N N 342 
TYR CG  CD1  doub Y N 343 
TYR CG  CD2  sing Y N 344 
TYR CD1 CE1  sing Y N 345 
TYR CD1 HD1  sing N N 346 
TYR CD2 CE2  doub Y N 347 
TYR CD2 HD2  sing N N 348 
TYR CE1 CZ   doub Y N 349 
TYR CE1 HE1  sing N N 350 
TYR CE2 CZ   sing Y N 351 
TYR CE2 HE2  sing N N 352 
TYR CZ  OH   sing N N 353 
TYR OH  HH   sing N N 354 
TYR OXT HXT  sing N N 355 
VAL N   CA   sing N N 356 
VAL N   H    sing N N 357 
VAL N   H2   sing N N 358 
VAL CA  C    sing N N 359 
VAL CA  CB   sing N N 360 
VAL CA  HA   sing N N 361 
VAL C   O    doub N N 362 
VAL C   OXT  sing N N 363 
VAL CB  CG1  sing N N 364 
VAL CB  CG2  sing N N 365 
VAL CB  HB   sing N N 366 
VAL CG1 HG11 sing N N 367 
VAL CG1 HG12 sing N N 368 
VAL CG1 HG13 sing N N 369 
VAL CG2 HG21 sing N N 370 
VAL CG2 HG22 sing N N 371 
VAL CG2 HG23 sing N N 372 
VAL OXT HXT  sing N N 373 
# 
loop_
_pdbx_coordinate_model.asym_id 
_pdbx_coordinate_model.type 
A 'CA ATOMS ONLY' 
B 'CA ATOMS ONLY' 
C 'CA ATOMS ONLY' 
# 
_atom_sites.entry_id                    2AT2 
_atom_sites.fract_transf_matrix[1][1]   0.00071591 
_atom_sites.fract_transf_matrix[1][2]   -0.00224210 
_atom_sites.fract_transf_matrix[1][3]   -0.00311374 
_atom_sites.fract_transf_matrix[2][1]   -0.00096233 
_atom_sites.fract_transf_matrix[2][2]   -0.00534172 
_atom_sites.fract_transf_matrix[2][3]   0.00362514 
_atom_sites.fract_transf_matrix[3][1]   -0.01824872 
_atom_sites.fract_transf_matrix[3][2]   -0.00119309 
_atom_sites.fract_transf_matrix[3][3]   -0.00660236 
_atom_sites.fract_transf_vector[1]      0.324959 
_atom_sites.fract_transf_vector[2]      0.622054 
_atom_sites.fract_transf_vector[3]      0.714598 
# 
_atom_type.symbol   C 
# 
loop_
_atom_site.group_PDB 
_atom_site.id 
_atom_site.type_symbol 
_atom_site.label_atom_id 
_atom_site.label_alt_id 
_atom_site.label_comp_id 
_atom_site.label_asym_id 
_atom_site.label_entity_id 
_atom_site.label_seq_id 
_atom_site.pdbx_PDB_ins_code 
_atom_site.Cartn_x 
_atom_site.Cartn_y 
_atom_site.Cartn_z 
_atom_site.occupancy 
_atom_site.B_iso_or_equiv 
_atom_site.pdbx_formal_charge 
_atom_site.auth_seq_id 
_atom_site.auth_comp_id 
_atom_site.auth_asym_id 
_atom_site.auth_atom_id 
_atom_site.pdbx_PDB_model_num 
ATOM 1   C CA . MET A 1 1   ? 11.587  -23.793 11.595  1.00 20.00 ? 1   MET A CA 1 
ATOM 2   C CA . LYS A 1 2   ? 9.789   -23.960 8.271   1.00 20.00 ? 2   LYS A CA 1 
ATOM 3   C CA . HIS A 1 3   ? 6.089   -22.971 7.826   1.00 20.00 ? 3   HIS A CA 1 
ATOM 4   C CA . LEU A 1 4   ? 3.536   -21.926 10.492  1.00 20.00 ? 4   LEU A CA 1 
ATOM 5   C CA . THR A 1 5   ? 0.430   -23.363 9.082   1.00 20.00 ? 5   THR A CA 1 
ATOM 6   C CA . THR A 1 6   ? -1.727  -25.013 11.738  1.00 20.00 ? 6   THR A CA 1 
ATOM 7   C CA . MET A 1 7   ? -1.801  -24.971 15.519  1.00 20.00 ? 7   MET A CA 1 
ATOM 8   C CA . SER A 1 8   ? -1.635  -28.691 15.835  1.00 20.00 ? 8   SER A CA 1 
ATOM 9   C CA . GLU A 1 9   ? 1.949   -29.563 14.656  1.00 20.00 ? 9   GLU A CA 1 
ATOM 10  C CA . LEU A 1 10  ? 3.339   -27.165 17.263  1.00 20.00 ? 10  LEU A CA 1 
ATOM 11  C CA . SER A 1 11  ? 4.513   -29.579 19.856  1.00 20.00 ? 11  SER A CA 1 
ATOM 12  C CA . THR A 1 12  ? 4.836   -28.549 23.523  1.00 20.00 ? 12  THR A CA 1 
ATOM 13  C CA . GLU A 1 13  ? 8.547   -28.499 22.899  1.00 20.00 ? 13  GLU A CA 1 
ATOM 14  C CA . GLU A 1 14  ? 8.080   -25.978 19.941  1.00 20.00 ? 14  GLU A CA 1 
ATOM 15  C CA . ILE A 1 15  ? 5.591   -23.685 21.693  1.00 20.00 ? 15  ILE A CA 1 
ATOM 16  C CA . LYS A 1 16  ? 8.025   -23.346 24.586  1.00 20.00 ? 16  LYS A CA 1 
ATOM 17  C CA . ASP A 1 17  ? 10.965  -21.805 22.892  1.00 20.00 ? 17  ASP A CA 1 
ATOM 18  C CA . LEU A 1 18  ? 8.608   -19.457 20.850  1.00 20.00 ? 18  LEU A CA 1 
ATOM 19  C CA . LEU A 1 19  ? 6.973   -18.154 24.100  1.00 20.00 ? 19  LEU A CA 1 
ATOM 20  C CA . GLN A 1 20  ? 10.434  -17.553 25.640  1.00 20.00 ? 20  GLN A CA 1 
ATOM 21  C CA . THR A 1 21  ? 11.993  -15.893 22.564  1.00 20.00 ? 21  THR A CA 1 
ATOM 22  C CA . ALA A 1 22  ? 8.869   -13.734 22.344  1.00 20.00 ? 22  ALA A CA 1 
ATOM 23  C CA . GLN A 1 23  ? 9.420   -12.719 25.963  1.00 20.00 ? 23  GLN A CA 1 
ATOM 24  C CA . GLU A 1 24  ? 13.136  -12.158 25.042  1.00 20.00 ? 24  GLU A CA 1 
ATOM 25  C CA . LEU A 1 25  ? 12.332  -9.925  22.106  1.00 20.00 ? 25  LEU A CA 1 
ATOM 26  C CA . LYS A 1 26  ? 9.953   -8.154  24.607  1.00 20.00 ? 26  LYS A CA 1 
ATOM 27  C CA . SER A 1 27  ? 13.208  -6.379  25.686  1.00 20.00 ? 27  SER A CA 1 
ATOM 28  C CA . GLY A 1 28  ? 16.009  -6.849  23.052  1.00 20.00 ? 28  GLY A CA 1 
ATOM 29  C CA . LYS A 1 29  ? 15.235  -7.352  19.376  1.00 20.00 ? 29  LYS A CA 1 
ATOM 30  C CA . THR A 1 30  ? 18.029  -8.941  17.324  1.00 20.00 ? 30  THR A CA 1 
ATOM 31  C CA . ASP A 1 31  ? 17.714  -6.743  14.310  1.00 20.00 ? 31  ASP A CA 1 
ATOM 32  C CA . ASN A 1 32  ? 20.445  -6.348  12.350  1.00 20.00 ? 32  ASN A CA 1 
ATOM 33  C CA . GLN A 1 33  ? 20.669  -10.166 11.670  1.00 20.00 ? 33  GLN A CA 1 
ATOM 34  C CA . LEU A 1 34  ? 17.428  -10.592 9.603   1.00 20.00 ? 34  LEU A CA 1 
ATOM 35  C CA . THR A 1 35  ? 18.105  -7.205  8.049   1.00 20.00 ? 35  THR A CA 1 
ATOM 36  C CA . GLY A 1 36  ? 17.333  -6.515  4.367   1.00 20.00 ? 36  GLY A CA 1 
ATOM 37  C CA . LYS A 1 37  ? 15.373  -9.723  3.869   1.00 20.00 ? 37  LYS A CA 1 
ATOM 38  C CA . PHE A 1 38  ? 12.041  -9.545  2.068   1.00 20.00 ? 38  PHE A CA 1 
ATOM 39  C CA . ALA A 1 39  ? 8.484   -10.404 3.188   1.00 20.00 ? 39  ALA A CA 1 
ATOM 40  C CA . ALA A 1 40  ? 5.462   -10.652 0.845   1.00 20.00 ? 40  ALA A CA 1 
ATOM 41  C CA . ASN A 1 41  ? 2.428   -9.880  3.084   1.00 20.00 ? 41  ASN A CA 1 
ATOM 42  C CA . LEU A 1 42  ? -0.388  -11.171 0.840   1.00 20.00 ? 42  LEU A CA 1 
ATOM 43  C CA . PHE A 1 43  ? -3.628  -10.168 2.478   1.00 20.00 ? 43  PHE A CA 1 
ATOM 44  C CA . PHE A 1 44  ? -5.694  -11.463 -0.379  1.00 20.00 ? 44  PHE A CA 1 
ATOM 45  C CA . GLU A 1 45  ? -8.457  -12.086 1.993   1.00 20.00 ? 45  GLU A CA 1 
ATOM 46  C CA . PRO A 1 46  ? -7.990  -8.742  3.842   1.00 20.00 ? 46  PRO A CA 1 
ATOM 47  C CA . SER A 1 47  ? -7.429  -7.744  7.511   1.00 20.00 ? 47  SER A CA 1 
ATOM 48  C CA . THR A 1 48  ? -5.676  -4.507  8.698   1.00 20.00 ? 48  THR A CA 1 
ATOM 49  C CA . ARG A 1 49  ? -4.944  -5.602  12.284  1.00 20.00 ? 49  ARG A CA 1 
ATOM 50  C CA . THR A 1 50  ? -3.080  -8.889  11.526  1.00 20.00 ? 50  THR A CA 1 
ATOM 51  C CA . ARG A 1 51  ? -1.344  -7.091  8.575   1.00 20.00 ? 51  ARG A CA 1 
ATOM 52  C CA . PHE A 1 52  ? -0.308  -4.138  10.791  1.00 20.00 ? 52  PHE A CA 1 
ATOM 53  C CA . SER A 1 53  ? 0.795   -6.534  13.602  1.00 20.00 ? 53  SER A CA 1 
ATOM 54  C CA . PHE A 1 54  ? 2.902   -8.342  11.028  1.00 20.00 ? 54  PHE A CA 1 
ATOM 55  C CA . GLU A 1 55  ? 4.304   -5.116  9.361   1.00 20.00 ? 55  GLU A CA 1 
ATOM 56  C CA . VAL A 1 56  ? 5.426   -3.731  12.695  1.00 20.00 ? 56  VAL A CA 1 
ATOM 57  C CA . ALA A 1 57  ? 6.537   -7.283  13.760  1.00 20.00 ? 57  ALA A CA 1 
ATOM 58  C CA . GLU A 1 58  ? 8.508   -7.481  10.427  1.00 20.00 ? 58  GLU A CA 1 
ATOM 59  C CA . LYS A 1 59  ? 9.982   -3.916  10.346  1.00 20.00 ? 59  LYS A CA 1 
ATOM 60  C CA . LYS A 1 60  ? 13.575  -5.348  10.770  1.00 20.00 ? 60  LYS A CA 1 
ATOM 61  C CA . LEU A 1 61  ? 13.361  -7.423  7.607   1.00 20.00 ? 61  LEU A CA 1 
ATOM 62  C CA . GLY A 1 62  ? 12.386  -3.967  6.442   1.00 20.00 ? 62  GLY A CA 1 
ATOM 63  C CA . MET A 1 63  ? 11.185  -5.102  3.083   1.00 20.00 ? 63  MET A CA 1 
ATOM 64  C CA . ASN A 1 64  ? 7.551   -5.108  3.366   1.00 20.00 ? 64  ASN A CA 1 
ATOM 65  C CA . VAL A 1 65  ? 6.705   -5.924  -0.406  1.00 20.00 ? 65  VAL A CA 1 
ATOM 66  C CA . LEU A 1 66  ? 2.944   -6.291  0.417   1.00 20.00 ? 66  LEU A CA 1 
ATOM 67  C CA . ASN A 1 67  ? -0.723  -6.394  -0.840  1.00 20.00 ? 67  ASN A CA 1 
ATOM 68  C CA . LEU A 1 68  ? -4.343  -6.259  0.396   1.00 20.00 ? 68  LEU A CA 1 
ATOM 69  C CA . ASP A 1 69  ? -6.687  -7.607  -2.290  1.00 20.00 ? 69  ASP A CA 1 
ATOM 70  C CA . GLY A 1 70  ? -10.377 -6.390  -2.469  1.00 20.00 ? 70  GLY A CA 1 
ATOM 71  C CA . THR A 1 71  ? -10.401 -8.134  -5.957  1.00 20.00 ? 71  THR A CA 1 
ATOM 72  C CA . SER A 1 72  ? -7.229  -6.073  -6.510  1.00 20.00 ? 72  SER A CA 1 
ATOM 73  C CA . THR A 1 73  ? -4.657  -8.291  -8.343  1.00 20.00 ? 73  THR A CA 1 
ATOM 74  C CA . SER A 1 74  ? -4.468  -7.668  -12.098 1.00 20.00 ? 74  SER A CA 1 
ATOM 75  C CA . VAL A 1 75  ? -2.241  -9.671  -14.488 1.00 20.00 ? 75  VAL A CA 1 
ATOM 76  C CA . GLN A 1 76  ? -3.335  -13.315 -15.314 1.00 20.00 ? 76  GLN A CA 1 
ATOM 77  C CA . LYS A 1 77  ? -6.693  -15.050 -15.980 1.00 20.00 ? 77  LYS A CA 1 
ATOM 78  C CA . GLY A 1 78  ? -8.998  -15.132 -12.952 1.00 20.00 ? 78  GLY A CA 1 
ATOM 79  C CA . GLU A 1 79  ? -8.085  -18.438 -11.195 1.00 20.00 ? 79  GLU A CA 1 
ATOM 80  C CA . THR A 1 80  ? -9.219  -18.212 -7.648  1.00 20.00 ? 80  THR A CA 1 
ATOM 81  C CA . LEU A 1 81  ? -6.667  -21.039 -7.344  1.00 20.00 ? 81  LEU A CA 1 
ATOM 82  C CA . TYR A 1 82  ? -3.534  -19.960 -9.230  1.00 20.00 ? 82  TYR A CA 1 
ATOM 83  C CA . ASP A 1 83  ? -1.488  -19.291 -6.079  1.00 20.00 ? 83  ASP A CA 1 
ATOM 84  C CA . THR A 1 84  ? 1.284   -22.000 -6.216  1.00 20.00 ? 84  THR A CA 1 
ATOM 85  C CA . ILE A 1 85  ? 3.474   -20.110 -8.644  1.00 20.00 ? 85  ILE A CA 1 
ATOM 86  C CA . ARG A 1 86  ? 2.640   -16.600 -7.362  1.00 20.00 ? 86  ARG A CA 1 
ATOM 87  C CA . THR A 1 87  ? 4.436   -18.261 -4.430  1.00 20.00 ? 87  THR A CA 1 
ATOM 88  C CA . LEU A 1 88  ? 7.295   -20.223 -6.391  1.00 20.00 ? 88  LEU A CA 1 
ATOM 89  C CA . GLU A 1 89  ? 7.613   -17.342 -8.770  1.00 20.00 ? 89  GLU A CA 1 
ATOM 90  C CA . SER A 1 90  ? 7.617   -14.984 -5.748  1.00 20.00 ? 90  SER A CA 1 
ATOM 91  C CA . ILE A 1 91  ? 10.957  -16.530 -4.443  1.00 20.00 ? 91  ILE A CA 1 
ATOM 92  C CA . GLY A 1 92  ? 12.996  -13.261 -4.570  1.00 20.00 ? 92  GLY A CA 1 
ATOM 93  C CA . VAL A 1 93  ? 11.005  -12.495 -1.436  1.00 20.00 ? 93  VAL A CA 1 
ATOM 94  C CA . ASP A 1 94  ? 11.518  -14.968 1.456   1.00 20.00 ? 94  ASP A CA 1 
ATOM 95  C CA . VAL A 1 95  ? 8.435   -15.212 3.945   1.00 20.00 ? 95  VAL A CA 1 
ATOM 96  C CA . CYS A 1 96  ? 4.931   -14.339 5.360   1.00 20.00 ? 96  CYS A CA 1 
ATOM 97  C CA . VAL A 1 97  ? 1.254   -14.130 5.353   1.00 20.00 ? 97  VAL A CA 1 
ATOM 98  C CA . ILE A 1 98  ? -1.327  -15.216 3.037   1.00 20.00 ? 98  ILE A CA 1 
ATOM 99  C CA . ARG A 1 99  ? -4.943  -15.142 4.199   1.00 20.00 ? 99  ARG A CA 1 
ATOM 100 C CA . HIS A 1 100 ? -7.371  -16.547 1.587   1.00 20.00 ? 100 HIS A CA 1 
ATOM 101 C CA . SER A 1 101 ? -10.582 -18.477 1.430   1.00 20.00 ? 101 SER A CA 1 
ATOM 102 C CA . GLU A 1 102 ? -11.118 -22.181 0.978   1.00 20.00 ? 102 GLU A CA 1 
ATOM 103 C CA . ASP A 1 103 ? -9.163  -23.531 4.138   1.00 20.00 ? 103 ASP A CA 1 
ATOM 104 C CA . GLU A 1 104 ? -6.888  -25.291 1.699   1.00 20.00 ? 104 GLU A CA 1 
ATOM 105 C CA . TYR A 1 105 ? -3.321  -24.348 2.411   1.00 20.00 ? 105 TYR A CA 1 
ATOM 106 C CA . TYR A 1 106 ? -1.649  -27.311 0.556   1.00 20.00 ? 106 TYR A CA 1 
ATOM 107 C CA . GLU A 1 107 ? -2.357  -25.773 -2.832  1.00 20.00 ? 107 GLU A CA 1 
ATOM 108 C CA . GLU A 1 108 ? 0.643   -23.513 -2.346  1.00 20.00 ? 108 GLU A CA 1 
ATOM 109 C CA . LEU A 1 109 ? 2.757   -26.121 -0.495  1.00 20.00 ? 109 LEU A CA 1 
ATOM 110 C CA . VAL A 1 110 ? 2.424   -28.144 -3.849  1.00 20.00 ? 110 VAL A CA 1 
ATOM 111 C CA . SER A 1 111 ? 6.179   -27.502 -4.482  1.00 20.00 ? 111 SER A CA 1 
ATOM 112 C CA . GLN A 1 112 ? 6.859   -24.503 -2.255  1.00 20.00 ? 112 GLN A CA 1 
ATOM 113 C CA . VAL A 1 113 ? 9.311   -26.403 0.003   1.00 20.00 ? 113 VAL A CA 1 
ATOM 114 C CA . ASN A 1 114 ? 11.496  -23.451 0.135   1.00 20.00 ? 114 ASN A CA 1 
ATOM 115 C CA . ILE A 1 115 ? 9.923   -20.229 1.318   1.00 20.00 ? 115 ILE A CA 1 
ATOM 116 C CA . PRO A 1 116 ? 8.399   -20.322 4.772   1.00 20.00 ? 116 PRO A CA 1 
ATOM 117 C CA . ILE A 1 117 ? 4.731   -19.633 4.669   1.00 20.00 ? 117 ILE A CA 1 
ATOM 118 C CA . LEU A 1 118 ? 2.992   -18.160 7.675   1.00 20.00 ? 118 LEU A CA 1 
ATOM 119 C CA . ASN A 1 119 ? -0.768  -18.043 7.886   1.00 20.00 ? 119 ASN A CA 1 
ATOM 120 C CA . ALA A 1 120 ? -2.963  -15.373 9.312   1.00 20.00 ? 120 ALA A CA 1 
ATOM 121 C CA . GLY A 1 121 ? -6.376  -16.998 8.471   1.00 20.00 ? 121 GLY A CA 1 
ATOM 122 C CA . ASP A 1 122 ? -8.346  -19.229 6.024   1.00 20.00 ? 122 ASP A CA 1 
ATOM 123 C CA . GLY A 1 123 ? -12.187 -19.529 5.342   1.00 20.00 ? 123 GLY A CA 1 
ATOM 124 C CA . CYS A 1 124 ? -13.445 -20.244 8.890   1.00 20.00 ? 124 CYS A CA 1 
ATOM 125 C CA . GLY A 1 125 ? -9.856  -21.763 9.384   1.00 20.00 ? 125 GLY A CA 1 
ATOM 126 C CA . GLN A 1 126 ? -7.035  -21.044 11.770  1.00 20.00 ? 126 GLN A CA 1 
ATOM 127 C CA . HIS A 1 127 ? -4.958  -18.179 12.815  1.00 20.00 ? 127 HIS A CA 1 
ATOM 128 C CA . PRO A 1 128 ? -1.833  -20.005 14.342  1.00 20.00 ? 128 PRO A CA 1 
ATOM 129 C CA . THR A 1 129 ? -0.226  -16.849 15.689  1.00 20.00 ? 129 THR A CA 1 
ATOM 130 C CA . GLN A 1 130 ? -3.576  -15.927 17.385  1.00 20.00 ? 130 GLN A CA 1 
ATOM 131 C CA . SER A 1 131 ? -3.446  -19.008 19.447  1.00 20.00 ? 131 SER A CA 1 
ATOM 132 C CA . LEU A 1 132 ? 0.382   -18.426 20.088  1.00 20.00 ? 132 LEU A CA 1 
ATOM 133 C CA . LEU A 1 133 ? -0.033  -14.873 21.515  1.00 20.00 ? 133 LEU A CA 1 
ATOM 134 C CA . ASP A 1 134 ? -3.035  -15.776 23.661  1.00 20.00 ? 134 ASP A CA 1 
ATOM 135 C CA . LEU A 1 135 ? -0.829  -18.640 25.056  1.00 20.00 ? 135 LEU A CA 1 
ATOM 136 C CA . MET A 1 136 ? 1.991   -16.121 25.821  1.00 20.00 ? 136 MET A CA 1 
ATOM 137 C CA . THR A 1 137 ? -0.424  -13.534 27.334  1.00 20.00 ? 137 THR A CA 1 
ATOM 138 C CA . ILE A 1 138 ? -1.701  -16.076 29.870  1.00 20.00 ? 138 ILE A CA 1 
ATOM 139 C CA . TYR A 1 139 ? 1.782   -17.632 30.651  1.00 20.00 ? 139 TYR A CA 1 
ATOM 140 C CA . GLU A 1 140 ? 3.393   -14.261 31.073  1.00 20.00 ? 140 GLU A CA 1 
ATOM 141 C CA . GLU A 1 141 ? 1.338   -14.053 34.290  1.00 20.00 ? 141 GLU A CA 1 
ATOM 142 C CA . PHE A 1 142 ? 0.686   -17.544 35.574  1.00 20.00 ? 142 PHE A CA 1 
ATOM 143 C CA . ASN A 1 143 ? 3.886   -19.204 34.344  1.00 20.00 ? 143 ASN A CA 1 
ATOM 144 C CA . THR A 1 144 ? 3.578   -22.507 32.207  1.00 20.00 ? 144 THR A CA 1 
ATOM 145 C CA . PHE A 1 145 ? 0.352   -24.569 32.049  1.00 20.00 ? 145 PHE A CA 1 
ATOM 146 C CA . LYS A 1 146 ? -0.278  -26.037 35.492  1.00 20.00 ? 146 LYS A CA 1 
ATOM 147 C CA . GLY A 1 147 ? -3.200  -25.665 37.737  1.00 20.00 ? 147 GLY A CA 1 
ATOM 148 C CA . LEU A 1 148 ? -5.384  -23.180 35.891  1.00 20.00 ? 148 LEU A CA 1 
ATOM 149 C CA . THR A 1 149 ? -8.975  -23.335 34.639  1.00 20.00 ? 149 THR A CA 1 
ATOM 150 C CA . VAL A 1 150 ? -9.589  -21.117 31.514  1.00 20.00 ? 150 VAL A CA 1 
ATOM 151 C CA . SER A 1 151 ? -13.233 -20.723 30.343  1.00 20.00 ? 151 SER A CA 1 
ATOM 152 C CA . ILE A 1 152 ? -13.627 -19.683 26.692  1.00 20.00 ? 152 ILE A CA 1 
ATOM 153 C CA . HIS A 1 153 ? -17.118 -18.254 25.811  1.00 20.00 ? 153 HIS A CA 1 
ATOM 154 C CA . GLY A 1 154 ? -18.878 -17.924 22.389  1.00 20.00 ? 154 GLY A CA 1 
ATOM 155 C CA . ASP A 1 155 ? -19.202 -19.009 18.743  1.00 20.00 ? 155 ASP A CA 1 
ATOM 156 C CA . ILE A 1 156 ? -17.920 -22.558 19.013  1.00 20.00 ? 156 ILE A CA 1 
ATOM 157 C CA . LYS A 1 157 ? -18.788 -24.833 15.992  1.00 20.00 ? 157 LYS A CA 1 
ATOM 158 C CA . HIS A 1 158 ? -17.519 -21.913 13.989  1.00 20.00 ? 158 HIS A CA 1 
ATOM 159 C CA . SER A 1 159 ? -14.349 -20.803 15.793  1.00 20.00 ? 159 SER A CA 1 
ATOM 160 C CA . ARG A 1 160 ? -11.494 -23.230 15.099  1.00 20.00 ? 160 ARG A CA 1 
ATOM 161 C CA . VAL A 1 161 ? -9.303  -20.965 17.322  1.00 20.00 ? 161 VAL A CA 1 
ATOM 162 C CA . ALA A 1 162 ? -11.353 -21.330 20.602  1.00 20.00 ? 162 ALA A CA 1 
ATOM 163 C CA . ARG A 1 163 ? -11.135 -24.980 19.751  1.00 20.00 ? 163 ARG A CA 1 
ATOM 164 C CA . SER A 1 164 ? -7.354  -24.728 18.824  1.00 20.00 ? 164 SER A CA 1 
ATOM 165 C CA . ASN A 1 165 ? -6.502  -23.084 22.080  1.00 20.00 ? 165 ASN A CA 1 
ATOM 166 C CA . ALA A 1 166 ? -8.726  -25.655 23.941  1.00 20.00 ? 166 ALA A CA 1 
ATOM 167 C CA . GLU A 1 167 ? -6.898  -28.628 22.255  1.00 20.00 ? 167 GLU A CA 1 
ATOM 168 C CA . VAL A 1 168 ? -3.559  -26.934 23.222  1.00 20.00 ? 168 VAL A CA 1 
ATOM 169 C CA . LEU A 1 169 ? -4.279  -25.447 26.642  1.00 20.00 ? 169 LEU A CA 1 
ATOM 170 C CA . THR A 1 170 ? -5.498  -29.036 27.347  1.00 20.00 ? 170 THR A CA 1 
ATOM 171 C CA . ARG A 1 171 ? -2.745  -31.024 25.674  1.00 20.00 ? 171 ARG A CA 1 
ATOM 172 C CA . LEU A 1 172 ? -0.182  -28.788 26.914  1.00 20.00 ? 172 LEU A CA 1 
ATOM 173 C CA . GLY A 1 173 ? -1.974  -26.570 29.486  1.00 20.00 ? 173 GLY A CA 1 
ATOM 174 C CA . ALA A 1 174 ? -4.665  -26.214 32.072  1.00 20.00 ? 174 ALA A CA 1 
ATOM 175 C CA . ARG A 1 175 ? -8.275  -27.240 32.498  1.00 20.00 ? 175 ARG A CA 1 
ATOM 176 C CA . VAL A 1 176 ? -10.088 -25.550 29.693  1.00 20.00 ? 176 VAL A CA 1 
ATOM 177 C CA . LEU A 1 177 ? -13.478 -24.546 30.752  1.00 20.00 ? 177 LEU A CA 1 
ATOM 178 C CA . PHE A 1 178 ? -16.299 -22.568 28.801  1.00 20.00 ? 178 PHE A CA 1 
ATOM 179 C CA . SER A 1 179 ? -19.894 -21.029 28.621  1.00 20.00 ? 179 SER A CA 1 
ATOM 180 C CA . GLY A 1 180 ? -22.190 -19.951 25.824  1.00 20.00 ? 180 GLY A CA 1 
ATOM 181 C CA . PRO A 1 181 ? -24.409 -21.594 23.588  1.00 20.00 ? 181 PRO A CA 1 
ATOM 182 C CA . SER A 1 182 ? -26.574 -19.121 21.649  1.00 20.00 ? 182 SER A CA 1 
ATOM 183 C CA . GLU A 1 183 ? -24.209 -21.004 19.193  1.00 20.00 ? 183 GLU A CA 1 
ATOM 184 C CA . TRP A 1 184 ? -24.195 -24.554 21.089  1.00 20.00 ? 184 TRP A CA 1 
ATOM 185 C CA . GLN A 1 185 ? -20.852 -26.071 22.078  1.00 20.00 ? 185 GLN A CA 1 
ATOM 186 C CA . ASP A 1 186 ? -18.304 -25.329 24.747  1.00 20.00 ? 186 ASP A CA 1 
ATOM 187 C CA . GLU A 1 187 ? -14.976 -26.520 23.599  1.00 20.00 ? 187 GLU A CA 1 
ATOM 188 C CA . GLU A 1 188 ? -14.497 -29.837 21.847  1.00 20.00 ? 188 GLU A CA 1 
ATOM 189 C CA . ASN A 1 189 ? -11.499 -32.080 21.136  1.00 20.00 ? 189 ASN A CA 1 
ATOM 190 C CA . THR A 1 190 ? -9.828  -31.352 24.480  1.00 20.00 ? 190 THR A CA 1 
ATOM 191 C CA . PHE A 1 191 ? -11.174 -30.180 27.807  1.00 20.00 ? 191 PHE A CA 1 
ATOM 192 C CA . GLY A 1 192 ? -14.644 -29.275 26.961  1.00 20.00 ? 192 GLY A CA 1 
ATOM 193 C CA . THR A 1 193 ? -17.726 -29.637 29.081  1.00 20.00 ? 193 THR A CA 1 
ATOM 194 C CA . TYR A 1 194 ? -20.213 -26.738 29.307  1.00 20.00 ? 194 TYR A CA 1 
ATOM 195 C CA . VAL A 1 195 ? -21.552 -24.187 31.665  1.00 20.00 ? 195 VAL A CA 1 
ATOM 196 C CA . SER A 1 196 ? -24.386 -21.718 31.637  1.00 20.00 ? 196 SER A CA 1 
ATOM 197 C CA . MET A 1 197 ? -24.596 -17.815 31.373  1.00 20.00 ? 197 MET A CA 1 
ATOM 198 C CA . ASP A 1 198 ? -20.939 -17.961 32.564  1.00 20.00 ? 198 ASP A CA 1 
ATOM 199 C CA . GLU A 1 199 ? -21.769 -18.037 36.318  1.00 20.00 ? 199 GLU A CA 1 
ATOM 200 C CA . ALA A 1 200 ? -21.118 -21.708 37.258  1.00 20.00 ? 200 ALA A CA 1 
ATOM 201 C CA . VAL A 1 201 ? -17.734 -20.376 36.656  1.00 20.00 ? 201 VAL A CA 1 
ATOM 202 C CA . GLU A 1 202 ? -16.499 -17.870 39.561  1.00 20.00 ? 202 GLU A CA 1 
ATOM 203 C CA . SER A 1 203 ? -13.741 -20.366 39.169  1.00 20.00 ? 203 SER A CA 1 
ATOM 204 C CA . SER A 1 204 ? -11.803 -19.752 35.915  1.00 20.00 ? 204 SER A CA 1 
ATOM 205 C CA . ASP A 1 205 ? -8.888  -17.426 36.398  1.00 20.00 ? 205 ASP A CA 1 
ATOM 206 C CA . VAL A 1 206 ? -8.542  -16.294 32.828  1.00 20.00 ? 206 VAL A CA 1 
ATOM 207 C CA . VAL A 1 207 ? -11.705 -15.399 30.791  1.00 20.00 ? 207 VAL A CA 1 
ATOM 208 C CA . MET A 1 208 ? -11.306 -15.684 26.906  1.00 20.00 ? 208 MET A CA 1 
ATOM 209 C CA . LEU A 1 209 ? -14.074 -13.874 25.205  1.00 20.00 ? 209 LEU A CA 1 
ATOM 210 C CA . LEU A 1 210 ? -14.820 -14.694 21.579  1.00 20.00 ? 210 LEU A CA 1 
ATOM 211 C CA . ARG A 1 211 ? -16.134 -11.931 19.242  1.00 20.00 ? 211 ARG A CA 1 
ATOM 212 C CA . ILE A 1 212 ? -19.690 -12.837 18.459  1.00 20.00 ? 212 ILE A CA 1 
ATOM 213 C CA . GLN A 1 213 ? -19.880 -12.231 14.859  1.00 20.00 ? 213 GLN A CA 1 
ATOM 214 C CA . ASN A 1 214 ? -23.697 -12.614 15.537  1.00 20.00 ? 214 ASN A CA 1 
ATOM 215 C CA . GLU A 1 215 ? -25.186 -13.434 12.118  1.00 20.00 ? 215 GLU A CA 1 
ATOM 216 C CA . ARG A 1 216 ? -25.884 -17.061 12.281  1.00 20.00 ? 216 ARG A CA 1 
ATOM 217 C CA . HIS A 1 217 ? -29.503 -17.244 13.766  1.00 20.00 ? 217 HIS A CA 1 
ATOM 218 C CA . GLN A 1 218 ? -33.219 -16.132 13.990  1.00 20.00 ? 218 GLN A CA 1 
ATOM 219 C CA . SER A 1 219 ? -33.732 -12.927 16.039  1.00 20.00 ? 219 SER A CA 1 
ATOM 220 C CA . ALA A 1 220 ? -36.197 -10.057 16.227  1.00 20.00 ? 220 ALA A CA 1 
ATOM 221 C CA . VAL A 1 221 ? -33.275 -8.231  14.575  1.00 20.00 ? 221 VAL A CA 1 
ATOM 222 C CA . SER A 1 222 ? -32.661 -5.644  16.956  1.00 20.00 ? 222 SER A CA 1 
ATOM 223 C CA . GLN A 1 223 ? -31.104 -8.917  18.456  1.00 20.00 ? 223 GLN A CA 1 
ATOM 224 C CA . GLU A 1 224 ? -32.532 -11.327 21.089  1.00 20.00 ? 224 GLU A CA 1 
ATOM 225 C CA . GLY A 1 225 ? -30.017 -14.304 20.852  1.00 20.00 ? 225 GLY A CA 1 
ATOM 226 C CA . TYR A 1 226 ? -27.449 -12.924 23.287  1.00 20.00 ? 226 TYR A CA 1 
ATOM 227 C CA . LEU A 1 227 ? -29.555 -10.933 25.942  1.00 20.00 ? 227 LEU A CA 1 
ATOM 228 C CA . ASN A 1 228 ? -32.372 -13.581 26.132  1.00 20.00 ? 228 ASN A CA 1 
ATOM 229 C CA . LYS A 1 229 ? -29.388 -15.913 26.503  1.00 20.00 ? 229 LYS A CA 1 
ATOM 230 C CA . TYR A 1 230 ? -29.016 -14.245 29.857  1.00 20.00 ? 230 TYR A CA 1 
ATOM 231 C CA . GLY A 1 231 ? -27.658 -10.702 29.969  1.00 20.00 ? 231 GLY A CA 1 
ATOM 232 C CA . LEU A 1 232 ? -25.185 -9.757  27.282  1.00 20.00 ? 232 LEU A CA 1 
ATOM 233 C CA . THR A 1 233 ? -24.457 -13.504 28.072  1.00 20.00 ? 233 THR A CA 1 
ATOM 234 C CA . VAL A 1 234 ? -20.908 -12.935 28.786  1.00 20.00 ? 234 VAL A CA 1 
ATOM 235 C CA . GLU A 1 235 ? -19.742 -10.171 31.158  1.00 20.00 ? 235 GLU A CA 1 
ATOM 236 C CA . ARG A 1 236 ? -20.668 -7.400  33.342  1.00 20.00 ? 236 ARG A CA 1 
ATOM 237 C CA . ALA A 1 237 ? -17.878 -9.249  35.250  1.00 20.00 ? 237 ALA A CA 1 
ATOM 238 C CA . GLU A 1 238 ? -20.333 -10.125 38.022  1.00 20.00 ? 238 GLU A CA 1 
ATOM 239 C CA . ARG A 1 239 ? -18.227 -11.688 40.922  1.00 20.00 ? 239 ARG A CA 1 
ATOM 240 C CA . MET A 1 240 ? -15.052 -13.566 40.015  1.00 20.00 ? 240 MET A CA 1 
ATOM 241 C CA . LYS A 1 241 ? -11.457 -14.563 40.347  1.00 20.00 ? 241 LYS A CA 1 
ATOM 242 C CA . ARG A 1 242 ? -9.395  -11.581 41.948  1.00 20.00 ? 242 ARG A CA 1 
ATOM 243 C CA . HIS A 1 243 ? -6.626  -12.587 39.530  1.00 20.00 ? 243 HIS A CA 1 
ATOM 244 C CA . ALA A 1 244 ? -9.306  -13.405 36.844  1.00 20.00 ? 244 ALA A CA 1 
ATOM 245 C CA . ILE A 1 245 ? -8.030  -11.698 33.661  1.00 20.00 ? 245 ILE A CA 1 
ATOM 246 C CA . ILE A 1 246 ? -10.451 -10.930 30.738  1.00 20.00 ? 246 ILE A CA 1 
ATOM 247 C CA . MET A 1 247 ? -9.045  -11.525 27.226  1.00 20.00 ? 247 MET A CA 1 
ATOM 248 C CA . HIS A 1 248 ? -10.706 -11.581 23.741  1.00 20.00 ? 248 HIS A CA 1 
ATOM 249 C CA . PRO A 1 249 ? -9.751  -12.901 20.261  1.00 20.00 ? 249 PRO A CA 1 
ATOM 250 C CA . ALA A 1 250 ? -9.755  -9.722  18.204  1.00 20.00 ? 250 ALA A CA 1 
ATOM 251 C CA . PRO A 1 251 ? -10.367 -6.705  20.611  1.00 20.00 ? 251 PRO A CA 1 
ATOM 252 C CA . VAL A 1 252 ? -13.905 -5.148  20.705  1.00 20.00 ? 252 VAL A CA 1 
ATOM 253 C CA . ASN A 1 253 ? -16.291 -3.802  23.444  1.00 20.00 ? 253 ASN A CA 1 
ATOM 254 C CA . ARG A 1 254 ? -19.914 -3.362  22.267  1.00 20.00 ? 254 ARG A CA 1 
ATOM 255 C CA . GLY A 1 255 ? -22.456 -4.632  24.768  1.00 20.00 ? 255 GLY A CA 1 
ATOM 256 C CA . VAL A 1 256 ? -22.503 -8.093  23.338  1.00 20.00 ? 256 VAL A CA 1 
ATOM 257 C CA . GLU A 1 257 ? -19.811 -9.983  25.207  1.00 20.00 ? 257 GLU A CA 1 
ATOM 258 C CA . ILE A 1 258 ? -18.553 -7.396  27.671  1.00 20.00 ? 258 ILE A CA 1 
ATOM 259 C CA . ASP A 1 259 ? -19.783 -4.253  29.389  1.00 20.00 ? 259 ASP A CA 1 
ATOM 260 C CA . ASP A 1 260 ? -17.079 -1.765  28.140  1.00 20.00 ? 260 ASP A CA 1 
ATOM 261 C CA . SER A 1 261 ? -16.518 -0.951  31.803  1.00 20.00 ? 261 SER A CA 1 
ATOM 262 C CA . LEU A 1 262 ? -14.553 -4.203  31.767  1.00 20.00 ? 262 LEU A CA 1 
ATOM 263 C CA . VAL A 1 263 ? -12.653 -3.479  28.584  1.00 20.00 ? 263 VAL A CA 1 
ATOM 264 C CA . GLU A 1 264 ? -11.055 -0.470  30.227  1.00 20.00 ? 264 GLU A CA 1 
ATOM 265 C CA . SER A 1 265 ? -10.479 -2.557  33.359  1.00 20.00 ? 265 SER A CA 1 
ATOM 266 C CA . GLU A 1 266 ? -7.608  -3.320  35.762  1.00 20.00 ? 266 GLU A CA 1 
ATOM 267 C CA . LYS A 1 267 ? -8.813  -6.899  35.174  1.00 20.00 ? 267 LYS A CA 1 
ATOM 268 C CA . SER A 1 268 ? -8.604  -6.662  31.307  1.00 20.00 ? 268 SER A CA 1 
ATOM 269 C CA . ARG A 1 269 ? -5.603  -7.896  29.293  1.00 20.00 ? 269 ARG A CA 1 
ATOM 270 C CA . ILE A 1 270 ? -6.991  -6.888  25.850  1.00 20.00 ? 270 ILE A CA 1 
ATOM 271 C CA . PHE A 1 271 ? -4.588  -4.138  24.676  1.00 20.00 ? 271 PHE A CA 1 
ATOM 272 C CA . LYS A 1 272 ? -1.590  -5.915  26.204  1.00 20.00 ? 272 LYS A CA 1 
ATOM 273 C CA . GLN A 1 273 ? -2.300  -9.099  24.076  1.00 20.00 ? 273 GLN A CA 1 
ATOM 274 C CA . MET A 1 274 ? -2.507  -6.595  21.203  1.00 20.00 ? 274 MET A CA 1 
ATOM 275 C CA . LYS A 1 275 ? 1.093   -5.585  22.140  1.00 20.00 ? 275 LYS A CA 1 
ATOM 276 C CA . ASN A 1 276 ? 2.207   -9.088  22.777  1.00 20.00 ? 276 ASN A CA 1 
ATOM 277 C CA . GLY A 1 277 ? 0.979   -9.997  19.232  1.00 20.00 ? 277 GLY A CA 1 
ATOM 278 C CA . VAL A 1 278 ? 4.068   -8.380  17.681  1.00 20.00 ? 278 VAL A CA 1 
ATOM 279 C CA . PHE A 1 279 ? 6.686   -10.108 19.849  1.00 20.00 ? 279 PHE A CA 1 
ATOM 280 C CA . ILE A 1 280 ? 5.445   -13.579 19.220  1.00 20.00 ? 280 ILE A CA 1 
ATOM 281 C CA . ARG A 1 281 ? 5.012   -12.835 15.450  1.00 20.00 ? 281 ARG A CA 1 
ATOM 282 C CA . MET A 1 282 ? 8.638   -11.535 15.520  1.00 20.00 ? 282 MET A CA 1 
ATOM 283 C CA . ALA A 1 283 ? 9.828   -14.733 17.186  1.00 20.00 ? 283 ALA A CA 1 
ATOM 284 C CA . VAL A 1 284 ? 7.701   -16.818 14.752  1.00 20.00 ? 284 VAL A CA 1 
ATOM 285 C CA . ILE A 1 285 ? 9.381   -15.245 11.737  1.00 20.00 ? 285 ILE A CA 1 
ATOM 286 C CA . GLN A 1 286 ? 12.805  -16.243 13.118  1.00 20.00 ? 286 GLN A CA 1 
ATOM 287 C CA . CYS A 1 287 ? 11.461  -19.817 13.894  1.00 20.00 ? 287 CYS A CA 1 
ATOM 288 C CA . ALA A 1 288 ? 10.726  -19.892 10.124  1.00 20.00 ? 288 ALA A CA 1 
ATOM 289 C CA . LEU A 1 289 ? 13.744  -18.170 8.432   1.00 20.00 ? 289 LEU A CA 1 
ATOM 290 C CA . GLN A 1 290 ? 16.878  -19.036 10.397  1.00 20.00 ? 290 GLN A CA 1 
ATOM 291 C CA . THR A 1 291 ? 19.308  -21.846 10.383  1.00 20.00 ? 291 THR A CA 1 
ATOM 292 C CA . ASN A 1 292 ? 20.575  -21.012 13.994  1.00 20.00 ? 292 ASN A CA 1 
ATOM 293 C CA . VAL A 1 293 ? 20.520  -17.807 16.439  1.00 20.00 ? 293 VAL A CA 1 
ATOM 294 C CA . LYS A 1 294 ? 21.810  -16.164 19.822  1.00 20.00 ? 294 LYS A CA 1 
ATOM 295 C CA . ARG A 1 295 ? 20.682  -13.881 22.726  1.00 20.00 ? 295 ARG A CA 1 
ATOM 296 C CA . MET B 1 1   ? 18.820  10.773  -16.543 1.00 20.00 ? 1   MET B CA 1 
ATOM 297 C CA . LYS B 1 2   ? 17.587  8.484   -19.248 1.00 20.00 ? 2   LYS B CA 1 
ATOM 298 C CA . HIS B 1 3   ? 13.844  8.533   -19.661 1.00 20.00 ? 3   HIS B CA 1 
ATOM 299 C CA . LEU B 1 4   ? 12.766  4.828   -20.152 1.00 20.00 ? 4   LEU B CA 1 
ATOM 300 C CA . THR B 1 5   ? 9.694   4.975   -22.283 1.00 20.00 ? 5   THR B CA 1 
ATOM 301 C CA . THR B 1 6   ? 9.474   2.734   -25.490 1.00 20.00 ? 6   THR B CA 1 
ATOM 302 C CA . MET B 1 7   ? 12.506  0.491   -26.261 1.00 20.00 ? 7   MET B CA 1 
ATOM 303 C CA . SER B 1 8   ? 12.450  0.990   -30.111 1.00 20.00 ? 8   SER B CA 1 
ATOM 304 C CA . GLU B 1 9   ? 13.806  4.362   -29.157 1.00 20.00 ? 9   GLU B CA 1 
ATOM 305 C CA . LEU B 1 10  ? 17.175  3.028   -27.650 1.00 20.00 ? 10  LEU B CA 1 
ATOM 306 C CA . SER B 1 11  ? 19.492  1.267   -30.235 1.00 20.00 ? 11  SER B CA 1 
ATOM 307 C CA . THR B 1 12  ? 22.267  -1.196  -30.667 1.00 20.00 ? 12  THR B CA 1 
ATOM 308 C CA . GLU B 1 13  ? 24.684  -0.271  -27.870 1.00 20.00 ? 13  GLU B CA 1 
ATOM 309 C CA . GLU B 1 14  ? 22.444  0.462   -24.869 1.00 20.00 ? 14  GLU B CA 1 
ATOM 310 C CA . ILE B 1 15  ? 20.480  -2.964  -24.897 1.00 20.00 ? 15  ILE B CA 1 
ATOM 311 C CA . LYS B 1 16  ? 23.861  -4.729  -24.915 1.00 20.00 ? 16  LYS B CA 1 
ATOM 312 C CA . ASP B 1 17  ? 25.216  -2.285  -22.245 1.00 20.00 ? 17  ASP B CA 1 
ATOM 313 C CA . LEU B 1 18  ? 22.215  -3.049  -20.058 1.00 20.00 ? 18  LEU B CA 1 
ATOM 314 C CA . LEU B 1 19  ? 22.231  -6.909  -20.284 1.00 20.00 ? 19  LEU B CA 1 
ATOM 315 C CA . GLN B 1 20  ? 25.987  -6.924  -20.044 1.00 20.00 ? 20  GLN B CA 1 
ATOM 316 C CA . THR B 1 21  ? 25.482  -4.859  -16.807 1.00 20.00 ? 21  THR B CA 1 
ATOM 317 C CA . ALA B 1 22  ? 22.443  -6.834  -15.420 1.00 20.00 ? 22  ALA B CA 1 
ATOM 318 C CA . GLN B 1 23  ? 24.303  -10.043 -16.048 1.00 20.00 ? 23  GLN B CA 1 
ATOM 319 C CA . GLU B 1 24  ? 27.331  -8.836  -14.102 1.00 20.00 ? 24  GLU B CA 1 
ATOM 320 C CA . LEU B 1 25  ? 24.874  -7.237  -11.624 1.00 20.00 ? 25  LEU B CA 1 
ATOM 321 C CA . LYS B 1 26  ? 23.851  -10.727 -10.435 1.00 20.00 ? 26  LYS B CA 1 
ATOM 322 C CA . SER B 1 27  ? 27.189  -11.041 -8.520  1.00 20.00 ? 27  SER B CA 1 
ATOM 323 C CA . GLY B 1 28  ? 28.039  -7.396  -9.368  1.00 20.00 ? 28  GLY B CA 1 
ATOM 324 C CA . LYS B 1 29  ? 24.782  -6.731  -7.495  1.00 20.00 ? 29  LYS B CA 1 
ATOM 325 C CA . THR B 1 30  ? 25.349  -3.407  -5.705  1.00 20.00 ? 30  THR B CA 1 
ATOM 326 C CA . ASP B 1 31  ? 22.983  -0.611  -5.270  1.00 20.00 ? 31  ASP B CA 1 
ATOM 327 C CA . ASN B 1 32  ? 25.662  1.656   -4.018  1.00 20.00 ? 32  ASN B CA 1 
ATOM 328 C CA . GLN B 1 33  ? 24.880  5.064   -5.484  1.00 20.00 ? 33  GLN B CA 1 
ATOM 329 C CA . LEU B 1 34  ? 21.122  4.713   -5.276  1.00 20.00 ? 34  LEU B CA 1 
ATOM 330 C CA . THR B 1 35  ? 20.438  4.809   -1.520  1.00 20.00 ? 35  THR B CA 1 
ATOM 331 C CA . GLY B 1 36  ? 17.610  7.218   -0.776  1.00 20.00 ? 36  GLY B CA 1 
ATOM 332 C CA . LYS B 1 37  ? 15.359  8.441   -3.625  1.00 20.00 ? 37  LYS B CA 1 
ATOM 333 C CA . PHE B 1 38  ? 11.520  8.844   -3.995  1.00 20.00 ? 38  PHE B CA 1 
ATOM 334 C CA . ALA B 1 39  ? 11.189  5.695   -6.086  1.00 20.00 ? 39  ALA B CA 1 
ATOM 335 C CA . ALA B 1 40  ? 7.414   6.159   -6.620  1.00 20.00 ? 40  ALA B CA 1 
ATOM 336 C CA . ASN B 1 41  ? 5.588   3.568   -8.506  1.00 20.00 ? 41  ASN B CA 1 
ATOM 337 C CA . LEU B 1 42  ? 2.472   4.958   -9.956  1.00 20.00 ? 42  LEU B CA 1 
ATOM 338 C CA . PHE B 1 43  ? 0.437   1.993   -10.949 1.00 20.00 ? 43  PHE B CA 1 
ATOM 339 C CA . PHE B 1 44  ? -2.814  3.414   -12.298 1.00 20.00 ? 44  PHE B CA 1 
ATOM 340 C CA . GLU B 1 45  ? -3.581  0.238   -14.318 1.00 20.00 ? 45  GLU B CA 1 
ATOM 341 C CA . PRO B 1 46  ? -2.722  -2.120  -11.422 1.00 20.00 ? 46  PRO B CA 1 
ATOM 342 C CA . SER B 1 47  ? -0.158  -4.827  -12.072 1.00 20.00 ? 47  SER B CA 1 
ATOM 343 C CA . THR B 1 48  ? 1.442   -6.936  -9.430  1.00 20.00 ? 48  THR B CA 1 
ATOM 344 C CA . ARG B 1 49  ? 4.151   -9.202  -10.969 1.00 20.00 ? 49  ARG B CA 1 
ATOM 345 C CA . THR B 1 50  ? 5.301   -5.883  -12.376 1.00 20.00 ? 50  THR B CA 1 
ATOM 346 C CA . ARG B 1 51  ? 4.953   -3.854  -9.092  1.00 20.00 ? 51  ARG B CA 1 
ATOM 347 C CA . PHE B 1 52  ? 6.761   -6.184  -6.759  1.00 20.00 ? 52  PHE B CA 1 
ATOM 348 C CA . SER B 1 53  ? 9.551   -6.782  -9.414  1.00 20.00 ? 53  SER B CA 1 
ATOM 349 C CA . PHE B 1 54  ? 10.092  -3.096  -9.128  1.00 20.00 ? 54  PHE B CA 1 
ATOM 350 C CA . GLU B 1 55  ? 9.840   -2.834  -5.309  1.00 20.00 ? 55  GLU B CA 1 
ATOM 351 C CA . VAL B 1 56  ? 12.714  -5.367  -4.794  1.00 20.00 ? 56  VAL B CA 1 
ATOM 352 C CA . ALA B 1 57  ? 14.906  -3.461  -7.279  1.00 20.00 ? 57  ALA B CA 1 
ATOM 353 C CA . GLU B 1 58  ? 14.157  -0.183  -5.420  1.00 20.00 ? 58  GLU B CA 1 
ATOM 354 C CA . LYS B 1 59  ? 14.533  -1.873  -2.052  1.00 20.00 ? 59  LYS B CA 1 
ATOM 355 C CA . LYS B 1 60  ? 17.783  -3.619  -3.020  1.00 20.00 ? 60  LYS B CA 1 
ATOM 356 C CA . LEU B 1 61  ? 18.908  0.110   -3.320  1.00 20.00 ? 61  LEU B CA 1 
ATOM 357 C CA . GLY B 1 62  ? 16.729  2.736   -1.048  1.00 20.00 ? 62  GLY B CA 1 
ATOM 358 C CA . MET B 1 63  ? 13.235  4.666   -0.186  1.00 20.00 ? 63  MET B CA 1 
ATOM 359 C CA . ASN B 1 64  ? 9.908   3.978   -2.025  1.00 20.00 ? 64  ASN B CA 1 
ATOM 360 C CA . VAL B 1 65  ? 6.335   5.242   -2.225  1.00 20.00 ? 65  VAL B CA 1 
ATOM 361 C CA . LEU B 1 66  ? 3.452   3.247   -3.913  1.00 20.00 ? 66  LEU B CA 1 
ATOM 362 C CA . ASN B 1 67  ? 0.058   3.841   -5.403  1.00 20.00 ? 67  ASN B CA 1 
ATOM 363 C CA . LEU B 1 68  ? -2.213  1.791   -7.672  1.00 20.00 ? 68  LEU B CA 1 
ATOM 364 C CA . ASP B 1 69  ? -5.158  4.263   -8.236  1.00 20.00 ? 69  ASP B CA 1 
ATOM 365 C CA . GLY B 1 70  ? -7.200  1.556   -10.244 1.00 20.00 ? 70  GLY B CA 1 
ATOM 366 C CA . THR B 1 71  ? -10.391 2.474   -8.387  1.00 20.00 ? 71  THR B CA 1 
ATOM 367 C CA . SER B 1 72  ? -10.043 6.292   -8.526  1.00 20.00 ? 72  SER B CA 1 
ATOM 368 C CA . THR B 1 73  ? -8.365  8.918   -6.294  1.00 20.00 ? 73  THR B CA 1 
ATOM 369 C CA . SER B 1 74  ? -11.325 10.518  -4.518  1.00 20.00 ? 74  SER B CA 1 
ATOM 370 C CA . VAL B 1 75  ? -9.635  13.853  -4.912  1.00 20.00 ? 75  VAL B CA 1 
ATOM 371 C CA . GLN B 1 76  ? -11.140 16.462  -7.318  1.00 20.00 ? 76  GLN B CA 1 
ATOM 372 C CA . LYS B 1 77  ? -12.794 14.601  -10.274 1.00 20.00 ? 77  LYS B CA 1 
ATOM 373 C CA . GLY B 1 78  ? -11.520 12.799  -13.504 1.00 20.00 ? 78  GLY B CA 1 
ATOM 374 C CA . GLU B 1 79  ? -7.843  12.604  -12.433 1.00 20.00 ? 79  GLU B CA 1 
ATOM 375 C CA . THR B 1 80  ? -6.135  11.595  -15.696 1.00 20.00 ? 80  THR B CA 1 
ATOM 376 C CA . LEU B 1 81  ? -6.954  15.097  -16.927 1.00 20.00 ? 81  LEU B CA 1 
ATOM 377 C CA . TYR B 1 82  ? -4.728  16.350  -14.110 1.00 20.00 ? 82  TYR B CA 1 
ATOM 378 C CA . ASP B 1 83  ? -1.614  14.364  -14.669 1.00 20.00 ? 83  ASP B CA 1 
ATOM 379 C CA . THR B 1 84  ? 1.421   16.085  -16.063 1.00 20.00 ? 84  THR B CA 1 
ATOM 380 C CA . ILE B 1 85  ? 1.107   18.781  -13.358 1.00 20.00 ? 85  ILE B CA 1 
ATOM 381 C CA . ARG B 1 86  ? 2.052   15.842  -11.054 1.00 20.00 ? 86  ARG B CA 1 
ATOM 382 C CA . THR B 1 87  ? 5.279   14.897  -12.756 1.00 20.00 ? 87  THR B CA 1 
ATOM 383 C CA . LEU B 1 88  ? 5.740   18.728  -13.006 1.00 20.00 ? 88  LEU B CA 1 
ATOM 384 C CA . GLU B 1 89  ? 5.495   19.227  -9.196  1.00 20.00 ? 89  GLU B CA 1 
ATOM 385 C CA . SER B 1 90  ? 8.527   17.219  -10.052 1.00 20.00 ? 90  SER B CA 1 
ATOM 386 C CA . ILE B 1 91  ? 10.629  20.200  -10.970 1.00 20.00 ? 91  ILE B CA 1 
ATOM 387 C CA . GLY B 1 92  ? 12.298  17.534  -8.768  1.00 20.00 ? 92  GLY B CA 1 
ATOM 388 C CA . VAL B 1 93  ? 10.284  14.824  -6.785  1.00 20.00 ? 93  VAL B CA 1 
ATOM 389 C CA . ASP B 1 94  ? 11.748  11.964  -8.799  1.00 20.00 ? 94  ASP B CA 1 
ATOM 390 C CA . VAL B 1 95  ? 9.022   9.329   -10.021 1.00 20.00 ? 95  VAL B CA 1 
ATOM 391 C CA . CYS B 1 96  ? 10.146  6.447   -12.091 1.00 20.00 ? 96  CYS B CA 1 
ATOM 392 C CA . VAL B 1 97  ? 7.543   3.912   -12.969 1.00 20.00 ? 97  VAL B CA 1 
ATOM 393 C CA . ILE B 1 98  ? 4.335   4.735   -14.765 1.00 20.00 ? 98  ILE B CA 1 
ATOM 394 C CA . ARG B 1 99  ? 1.482   2.520   -15.708 1.00 20.00 ? 99  ARG B CA 1 
ATOM 395 C CA . HIS B 1 100 ? -1.429  4.124   -17.697 1.00 20.00 ? 100 HIS B CA 1 
ATOM 396 C CA . SER B 1 101 ? -4.344  3.688   -19.930 1.00 20.00 ? 101 SER B CA 1 
ATOM 397 C CA . GLU B 1 102 ? -3.888  5.714   -23.215 1.00 20.00 ? 102 GLU B CA 1 
ATOM 398 C CA . ASP B 1 103 ? -0.722  5.118   -25.310 1.00 20.00 ? 103 ASP B CA 1 
ATOM 399 C CA . GLU B 1 104 ? 0.334   8.825   -25.544 1.00 20.00 ? 104 GLU B CA 1 
ATOM 400 C CA . TYR B 1 105 ? 3.323   9.112   -23.007 1.00 20.00 ? 105 TYR B CA 1 
ATOM 401 C CA . TYR B 1 106 ? 4.601   12.399  -24.418 1.00 20.00 ? 106 TYR B CA 1 
ATOM 402 C CA . GLU B 1 107 ? 1.671   13.921  -22.658 1.00 20.00 ? 107 GLU B CA 1 
ATOM 403 C CA . GLU B 1 108 ? 2.761   12.659  -19.340 1.00 20.00 ? 108 GLU B CA 1 
ATOM 404 C CA . LEU B 1 109 ? 6.280   13.861  -20.185 1.00 20.00 ? 109 LEU B CA 1 
ATOM 405 C CA . VAL B 1 110 ? 6.141   17.482  -21.548 1.00 20.00 ? 110 VAL B CA 1 
ATOM 406 C CA . SER B 1 111 ? 5.305   19.191  -18.276 1.00 20.00 ? 111 SER B CA 1 
ATOM 407 C CA . GLN B 1 112 ? 8.437   17.880  -16.609 1.00 20.00 ? 112 GLN B CA 1 
ATOM 408 C CA . VAL B 1 113 ? 10.727  16.626  -19.454 1.00 20.00 ? 113 VAL B CA 1 
ATOM 409 C CA . ASN B 1 114 ? 13.427  16.011  -16.661 1.00 20.00 ? 114 ASN B CA 1 
ATOM 410 C CA . ILE B 1 115 ? 13.063  13.286  -13.859 1.00 20.00 ? 115 ILE B CA 1 
ATOM 411 C CA . PRO B 1 116 ? 13.719  10.078  -15.498 1.00 20.00 ? 116 PRO B CA 1 
ATOM 412 C CA . ILE B 1 117 ? 10.462  8.031   -15.366 1.00 20.00 ? 117 ILE B CA 1 
ATOM 413 C CA . LEU B 1 118 ? 10.250  4.350   -16.392 1.00 20.00 ? 118 LEU B CA 1 
ATOM 414 C CA . ASN B 1 119 ? 7.688   2.257   -18.316 1.00 20.00 ? 119 ASN B CA 1 
ATOM 415 C CA . ALA B 1 120 ? 5.607   -0.381  -16.914 1.00 20.00 ? 120 ALA B CA 1 
ATOM 416 C CA . GLY B 1 121 ? 2.642   -0.405  -19.290 1.00 20.00 ? 121 GLY B CA 1 
ATOM 417 C CA . ASP B 1 122 ? 1.329   2.743   -20.870 1.00 20.00 ? 122 ASP B CA 1 
ATOM 418 C CA . GLY B 1 123 ? 0.226   0.626   -23.992 1.00 20.00 ? 123 GLY B CA 1 
ATOM 419 C CA . CYS B 1 124 ? -0.656  -2.726  -25.693 1.00 20.00 ? 124 CYS B CA 1 
ATOM 420 C CA . GLY B 1 125 ? 2.508   -3.027  -27.621 1.00 20.00 ? 125 GLY B CA 1 
ATOM 421 C CA . GLN B 1 126 ? 4.965   -1.822  -24.985 1.00 20.00 ? 126 GLN B CA 1 
ATOM 422 C CA . HIS B 1 127 ? 6.623   -2.764  -21.799 1.00 20.00 ? 127 HIS B CA 1 
ATOM 423 C CA . PRO B 1 128 ? 10.411  -2.215  -22.465 1.00 20.00 ? 128 PRO B CA 1 
ATOM 424 C CA . THR B 1 129 ? 11.187  -3.862  -19.120 1.00 20.00 ? 129 THR B CA 1 
ATOM 425 C CA . GLN B 1 130 ? 9.534   -7.137  -20.140 1.00 20.00 ? 130 GLN B CA 1 
ATOM 426 C CA . SER B 1 131 ? 11.203  -7.300  -23.597 1.00 20.00 ? 131 SER B CA 1 
ATOM 427 C CA . LEU B 1 132 ? 14.531  -6.559  -21.941 1.00 20.00 ? 132 LEU B CA 1 
ATOM 428 C CA . LEU B 1 133 ? 14.582  -9.414  -19.368 1.00 20.00 ? 133 LEU B CA 1 
ATOM 429 C CA . ASP B 1 134 ? 13.257  -11.709 -22.198 1.00 20.00 ? 134 ASP B CA 1 
ATOM 430 C CA . LEU B 1 135 ? 16.425  -10.666 -24.073 1.00 20.00 ? 135 LEU B CA 1 
ATOM 431 C CA . MET B 1 136 ? 18.434  -11.388 -20.760 1.00 20.00 ? 136 MET B CA 1 
ATOM 432 C CA . THR B 1 137 ? 16.968  -14.888 -20.430 1.00 20.00 ? 137 THR B CA 1 
ATOM 433 C CA . ILE B 1 138 ? 17.450  -15.920 -24.054 1.00 20.00 ? 138 ILE B CA 1 
ATOM 434 C CA . TYR B 1 139 ? 20.916  -14.304 -23.915 1.00 20.00 ? 139 TYR B CA 1 
ATOM 435 C CA . GLU B 1 140 ? 22.094  -16.217 -20.800 1.00 20.00 ? 140 GLU B CA 1 
ATOM 436 C CA . GLU B 1 141 ? 22.568  -19.561 -22.633 1.00 20.00 ? 141 GLU B CA 1 
ATOM 437 C CA . PHE B 1 142 ? 23.504  -18.443 -26.164 1.00 20.00 ? 142 PHE B CA 1 
ATOM 438 C CA . ASN B 1 143 ? 25.570  -15.263 -25.360 1.00 20.00 ? 143 ASN B CA 1 
ATOM 439 C CA . THR B 1 144 ? 24.899  -13.926 -28.913 1.00 20.00 ? 144 THR B CA 1 
ATOM 440 C CA . PHE B 1 145 ? 21.587  -13.283 -30.689 1.00 20.00 ? 145 PHE B CA 1 
ATOM 441 C CA . LYS B 1 146 ? 23.174  -14.276 -34.030 1.00 20.00 ? 146 LYS B CA 1 
ATOM 442 C CA . GLY B 1 147 ? 21.667  -17.200 -35.814 1.00 20.00 ? 147 GLY B CA 1 
ATOM 443 C CA . LEU B 1 148 ? 18.681  -17.387 -33.432 1.00 20.00 ? 148 LEU B CA 1 
ATOM 444 C CA . THR B 1 149 ? 15.524  -18.461 -35.139 1.00 20.00 ? 149 THR B CA 1 
ATOM 445 C CA . VAL B 1 150 ? 13.297  -17.584 -32.283 1.00 20.00 ? 150 VAL B CA 1 
ATOM 446 C CA . SER B 1 151 ? 9.619   -18.105 -32.453 1.00 20.00 ? 151 SER B CA 1 
ATOM 447 C CA . ILE B 1 152 ? 6.881   -16.201 -30.688 1.00 20.00 ? 152 ILE B CA 1 
ATOM 448 C CA . HIS B 1 153 ? 3.474   -17.926 -30.155 1.00 20.00 ? 153 HIS B CA 1 
ATOM 449 C CA . GLY B 1 154 ? -0.241  -16.937 -29.814 1.00 20.00 ? 154 GLY B CA 1 
ATOM 450 C CA . ASP B 1 155 ? -0.464  -13.145 -30.465 1.00 20.00 ? 155 ASP B CA 1 
ATOM 451 C CA . ILE B 1 156 ? 0.545   -11.067 -33.356 1.00 20.00 ? 156 ILE B CA 1 
ATOM 452 C CA . LYS B 1 157 ? -2.248  -8.614  -33.224 1.00 20.00 ? 157 LYS B CA 1 
ATOM 453 C CA . HIS B 1 158 ? -3.764  -7.082  -30.155 1.00 20.00 ? 158 HIS B CA 1 
ATOM 454 C CA . SER B 1 159 ? -0.930  -7.278  -27.729 1.00 20.00 ? 159 SER B CA 1 
ATOM 455 C CA . ARG B 1 160 ? 2.332   -6.091  -26.450 1.00 20.00 ? 160 ARG B CA 1 
ATOM 456 C CA . VAL B 1 161 ? 5.916   -7.520  -26.644 1.00 20.00 ? 161 VAL B CA 1 
ATOM 457 C CA . ALA B 1 162 ? 5.043   -9.827  -29.552 1.00 20.00 ? 162 ALA B CA 1 
ATOM 458 C CA . ARG B 1 163 ? 5.747   -7.347  -32.288 1.00 20.00 ? 163 ARG B CA 1 
ATOM 459 C CA . SER B 1 164 ? 7.806   -5.250  -29.827 1.00 20.00 ? 164 SER B CA 1 
ATOM 460 C CA . ASN B 1 165 ? 10.177  -8.276  -29.267 1.00 20.00 ? 165 ASN B CA 1 
ATOM 461 C CA . ALA B 1 166 ? 9.784   -9.184  -32.933 1.00 20.00 ? 166 ALA B CA 1 
ATOM 462 C CA . GLU B 1 167 ? 11.109  -5.872  -34.286 1.00 20.00 ? 167 GLU B CA 1 
ATOM 463 C CA . VAL B 1 168 ? 14.035  -5.980  -31.899 1.00 20.00 ? 168 VAL B CA 1 
ATOM 464 C CA . LEU B 1 169 ? 15.134  -9.622  -32.491 1.00 20.00 ? 169 LEU B CA 1 
ATOM 465 C CA . THR B 1 170 ? 15.757  -8.969  -36.083 1.00 20.00 ? 170 THR B CA 1 
ATOM 466 C CA . ARG B 1 171 ? 18.330  -6.032  -35.746 1.00 20.00 ? 171 ARG B CA 1 
ATOM 467 C CA . LEU B 1 172 ? 21.026  -7.290  -38.224 1.00 20.00 ? 172 LEU B CA 1 
ATOM 468 C CA . GLY B 1 173 ? 20.944  -11.068 -37.784 1.00 20.00 ? 173 GLY B CA 1 
ATOM 469 C CA . ALA B 1 174 ? 18.239  -13.138 -35.880 1.00 20.00 ? 174 ALA B CA 1 
ATOM 470 C CA . ARG B 1 175 ? 15.337  -15.026 -37.511 1.00 20.00 ? 175 ARG B CA 1 
ATOM 471 C CA . VAL B 1 176 ? 12.109  -14.133 -35.685 1.00 20.00 ? 176 VAL B CA 1 
ATOM 472 C CA . LEU B 1 177 ? 9.910   -16.808 -36.973 1.00 20.00 ? 177 LEU B CA 1 
ATOM 473 C CA . PHE B 1 178 ? 6.474   -17.295 -35.281 1.00 20.00 ? 178 PHE B CA 1 
ATOM 474 C CA . SER B 1 179 ? 3.081   -18.832 -34.489 1.00 20.00 ? 179 SER B CA 1 
ATOM 475 C CA . GLY B 1 180 ? 0.288   -20.863 -35.604 1.00 20.00 ? 180 GLY B CA 1 
ATOM 476 C CA . PRO B 1 181 ? -2.082  -17.819 -35.613 1.00 20.00 ? 181 PRO B CA 1 
ATOM 477 C CA . SER B 1 182 ? -5.420  -17.852 -33.916 1.00 20.00 ? 182 SER B CA 1 
ATOM 478 C CA . GLU B 1 183 ? -5.605  -14.240 -35.460 1.00 20.00 ? 183 GLU B CA 1 
ATOM 479 C CA . TRP B 1 184 ? -2.645  -12.783 -37.607 1.00 20.00 ? 184 TRP B CA 1 
ATOM 480 C CA . GLN B 1 185 ? 0.213   -12.728 -40.166 1.00 20.00 ? 185 GLN B CA 1 
ATOM 481 C CA . ASP B 1 186 ? 3.000   -13.264 -37.714 1.00 20.00 ? 186 ASP B CA 1 
ATOM 482 C CA . GLU B 1 187 ? 3.893   -10.169 -36.020 1.00 20.00 ? 187 GLU B CA 1 
ATOM 483 C CA . GLU B 1 188 ? 5.771   -8.697  -38.891 1.00 20.00 ? 188 GLU B CA 1 
ATOM 484 C CA . ASN B 1 189 ? 7.126   -5.325  -39.456 1.00 20.00 ? 189 ASN B CA 1 
ATOM 485 C CA . THR B 1 190 ? 10.353  -5.372  -41.544 1.00 20.00 ? 190 THR B CA 1 
ATOM 486 C CA . PHE B 1 191 ? 10.048  -9.157  -41.190 1.00 20.00 ? 191 PHE B CA 1 
ATOM 487 C CA . GLY B 1 192 ? 8.555   -11.432 -38.603 1.00 20.00 ? 192 GLY B CA 1 
ATOM 488 C CA . THR B 1 193 ? 7.380   -14.718 -40.064 1.00 20.00 ? 193 THR B CA 1 
ATOM 489 C CA . TYR B 1 194 ? 4.358   -17.028 -40.327 1.00 20.00 ? 194 TYR B CA 1 
ATOM 490 C CA . VAL B 1 195 ? 4.357   -20.737 -39.728 1.00 20.00 ? 195 VAL B CA 1 
ATOM 491 C CA . SER B 1 196 ? 2.860   -23.040 -37.002 1.00 20.00 ? 196 SER B CA 1 
ATOM 492 C CA . MET B 1 197 ? 3.817   -24.759 -33.631 1.00 20.00 ? 197 MET B CA 1 
ATOM 493 C CA . ASP B 1 198 ? 7.218   -26.519 -32.958 1.00 20.00 ? 198 ASP B CA 1 
ATOM 494 C CA . GLU B 1 199 ? 6.867   -28.989 -35.657 1.00 20.00 ? 199 GLU B CA 1 
ATOM 495 C CA . ALA B 1 200 ? 7.198   -26.281 -38.235 1.00 20.00 ? 200 ALA B CA 1 
ATOM 496 C CA . VAL B 1 201 ? 9.923   -24.408 -36.425 1.00 20.00 ? 201 VAL B CA 1 
ATOM 497 C CA . GLU B 1 202 ? 12.161  -27.235 -34.883 1.00 20.00 ? 202 GLU B CA 1 
ATOM 498 C CA . SER B 1 203 ? 15.727  -25.670 -35.004 1.00 20.00 ? 203 SER B CA 1 
ATOM 499 C CA . SER B 1 204 ? 13.778  -22.877 -33.175 1.00 20.00 ? 204 SER B CA 1 
ATOM 500 C CA . ASP B 1 205 ? 15.952  -22.210 -30.115 1.00 20.00 ? 205 ASP B CA 1 
ATOM 501 C CA . VAL B 1 206 ? 13.484  -20.085 -28.165 1.00 20.00 ? 206 VAL B CA 1 
ATOM 502 C CA . VAL B 1 207 ? 9.778   -20.552 -27.955 1.00 20.00 ? 207 VAL B CA 1 
ATOM 503 C CA . MET B 1 208 ? 8.239   -17.243 -26.767 1.00 20.00 ? 208 MET B CA 1 
ATOM 504 C CA . LEU B 1 209 ? 4.695   -17.816 -25.650 1.00 20.00 ? 209 LEU B CA 1 
ATOM 505 C CA . LEU B 1 210 ? 2.056   -15.099 -24.834 1.00 20.00 ? 210 LEU B CA 1 
ATOM 506 C CA . ARG B 1 211 ? -1.421  -15.497 -23.181 1.00 20.00 ? 211 ARG B CA 1 
ATOM 507 C CA . ILE B 1 212 ? -4.030  -16.500 -25.738 1.00 20.00 ? 212 ILE B CA 1 
ATOM 508 C CA . GLN B 1 213 ? -7.299  -16.002 -23.889 1.00 20.00 ? 213 GLN B CA 1 
ATOM 509 C CA . ASN B 1 214 ? -11.019 -16.659 -24.701 1.00 20.00 ? 214 ASN B CA 1 
ATOM 510 C CA . GLU B 1 215 ? -13.130 -13.708 -23.180 1.00 20.00 ? 215 GLU B CA 1 
ATOM 511 C CA . ARG B 1 216 ? -12.957 -12.819 -26.851 1.00 20.00 ? 216 ARG B CA 1 
ATOM 512 C CA . HIS B 1 217 ? -11.055 -15.509 -28.872 1.00 20.00 ? 217 HIS B CA 1 
ATOM 513 C CA . GLN B 1 218 ? -13.911 -16.514 -31.116 1.00 20.00 ? 218 GLN B CA 1 
ATOM 514 C CA . SER B 1 219 ? -16.391 -15.804 -28.199 1.00 20.00 ? 219 SER B CA 1 
ATOM 515 C CA . ALA B 1 220 ? -18.689 -18.758 -28.968 1.00 20.00 ? 220 ALA B CA 1 
ATOM 516 C CA . VAL B 1 221 ? -19.304 -20.688 -25.760 1.00 20.00 ? 221 VAL B CA 1 
ATOM 517 C CA . SER B 1 222 ? -18.186 -23.856 -27.574 1.00 20.00 ? 222 SER B CA 1 
ATOM 518 C CA . GLN B 1 223 ? -14.639 -24.628 -28.814 1.00 20.00 ? 223 GLN B CA 1 
ATOM 519 C CA . GLU B 1 224 ? -13.778 -22.889 -31.891 1.00 20.00 ? 224 GLU B CA 1 
ATOM 520 C CA . GLY B 1 225 ? -10.606 -20.793 -31.197 1.00 20.00 ? 225 GLY B CA 1 
ATOM 521 C CA . TYR B 1 226 ? -9.449  -20.985 -27.569 1.00 20.00 ? 226 TYR B CA 1 
ATOM 522 C CA . LEU B 1 227 ? -9.290  -24.862 -27.681 1.00 20.00 ? 227 LEU B CA 1 
ATOM 523 C CA . ASN B 1 228 ? -9.020  -26.426 -31.086 1.00 20.00 ? 228 ASN B CA 1 
ATOM 524 C CA . LYS B 1 229 ? -5.861  -25.772 -33.248 1.00 20.00 ? 229 LYS B CA 1 
ATOM 525 C CA . TYR B 1 230 ? -4.302  -29.276 -32.700 1.00 20.00 ? 230 TYR B CA 1 
ATOM 526 C CA . GLY B 1 231 ? -4.558  -28.721 -29.004 1.00 20.00 ? 231 GLY B CA 1 
ATOM 527 C CA . LEU B 1 232 ? -3.833  -24.900 -29.476 1.00 20.00 ? 232 LEU B CA 1 
ATOM 528 C CA . THR B 1 233 ? -0.207  -25.426 -28.804 1.00 20.00 ? 233 THR B CA 1 
ATOM 529 C CA . VAL B 1 234 ? -0.706  -27.697 -25.677 1.00 20.00 ? 234 VAL B CA 1 
ATOM 530 C CA . GLU B 1 235 ? 2.476   -29.383 -25.689 1.00 20.00 ? 235 GLU B CA 1 
ATOM 531 C CA . ARG B 1 236 ? 4.700   -32.056 -24.597 1.00 20.00 ? 236 ARG B CA 1 
ATOM 532 C CA . ALA B 1 237 ? 6.263   -31.518 -28.054 1.00 20.00 ? 237 ALA B CA 1 
ATOM 533 C CA . GLU B 1 238 ? 9.526   -33.407 -27.827 1.00 20.00 ? 238 GLU B CA 1 
ATOM 534 C CA . ARG B 1 239 ? 10.073  -32.314 -31.318 1.00 20.00 ? 239 ARG B CA 1 
ATOM 535 C CA . MET B 1 240 ? 12.314  -29.472 -30.385 1.00 20.00 ? 240 MET B CA 1 
ATOM 536 C CA . LYS B 1 241 ? 15.964  -29.967 -30.306 1.00 20.00 ? 241 LYS B CA 1 
ATOM 537 C CA . ARG B 1 242 ? 17.280  -30.771 -26.921 1.00 20.00 ? 242 ARG B CA 1 
ATOM 538 C CA . HIS B 1 243 ? 19.089  -27.391 -26.601 1.00 20.00 ? 243 HIS B CA 1 
ATOM 539 C CA . ALA B 1 244 ? 15.953  -25.124 -26.968 1.00 20.00 ? 244 ALA B CA 1 
ATOM 540 C CA . ILE B 1 245 ? 14.014  -23.316 -24.262 1.00 20.00 ? 245 ILE B CA 1 
ATOM 541 C CA . ILE B 1 246 ? 10.484  -22.287 -23.430 1.00 20.00 ? 246 ILE B CA 1 
ATOM 542 C CA . MET B 1 247 ? 9.773   -18.667 -22.627 1.00 20.00 ? 247 MET B CA 1 
ATOM 543 C CA . HIS B 1 248 ? 6.515   -16.981 -21.439 1.00 20.00 ? 248 HIS B CA 1 
ATOM 544 C CA . PRO B 1 249 ? 5.799   -13.631 -19.747 1.00 20.00 ? 249 PRO B CA 1 
ATOM 545 C CA . ALA B 1 250 ? 5.959   -14.274 -15.992 1.00 20.00 ? 250 ALA B CA 1 
ATOM 546 C CA . PRO B 1 251 ? 4.470   -16.493 -13.042 1.00 20.00 ? 251 PRO B CA 1 
ATOM 547 C CA . VAL B 1 252 ? 2.969   -19.603 -14.457 1.00 20.00 ? 252 VAL B CA 1 
ATOM 548 C CA . ASN B 1 253 ? 2.039   -23.150 -13.447 1.00 20.00 ? 253 ASN B CA 1 
ATOM 549 C CA . ARG B 1 254 ? -1.145  -24.456 -14.984 1.00 20.00 ? 254 ARG B CA 1 
ATOM 550 C CA . GLY B 1 255 ? -2.553  -23.856 -18.441 1.00 20.00 ? 255 GLY B CA 1 
ATOM 551 C CA . VAL B 1 256 ? -4.162  -25.554 -21.382 1.00 20.00 ? 256 VAL B CA 1 
ATOM 552 C CA . GLU B 1 257 ? -2.500  -22.973 -23.658 1.00 20.00 ? 257 GLU B CA 1 
ATOM 553 C CA . ILE B 1 258 ? 0.922   -24.450 -22.710 1.00 20.00 ? 258 ILE B CA 1 
ATOM 554 C CA . ASP B 1 259 ? 0.327   -27.574 -20.386 1.00 20.00 ? 259 ASP B CA 1 
ATOM 555 C CA . ASP B 1 260 ? 0.525   -27.561 -16.525 1.00 20.00 ? 260 ASP B CA 1 
ATOM 556 C CA . SER B 1 261 ? 3.682   -29.175 -15.166 1.00 20.00 ? 261 SER B CA 1 
ATOM 557 C CA . LEU B 1 262 ? 5.317   -28.961 -18.649 1.00 20.00 ? 262 LEU B CA 1 
ATOM 558 C CA . VAL B 1 263 ? 5.412   -25.349 -17.179 1.00 20.00 ? 263 VAL B CA 1 
ATOM 559 C CA . GLU B 1 264 ? 7.841   -26.740 -14.656 1.00 20.00 ? 264 GLU B CA 1 
ATOM 560 C CA . SER B 1 265 ? 9.990   -28.451 -17.352 1.00 20.00 ? 265 SER B CA 1 
ATOM 561 C CA . GLU B 1 266 ? 13.808  -28.205 -16.968 1.00 20.00 ? 266 GLU B CA 1 
ATOM 562 C CA . LYS B 1 267 ? 13.574  -27.317 -20.657 1.00 20.00 ? 267 LYS B CA 1 
ATOM 563 C CA . SER B 1 268 ? 11.698  -24.135 -19.533 1.00 20.00 ? 268 SER B CA 1 
ATOM 564 C CA . ARG B 1 269 ? 13.184  -20.728 -18.481 1.00 20.00 ? 269 ARG B CA 1 
ATOM 565 C CA . ILE B 1 270 ? 10.096  -19.073 -16.928 1.00 20.00 ? 270 ILE B CA 1 
ATOM 566 C CA . PHE B 1 271 ? 11.774  -19.365 -13.472 1.00 20.00 ? 271 PHE B CA 1 
ATOM 567 C CA . LYS B 1 272 ? 14.860  -17.328 -14.490 1.00 20.00 ? 272 LYS B CA 1 
ATOM 568 C CA . GLN B 1 273 ? 12.933  -14.762 -16.542 1.00 20.00 ? 273 GLN B CA 1 
ATOM 569 C CA . MET B 1 274 ? 11.415  -12.881 -13.557 1.00 20.00 ? 274 MET B CA 1 
ATOM 570 C CA . LYS B 1 275 ? 14.380  -13.060 -11.269 1.00 20.00 ? 275 LYS B CA 1 
ATOM 571 C CA . ASN B 1 276 ? 16.310  -11.431 -14.081 1.00 20.00 ? 276 ASN B CA 1 
ATOM 572 C CA . GLY B 1 277 ? 13.238  -9.103  -14.303 1.00 20.00 ? 277 GLY B CA 1 
ATOM 573 C CA . VAL B 1 278 ? 14.201  -7.874  -10.848 1.00 20.00 ? 278 VAL B CA 1 
ATOM 574 C CA . PHE B 1 279 ? 17.757  -7.436  -12.059 1.00 20.00 ? 279 PHE B CA 1 
ATOM 575 C CA . ILE B 1 280 ? 17.072  -5.646  -15.428 1.00 20.00 ? 280 ILE B CA 1 
ATOM 576 C CA . ARG B 1 281 ? 14.562  -3.407  -13.637 1.00 20.00 ? 281 ARG B CA 1 
ATOM 577 C CA . MET B 1 282 ? 17.533  -2.918  -11.215 1.00 20.00 ? 282 MET B CA 1 
ATOM 578 C CA . ALA B 1 283 ? 19.865  -1.706  -14.030 1.00 20.00 ? 283 ALA B CA 1 
ATOM 579 C CA . VAL B 1 284 ? 17.329  0.467   -15.955 1.00 20.00 ? 284 VAL B CA 1 
ATOM 580 C CA . ILE B 1 285 ? 16.945  2.373   -12.661 1.00 20.00 ? 285 ILE B CA 1 
ATOM 581 C CA . GLN B 1 286 ? 20.693  3.261   -12.880 1.00 20.00 ? 286 GLN B CA 1 
ATOM 582 C CA . CYS B 1 287 ? 20.697  4.559   -16.528 1.00 20.00 ? 287 CYS B CA 1 
ATOM 583 C CA . ALA B 1 288 ? 17.473  6.327   -15.399 1.00 20.00 ? 288 ALA B CA 1 
ATOM 584 C CA . LEU B 1 289 ? 19.201  8.135   -12.543 1.00 20.00 ? 289 LEU B CA 1 
ATOM 585 C CA . GLN B 1 290 ? 22.727  9.559   -12.873 1.00 20.00 ? 290 GLN B CA 1 
ATOM 586 C CA . THR B 1 291 ? 24.246  7.729   -15.937 1.00 20.00 ? 291 THR B CA 1 
ATOM 587 C CA . ASN B 1 292 ? 27.822  7.437   -14.691 1.00 20.00 ? 292 ASN B CA 1 
ATOM 588 C CA . VAL B 1 293 ? 27.851  3.863   -13.655 1.00 20.00 ? 293 VAL B CA 1 
ATOM 589 C CA . LYS B 1 294 ? 30.866  2.614   -11.933 1.00 20.00 ? 294 LYS B CA 1 
ATOM 590 C CA . ARG B 1 295 ? 31.272  -1.123  -12.315 1.00 20.00 ? 295 ARG B CA 1 
ATOM 591 C CA . MET C 1 1   ? 4.410   15.835  22.480  1.00 20.00 ? 1   MET C CA 1 
ATOM 592 C CA . LYS C 1 2   ? 1.415   17.806  21.220  1.00 20.00 ? 2   LYS C CA 1 
ATOM 593 C CA . HIS C 1 3   ? -0.739  17.057  18.059  1.00 20.00 ? 3   HIS C CA 1 
ATOM 594 C CA . LEU C 1 4   ? -2.224  19.236  15.226  1.00 20.00 ? 4   LEU C CA 1 
ATOM 595 C CA . THR C 1 5   ? -5.984  19.254  15.572  1.00 20.00 ? 5   THR C CA 1 
ATOM 596 C CA . THR C 1 6   ? -6.805  22.652  14.155  1.00 20.00 ? 6   THR C CA 1 
ATOM 597 C CA . MET C 1 7   ? -4.925  25.734  13.100  1.00 20.00 ? 7   MET C CA 1 
ATOM 598 C CA . SER C 1 8   ? -7.091  27.606  15.639  1.00 20.00 ? 8   SER C CA 1 
ATOM 599 C CA . GLU C 1 9   ? -5.719  25.914  18.897  1.00 20.00 ? 9   GLU C CA 1 
ATOM 600 C CA . LEU C 1 10  ? -2.099  26.734  17.808  1.00 20.00 ? 10  LEU C CA 1 
ATOM 601 C CA . SER C 1 11  ? -1.250  29.728  20.117  1.00 20.00 ? 11  SER C CA 1 
ATOM 602 C CA . THR C 1 12  ? 0.638   32.085  17.756  1.00 20.00 ? 12  THR C CA 1 
ATOM 603 C CA . GLU C 1 13  ? 4.328   31.609  18.941  1.00 20.00 ? 13  GLU C CA 1 
ATOM 604 C CA . GLU C 1 14  ? 3.874   27.840  18.286  1.00 20.00 ? 14  GLU C CA 1 
ATOM 605 C CA . ILE C 1 15  ? 3.009   28.752  14.579  1.00 20.00 ? 15  ILE C CA 1 
ATOM 606 C CA . LYS C 1 16  ? 5.973   31.099  14.307  1.00 20.00 ? 16  LYS C CA 1 
ATOM 607 C CA . ASP C 1 17  ? 8.434   28.680  15.859  1.00 20.00 ? 17  ASP C CA 1 
ATOM 608 C CA . LEU C 1 18  ? 7.009   25.922  13.672  1.00 20.00 ? 18  LEU C CA 1 
ATOM 609 C CA . LEU C 1 19  ? 7.996   27.875  10.550  1.00 20.00 ? 19  LEU C CA 1 
ATOM 610 C CA . GLN C 1 20  ? 11.352  28.790  12.051  1.00 20.00 ? 20  GLN C CA 1 
ATOM 611 C CA . THR C 1 21  ? 12.004  25.035  12.477  1.00 20.00 ? 21  THR C CA 1 
ATOM 612 C CA . ALA C 1 22  ? 10.365  24.162  9.106   1.00 20.00 ? 22  ALA C CA 1 
ATOM 613 C CA . GLN C 1 23  ? 12.953  26.405  7.532   1.00 20.00 ? 23  GLN C CA 1 
ATOM 614 C CA . GLU C 1 24  ? 15.893  25.177  9.729   1.00 20.00 ? 24  GLU C CA 1 
ATOM 615 C CA . LEU C 1 25  ? 15.452  21.568  8.569   1.00 20.00 ? 25  LEU C CA 1 
ATOM 616 C CA . LYS C 1 26  ? 15.303  22.770  4.926   1.00 20.00 ? 26  LYS C CA 1 
ATOM 617 C CA . SER C 1 27  ? 19.096  23.101  4.942   1.00 20.00 ? 27  SER C CA 1 
ATOM 618 C CA . GLY C 1 28  ? 20.090  21.830  8.424   1.00 20.00 ? 28  GLY C CA 1 
ATOM 619 C CA . LYS C 1 29  ? 18.163  18.607  9.114   1.00 20.00 ? 29  LYS C CA 1 
ATOM 620 C CA . THR C 1 30  ? 19.867  15.486  10.362  1.00 20.00 ? 30  THR C CA 1 
ATOM 621 C CA . ASP C 1 31  ? 18.222  12.937  8.085   1.00 20.00 ? 31  ASP C CA 1 
ATOM 622 C CA . ASN C 1 32  ? 17.539  11.051  11.130  1.00 20.00 ? 32  ASN C CA 1 
ATOM 623 C CA . GLN C 1 33  ? 15.518  12.606  13.759  1.00 20.00 ? 33  GLN C CA 1 
ATOM 624 C CA . LEU C 1 34  ? 13.200  9.740   14.893  1.00 20.00 ? 34  LEU C CA 1 
ATOM 625 C CA . THR C 1 35  ? 14.564  7.102   12.618  1.00 20.00 ? 35  THR C CA 1 
ATOM 626 C CA . GLY C 1 36  ? 13.594  3.417   13.307  1.00 20.00 ? 36  GLY C CA 1 
ATOM 627 C CA . LYS C 1 37  ? 10.160  4.778   14.565  1.00 20.00 ? 37  LYS C CA 1 
ATOM 628 C CA . PHE C 1 38  ? 6.605   4.505   13.430  1.00 20.00 ? 38  PHE C CA 1 
ATOM 629 C CA . ALA C 1 39  ? 3.777   6.458   11.976  1.00 20.00 ? 39  ALA C CA 1 
ATOM 630 C CA . ALA C 1 40  ? 0.617   5.394   10.472  1.00 20.00 ? 40  ALA C CA 1 
ATOM 631 C CA . ASN C 1 41  ? -0.985  7.140   7.599   1.00 20.00 ? 41  ASN C CA 1 
ATOM 632 C CA . LEU C 1 42  ? -4.478  6.206   8.574   1.00 20.00 ? 42  LEU C CA 1 
ATOM 633 C CA . PHE C 1 43  ? -5.922  7.836   5.549   1.00 20.00 ? 43  PHE C CA 1 
ATOM 634 C CA . PHE C 1 44  ? -9.540  7.031   5.862   1.00 20.00 ? 44  PHE C CA 1 
ATOM 635 C CA . GLU C 1 45  ? -10.419 9.517   3.134   1.00 20.00 ? 45  GLU C CA 1 
ATOM 636 C CA . PRO C 1 46  ? -8.115  8.004   0.411   1.00 20.00 ? 46  PRO C CA 1 
ATOM 637 C CA . SER C 1 47  ? -6.446  11.226  -0.896  1.00 20.00 ? 47  SER C CA 1 
ATOM 638 C CA . THR C 1 48  ? -2.840  10.797  -2.129  1.00 20.00 ? 48  THR C CA 1 
ATOM 639 C CA . ARG C 1 49  ? -0.869  14.226  -2.446  1.00 20.00 ? 49  ARG C CA 1 
ATOM 640 C CA . THR C 1 50  ? -1.354  14.957  1.281   1.00 20.00 ? 50  THR C CA 1 
ATOM 641 C CA . ARG C 1 51  ? -0.434  11.246  1.915   1.00 20.00 ? 51  ARG C CA 1 
ATOM 642 C CA . PHE C 1 52  ? 2.740   11.497  -0.202  1.00 20.00 ? 52  PHE C CA 1 
ATOM 643 C CA . SER C 1 53  ? 3.829   14.692  1.553   1.00 20.00 ? 53  SER C CA 1 
ATOM 644 C CA . PHE C 1 54  ? 3.345   12.879  4.857   1.00 20.00 ? 54  PHE C CA 1 
ATOM 645 C CA . GLU C 1 55  ? 5.073   9.696   3.754   1.00 20.00 ? 55  GLU C CA 1 
ATOM 646 C CA . VAL C 1 56  ? 8.162   11.715  2.367   1.00 20.00 ? 56  VAL C CA 1 
ATOM 647 C CA . ALA C 1 57  ? 8.362   13.750  5.561   1.00 20.00 ? 57  ALA C CA 1 
ATOM 648 C CA . GLU C 1 58  ? 8.134   10.639  7.873   1.00 20.00 ? 58  GLU C CA 1 
ATOM 649 C CA . LYS C 1 59  ? 10.486  8.711   5.459   1.00 20.00 ? 59  LYS C CA 1 
ATOM 650 C CA . LYS C 1 60  ? 13.264  11.337  5.395   1.00 20.00 ? 60  LYS C CA 1 
ATOM 651 C CA . LEU C 1 61  ? 13.145  10.527  9.136   1.00 20.00 ? 61  LEU C CA 1 
ATOM 652 C CA . GLY C 1 62  ? 11.727  6.816   9.920   1.00 20.00 ? 62  GLY C CA 1 
ATOM 653 C CA . MET C 1 63  ? 8.736   4.252   9.241   1.00 20.00 ? 63  MET C CA 1 
ATOM 654 C CA . ASN C 1 64  ? 6.149   2.067   7.489   1.00 20.00 ? 64  ASN C CA 1 
ATOM 655 C CA . VAL C 1 65  ? 2.465   1.858   8.467   1.00 20.00 ? 65  VAL C CA 1 
ATOM 656 C CA . LEU C 1 66  ? 0.226   2.716   5.599   1.00 20.00 ? 66  LEU C CA 1 
ATOM 657 C CA . ASN C 1 67  ? -3.548  2.406   5.362   1.00 20.00 ? 67  ASN C CA 1 
ATOM 658 C CA . LEU C 1 68  ? -5.680  4.225   2.623   1.00 20.00 ? 68  LEU C CA 1 
ATOM 659 C CA . ASP C 1 69  ? -9.417  3.566   2.800   1.00 20.00 ? 69  ASP C CA 1 
ATOM 660 C CA . GLY C 1 70  ? -12.437 5.395   1.156   1.00 20.00 ? 70  GLY C CA 1 
ATOM 661 C CA . THR C 1 71  ? -13.687 2.941   -1.486  1.00 20.00 ? 71  THR C CA 1 
ATOM 662 C CA . SER C 1 72  ? -13.123 0.148   1.013   1.00 20.00 ? 72  SER C CA 1 
ATOM 663 C CA . THR C 1 73  ? -13.027 -0.550  4.825   1.00 20.00 ? 73  THR C CA 1 
ATOM 664 C CA . SER C 1 74  ? -14.083 -4.271  4.169   1.00 20.00 ? 74  SER C CA 1 
ATOM 665 C CA . VAL C 1 75  ? -14.228 -6.985  6.830   1.00 20.00 ? 75  VAL C CA 1 
ATOM 666 C CA . GLN C 1 76  ? -16.595 -6.424  9.685   1.00 20.00 ? 76  GLN C CA 1 
ATOM 667 C CA . LYS C 1 77  ? -19.001 -3.674  10.528  1.00 20.00 ? 77  LYS C CA 1 
ATOM 668 C CA . GLY C 1 78  ? -21.192 -2.670  13.465  1.00 20.00 ? 78  GLY C CA 1 
ATOM 669 C CA . GLU C 1 79  ? -18.014 -1.877  15.394  1.00 20.00 ? 79  GLU C CA 1 
ATOM 670 C CA . THR C 1 80  ? -18.860 1.853   14.331  1.00 20.00 ? 80  THR C CA 1 
ATOM 671 C CA . LEU C 1 81  ? -17.088 3.510   17.332  1.00 20.00 ? 81  LEU C CA 1 
ATOM 672 C CA . TYR C 1 82  ? -14.212 1.046   16.649  1.00 20.00 ? 82  TYR C CA 1 
ATOM 673 C CA . ASP C 1 83  ? -11.919 3.912   16.040  1.00 20.00 ? 83  ASP C CA 1 
ATOM 674 C CA . THR C 1 84  ? -10.725 4.887   19.463  1.00 20.00 ? 84  THR C CA 1 
ATOM 675 C CA . ILE C 1 85  ? -10.368 1.086   19.807  1.00 20.00 ? 85  ILE C CA 1 
ATOM 676 C CA . ARG C 1 86  ? -8.127  1.679   16.688  1.00 20.00 ? 86  ARG C CA 1 
ATOM 677 C CA . THR C 1 87  ? -5.673  4.444   18.028  1.00 20.00 ? 87  THR C CA 1 
ATOM 678 C CA . LEU C 1 88  ? -6.363  3.358   21.710  1.00 20.00 ? 88  LEU C CA 1 
ATOM 679 C CA . GLU C 1 89  ? -5.030  0.092   20.366  1.00 20.00 ? 89  GLU C CA 1 
ATOM 680 C CA . SER C 1 90  ? -1.724  1.144   18.760  1.00 20.00 ? 90  SER C CA 1 
ATOM 681 C CA . ILE C 1 91  ? -0.726  3.853   21.403  1.00 20.00 ? 91  ILE C CA 1 
ATOM 682 C CA . GLY C 1 92  ? 3.021   3.394   21.775  1.00 20.00 ? 92  GLY C CA 1 
ATOM 683 C CA . VAL C 1 93  ? 3.707   2.749   18.069  1.00 20.00 ? 93  VAL C CA 1 
ATOM 684 C CA . ASP C 1 94  ? 4.397   6.341   17.698  1.00 20.00 ? 94  ASP C CA 1 
ATOM 685 C CA . VAL C 1 95  ? 2.442   9.114   15.698  1.00 20.00 ? 95  VAL C CA 1 
ATOM 686 C CA . CYS C 1 96  ? 0.362   10.443  12.893  1.00 20.00 ? 96  CYS C CA 1 
ATOM 687 C CA . VAL C 1 97  ? -2.030  11.479  10.363  1.00 20.00 ? 97  VAL C CA 1 
ATOM 688 C CA . ILE C 1 98  ? -5.669  10.649  10.056  1.00 20.00 ? 98  ILE C CA 1 
ATOM 689 C CA . ARG C 1 99  ? -7.826  11.812  7.165   1.00 20.00 ? 99  ARG C CA 1 
ATOM 690 C CA . HIS C 1 100 ? -11.514 11.053  8.112   1.00 20.00 ? 100 HIS C CA 1 
ATOM 691 C CA . SER C 1 101 ? -15.048 12.074  6.842   1.00 20.00 ? 101 SER C CA 1 
ATOM 692 C CA . GLU C 1 102 ? -16.800 11.925  10.221  1.00 20.00 ? 102 GLU C CA 1 
ATOM 693 C CA . ASP C 1 103 ? -16.885 15.562  11.273  1.00 20.00 ? 103 ASP C CA 1 
ATOM 694 C CA . GLU C 1 104 ? -15.977 15.304  14.920  1.00 20.00 ? 104 GLU C CA 1 
ATOM 695 C CA . TYR C 1 105 ? -13.162 12.684  14.126  1.00 20.00 ? 105 TYR C CA 1 
ATOM 696 C CA . TYR C 1 106 ? -10.668 14.171  16.684  1.00 20.00 ? 106 TYR C CA 1 
ATOM 697 C CA . GLU C 1 107 ? -13.075 12.634  19.322  1.00 20.00 ? 107 GLU C CA 1 
ATOM 698 C CA . GLU C 1 108 ? -10.667 9.735   19.001  1.00 20.00 ? 108 GLU C CA 1 
ATOM 699 C CA . LEU C 1 109 ? -8.516  11.764  21.439  1.00 20.00 ? 109 LEU C CA 1 
ATOM 700 C CA . VAL C 1 110 ? -8.859  9.736   24.668  1.00 20.00 ? 110 VAL C CA 1 
ATOM 701 C CA . SER C 1 111 ? -5.918  7.668   23.808  1.00 20.00 ? 111 SER C CA 1 
ATOM 702 C CA . GLN C 1 112 ? -3.612  9.844   21.712  1.00 20.00 ? 112 GLN C CA 1 
ATOM 703 C CA . VAL C 1 113 ? -4.266  13.077  23.684  1.00 20.00 ? 113 VAL C CA 1 
ATOM 704 C CA . ASN C 1 114 ? -0.711  12.593  24.785  1.00 20.00 ? 114 ASN C CA 1 
ATOM 705 C CA . ILE C 1 115 ? 1.285   10.458  22.202  1.00 20.00 ? 115 ILE C CA 1 
ATOM 706 C CA . PRO C 1 116 ? 0.081   11.969  18.905  1.00 20.00 ? 116 PRO C CA 1 
ATOM 707 C CA . ILE C 1 117 ? -2.724  12.351  16.388  1.00 20.00 ? 117 ILE C CA 1 
ATOM 708 C CA . LEU C 1 118 ? -2.180  14.738  13.349  1.00 20.00 ? 118 LEU C CA 1 
ATOM 709 C CA . ASN C 1 119 ? -5.185  15.974  11.377  1.00 20.00 ? 119 ASN C CA 1 
ATOM 710 C CA . ALA C 1 120 ? -5.054  15.910  7.621   1.00 20.00 ? 120 ALA C CA 1 
ATOM 711 C CA . GLY C 1 121 ? -8.832  16.097  7.156   1.00 20.00 ? 121 GLY C CA 1 
ATOM 712 C CA . ASP C 1 122 ? -11.350 16.843  10.013  1.00 20.00 ? 122 ASP C CA 1 
ATOM 713 C CA . GLY C 1 123 ? -14.117 16.141  7.407   1.00 20.00 ? 123 GLY C CA 1 
ATOM 714 C CA . CYS C 1 124 ? -16.233 19.300  7.822   1.00 20.00 ? 124 CYS C CA 1 
ATOM 715 C CA . GLY C 1 125 ? -13.251 21.662  7.552   1.00 20.00 ? 125 GLY C CA 1 
ATOM 716 C CA . GLN C 1 126 ? -9.664  22.452  8.595   1.00 20.00 ? 126 GLN C CA 1 
ATOM 717 C CA . HIS C 1 127 ? -6.349  21.270  7.339   1.00 20.00 ? 127 HIS C CA 1 
ATOM 718 C CA . PRO C 1 128 ? -3.586  22.688  9.726   1.00 20.00 ? 128 PRO C CA 1 
ATOM 719 C CA . THR C 1 129 ? -0.690  21.399  7.642   1.00 20.00 ? 129 THR C CA 1 
ATOM 720 C CA . GLN C 1 130 ? -2.015  23.191  4.492   1.00 20.00 ? 130 GLN C CA 1 
ATOM 721 C CA . SER C 1 131 ? -2.811  26.275  6.470   1.00 20.00 ? 131 SER C CA 1 
ATOM 722 C CA . LEU C 1 132 ? 0.803   26.406  7.672   1.00 20.00 ? 132 LEU C CA 1 
ATOM 723 C CA . LEU C 1 133 ? 2.656   25.396  4.413   1.00 20.00 ? 133 LEU C CA 1 
ATOM 724 C CA . ASP C 1 134 ? 1.221   28.468  2.804   1.00 20.00 ? 134 ASP C CA 1 
ATOM 725 C CA . LEU C 1 135 ? 2.549   30.600  5.748   1.00 20.00 ? 135 LEU C CA 1 
ATOM 726 C CA . MET C 1 136 ? 6.009   29.247  4.946   1.00 20.00 ? 136 MET C CA 1 
ATOM 727 C CA . THR C 1 137 ? 6.035   30.785  1.346   1.00 20.00 ? 137 THR C CA 1 
ATOM 728 C CA . ILE C 1 138 ? 4.334   34.007  2.513   1.00 20.00 ? 138 ILE C CA 1 
ATOM 729 C CA . TYR C 1 139 ? 7.057   34.228  5.275   1.00 20.00 ? 139 TYR C CA 1 
ATOM 730 C CA . GLU C 1 140 ? 9.896   32.943  2.976   1.00 20.00 ? 140 GLU C CA 1 
ATOM 731 C CA . GLU C 1 141 ? 9.106   35.702  0.427   1.00 20.00 ? 141 GLU C CA 1 
ATOM 732 C CA . PHE C 1 142 ? 8.265   38.632  2.587   1.00 20.00 ? 142 PHE C CA 1 
ATOM 733 C CA . ASN C 1 143 ? 9.928   37.365  5.868   1.00 20.00 ? 143 ASN C CA 1 
ATOM 734 C CA . THR C 1 144 ? 6.831   39.015  7.561   1.00 20.00 ? 144 THR C CA 1 
ATOM 735 C CA . PHE C 1 145 ? 3.013   38.928  7.807   1.00 20.00 ? 145 PHE C CA 1 
ATOM 736 C CA . LYS C 1 146 ? 2.477   42.550  9.206   1.00 20.00 ? 146 LYS C CA 1 
ATOM 737 C CA . GLY C 1 147 ? 0.468   44.700  6.674   1.00 20.00 ? 147 GLY C CA 1 
ATOM 738 C CA . LEU C 1 148 ? 0.386   41.990  4.021   1.00 20.00 ? 148 LEU C CA 1 
ATOM 739 C CA . THR C 1 149 ? -2.916  42.164  2.175   1.00 20.00 ? 149 THR C CA 1 
ATOM 740 C CA . VAL C 1 150 ? -3.304  38.675  1.056   1.00 20.00 ? 150 VAL C CA 1 
ATOM 741 C CA . SER C 1 151 ? -6.353  37.725  -0.904  1.00 20.00 ? 151 SER C CA 1 
ATOM 742 C CA . ILE C 1 152 ? -8.257  34.483  -1.039  1.00 20.00 ? 152 ILE C CA 1 
ATOM 743 C CA . HIS C 1 153 ? -10.370 33.974  -4.260  1.00 20.00 ? 153 HIS C CA 1 
ATOM 744 C CA . GLY C 1 154 ? -13.262 31.628  -5.352  1.00 20.00 ? 154 GLY C CA 1 
ATOM 745 C CA . ASP C 1 155 ? -15.421 29.446  -3.042  1.00 20.00 ? 155 ASP C CA 1 
ATOM 746 C CA . ILE C 1 156 ? -14.957 30.831  0.513   1.00 20.00 ? 156 ILE C CA 1 
ATOM 747 C CA . LYS C 1 157 ? -18.308 29.644  1.792   1.00 20.00 ? 157 LYS C CA 1 
ATOM 748 C CA . HIS C 1 158 ? -16.777 26.251  2.041   1.00 20.00 ? 158 HIS C CA 1 
ATOM 749 C CA . SER C 1 159 ? -13.028 26.262  2.906   1.00 20.00 ? 159 SER C CA 1 
ATOM 750 C CA . ARG C 1 160 ? -10.756 24.286  5.023   1.00 20.00 ? 160 ARG C CA 1 
ATOM 751 C CA . VAL C 1 161 ? -7.937  26.346  3.710   1.00 20.00 ? 161 VAL C CA 1 
ATOM 752 C CA . ALA C 1 162 ? -9.571  29.760  2.933   1.00 20.00 ? 162 ALA C CA 1 
ATOM 753 C CA . ARG C 1 163 ? -11.966 30.628  5.769   1.00 20.00 ? 163 ARG C CA 1 
ATOM 754 C CA . SER C 1 164 ? -9.678  28.935  8.256   1.00 20.00 ? 164 SER C CA 1 
ATOM 755 C CA . ASN C 1 165 ? -6.395  30.510  6.793   1.00 20.00 ? 165 ASN C CA 1 
ATOM 756 C CA . ALA C 1 166 ? -8.238  33.845  6.798   1.00 20.00 ? 166 ALA C CA 1 
ATOM 757 C CA . GLU C 1 167 ? -8.421  33.552  10.655  1.00 20.00 ? 167 GLU C CA 1 
ATOM 758 C CA . VAL C 1 168 ? -4.676  32.973  10.707  1.00 20.00 ? 168 VAL C CA 1 
ATOM 759 C CA . LEU C 1 169 ? -3.584  35.876  8.531   1.00 20.00 ? 169 LEU C CA 1 
ATOM 760 C CA . THR C 1 170 ? -5.823  38.429  10.380  1.00 20.00 ? 170 THR C CA 1 
ATOM 761 C CA . ARG C 1 171 ? -4.322  37.270  13.724  1.00 20.00 ? 171 ARG C CA 1 
ATOM 762 C CA . LEU C 1 172 ? -0.700  37.446  12.227  1.00 20.00 ? 172 LEU C CA 1 
ATOM 763 C CA . GLY C 1 173 ? -1.185  41.083  11.240  1.00 20.00 ? 173 GLY C CA 1 
ATOM 764 C CA . ALA C 1 174 ? -2.183  40.437  7.562   1.00 20.00 ? 174 ALA C CA 1 
ATOM 765 C CA . ARG C 1 175 ? -5.201  42.198  6.047   1.00 20.00 ? 175 ARG C CA 1 
ATOM 766 C CA . VAL C 1 176 ? -7.325  39.655  4.217   1.00 20.00 ? 176 VAL C CA 1 
ATOM 767 C CA . LEU C 1 177 ? -9.438  40.427  1.189   1.00 20.00 ? 177 LEU C CA 1 
ATOM 768 C CA . PHE C 1 178 ? -11.590 37.801  -0.578  1.00 20.00 ? 178 PHE C CA 1 
ATOM 769 C CA . SER C 1 179 ? -13.373 38.031  -3.871  1.00 20.00 ? 179 SER C CA 1 
ATOM 770 C CA . GLY C 1 180 ? -14.305 36.073  -7.021  1.00 20.00 ? 180 GLY C CA 1 
ATOM 771 C CA . PRO C 1 181 ? -17.577 34.295  -5.911  1.00 20.00 ? 181 PRO C CA 1 
ATOM 772 C CA . SER C 1 182 ? -18.598 31.542  -8.095  1.00 20.00 ? 182 SER C CA 1 
ATOM 773 C CA . GLU C 1 183 ? -19.766 30.238  -4.611  1.00 20.00 ? 183 GLU C CA 1 
ATOM 774 C CA . TRP C 1 184 ? -21.505 32.606  -1.952  1.00 20.00 ? 184 TRP C CA 1 
ATOM 775 C CA . GLN C 1 185 ? -19.719 35.290  0.110   1.00 20.00 ? 185 GLN C CA 1 
ATOM 776 C CA . ASP C 1 186 ? -16.288 36.307  -0.100  1.00 20.00 ? 186 ASP C CA 1 
ATOM 777 C CA . GLU C 1 187 ? -14.513 36.103  3.015   1.00 20.00 ? 187 GLU C CA 1 
ATOM 778 C CA . GLU C 1 188 ? -16.712 38.193  5.195   1.00 20.00 ? 188 GLU C CA 1 
ATOM 779 C CA . ASN C 1 189 ? -17.816 37.700  8.737   1.00 20.00 ? 189 ASN C CA 1 
ATOM 780 C CA . THR C 1 190 ? -15.416 38.302  11.608  1.00 20.00 ? 190 THR C CA 1 
ATOM 781 C CA . PHE C 1 191 ? -12.524 39.406  9.720   1.00 20.00 ? 191 PHE C CA 1 
ATOM 782 C CA . GLY C 1 192 ? -12.785 39.016  6.045   1.00 20.00 ? 192 GLY C CA 1 
ATOM 783 C CA . THR C 1 193 ? -13.376 41.798  3.408   1.00 20.00 ? 193 THR C CA 1 
ATOM 784 C CA . TYR C 1 194 ? -15.318 41.539  0.099   1.00 20.00 ? 194 TYR C CA 1 
ATOM 785 C CA . VAL C 1 195 ? -13.534 43.367  -2.657  1.00 20.00 ? 195 VAL C CA 1 
ATOM 786 C CA . SER C 1 196 ? -13.283 42.446  -6.426  1.00 20.00 ? 196 SER C CA 1 
ATOM 787 C CA . MET C 1 197 ? -10.910 40.578  -8.934  1.00 20.00 ? 197 MET C CA 1 
ATOM 788 C CA . ASP C 1 198 ? -7.058  41.128  -9.032  1.00 20.00 ? 198 ASP C CA 1 
ATOM 789 C CA . GLU C 1 199 ? -7.014  44.423  -10.741 1.00 20.00 ? 199 GLU C CA 1 
ATOM 790 C CA . ALA C 1 200 ? -9.590  45.592  -8.365  1.00 20.00 ? 200 ALA C CA 1 
ATOM 791 C CA . VAL C 1 201 ? -7.884  43.750  -5.524  1.00 20.00 ? 201 VAL C CA 1 
ATOM 792 C CA . GLU C 1 202 ? -4.337  44.310  -6.943  1.00 20.00 ? 202 GLU C CA 1 
ATOM 793 C CA . SER C 1 203 ? -2.563  45.674  -3.852  1.00 20.00 ? 203 SER C CA 1 
ATOM 794 C CA . SER C 1 204 ? -2.394  42.231  -2.592  1.00 20.00 ? 204 SER C CA 1 
ATOM 795 C CA . ASP C 1 205 ? 0.969   40.487  -2.042  1.00 20.00 ? 205 ASP C CA 1 
ATOM 796 C CA . VAL C 1 206 ? -0.227  36.963  -2.564  1.00 20.00 ? 206 VAL C CA 1 
ATOM 797 C CA . VAL C 1 207 ? -3.276  36.213  -4.745  1.00 20.00 ? 207 VAL C CA 1 
ATOM 798 C CA . MET C 1 208 ? -4.423  33.091  -3.058  1.00 20.00 ? 208 MET C CA 1 
ATOM 799 C CA . LEU C 1 209 ? -6.608  31.276  -5.543  1.00 20.00 ? 209 LEU C CA 1 
ATOM 800 C CA . LEU C 1 210 ? -8.821  28.210  -4.811  1.00 20.00 ? 210 LEU C CA 1 
ATOM 801 C CA . ARG C 1 211 ? -9.951  25.266  -6.979  1.00 20.00 ? 211 ARG C CA 1 
ATOM 802 C CA . ILE C 1 212 ? -13.631 26.019  -7.851  1.00 20.00 ? 212 ILE C CA 1 
ATOM 803 C CA . GLN C 1 213 ? -14.944 22.450  -8.356  1.00 20.00 ? 213 GLN C CA 1 
ATOM 804 C CA . ASN C 1 214 ? -16.722 19.877  -10.183 1.00 20.00 ? 214 ASN C CA 1 
ATOM 805 C CA . GLU C 1 215 ? -18.416 19.217  -6.812  1.00 20.00 ? 215 GLU C CA 1 
ATOM 806 C CA . ARG C 1 216 ? -21.985 19.827  -8.114  1.00 20.00 ? 216 ARG C CA 1 
ATOM 807 C CA . HIS C 1 217 ? -22.935 23.526  -8.418  1.00 20.00 ? 217 HIS C CA 1 
ATOM 808 C CA . GLN C 1 218 ? -25.544 25.256  -10.759 1.00 20.00 ? 218 GLN C CA 1 
ATOM 809 C CA . SER C 1 219 ? -24.994 23.895  -14.211 1.00 20.00 ? 219 SER C CA 1 
ATOM 810 C CA . ALA C 1 220 ? -28.392 24.227  -16.046 1.00 20.00 ? 220 ALA C CA 1 
ATOM 811 C CA . VAL C 1 221 ? -27.258 21.520  -18.437 1.00 20.00 ? 221 VAL C CA 1 
ATOM 812 C CA . SER C 1 222 ? -23.909 23.247  -19.201 1.00 20.00 ? 222 SER C CA 1 
ATOM 813 C CA . GLN C 1 223 ? -21.114 23.256  -16.495 1.00 20.00 ? 223 GLN C CA 1 
ATOM 814 C CA . GLU C 1 224 ? -22.579 26.581  -15.485 1.00 20.00 ? 224 GLU C CA 1 
ATOM 815 C CA . GLY C 1 225 ? -23.669 28.404  -12.311 1.00 20.00 ? 225 GLY C CA 1 
ATOM 816 C CA . TYR C 1 226 ? -19.967 27.890  -12.167 1.00 20.00 ? 226 TYR C CA 1 
ATOM 817 C CA . LEU C 1 227 ? -19.246 28.772  -15.953 1.00 20.00 ? 227 LEU C CA 1 
ATOM 818 C CA . ASN C 1 228 ? -20.717 32.221  -15.637 1.00 20.00 ? 228 ASN C CA 1 
ATOM 819 C CA . LYS C 1 229 ? -20.325 33.149  -11.944 1.00 20.00 ? 229 LYS C CA 1 
ATOM 820 C CA . TYR C 1 230 ? -18.713 36.417  -11.323 1.00 20.00 ? 230 TYR C CA 1 
ATOM 821 C CA . GLY C 1 231 ? -17.608 36.782  -15.105 1.00 20.00 ? 231 GLY C CA 1 
ATOM 822 C CA . LEU C 1 232 ? -14.553 34.902  -15.961 1.00 20.00 ? 232 LEU C CA 1 
ATOM 823 C CA . THR C 1 233 ? -12.712 35.560  -12.987 1.00 20.00 ? 233 THR C CA 1 
ATOM 824 C CA . VAL C 1 234 ? -9.596  33.783  -14.090 1.00 20.00 ? 234 VAL C CA 1 
ATOM 825 C CA . GLU C 1 235 ? -6.404  35.180  -12.549 1.00 20.00 ? 235 GLU C CA 1 
ATOM 826 C CA . ARG C 1 236 ? -3.662  36.349  -14.855 1.00 20.00 ? 236 ARG C CA 1 
ATOM 827 C CA . ALA C 1 237 ? -0.505  38.340  -13.899 1.00 20.00 ? 237 ALA C CA 1 
ATOM 828 C CA . GLU C 1 238 ? -0.236  41.587  -16.142 1.00 20.00 ? 238 GLU C CA 1 
ATOM 829 C CA . ARG C 1 239 ? -1.583  44.103  -13.503 1.00 20.00 ? 239 ARG C CA 1 
ATOM 830 C CA . MET C 1 240 ? -0.536  42.714  -10.021 1.00 20.00 ? 240 MET C CA 1 
ATOM 831 C CA . LYS C 1 241 ? 2.777   44.028  -8.726  1.00 20.00 ? 241 LYS C CA 1 
ATOM 832 C CA . ARG C 1 242 ? 6.270   42.476  -8.991  1.00 20.00 ? 242 ARG C CA 1 
ATOM 833 C CA . HIS C 1 243 ? 6.256   41.766  -5.187  1.00 20.00 ? 243 HIS C CA 1 
ATOM 834 C CA . ALA C 1 244 ? 3.066   39.761  -5.772  1.00 20.00 ? 244 ALA C CA 1 
ATOM 835 C CA . ILE C 1 245 ? 2.852   35.917  -5.740  1.00 20.00 ? 245 ILE C CA 1 
ATOM 836 C CA . ILE C 1 246 ? 0.290   33.446  -6.982  1.00 20.00 ? 246 ILE C CA 1 
ATOM 837 C CA . MET C 1 247 ? -0.515  30.722  -4.454  1.00 20.00 ? 247 MET C CA 1 
ATOM 838 C CA . HIS C 1 248 ? -3.078  28.132  -5.247  1.00 20.00 ? 248 HIS C CA 1 
ATOM 839 C CA . PRO C 1 249 ? -3.652  25.663  -2.430  1.00 20.00 ? 249 PRO C CA 1 
ATOM 840 C CA . ALA C 1 250 ? -4.184  22.243  -4.144  1.00 20.00 ? 250 ALA C CA 1 
ATOM 841 C CA . PRO C 1 251 ? -2.202  21.043  -7.187  1.00 20.00 ? 251 PRO C CA 1 
ATOM 842 C CA . VAL C 1 252 ? -3.878  22.421  -10.429 1.00 20.00 ? 252 VAL C CA 1 
ATOM 843 C CA . ASN C 1 253 ? -2.780  24.738  -13.333 1.00 20.00 ? 253 ASN C CA 1 
ATOM 844 C CA . ARG C 1 254 ? -5.451  23.939  -15.897 1.00 20.00 ? 254 ARG C CA 1 
ATOM 845 C CA . GLY C 1 255 ? -7.663  26.900  -16.763 1.00 20.00 ? 255 GLY C CA 1 
ATOM 846 C CA . VAL C 1 256 ? -10.784 27.446  -14.735 1.00 20.00 ? 256 VAL C CA 1 
ATOM 847 C CA . GLU C 1 257 ? -9.692  30.162  -12.378 1.00 20.00 ? 257 GLU C CA 1 
ATOM 848 C CA . ILE C 1 258 ? -6.100  30.518  -13.544 1.00 20.00 ? 258 ILE C CA 1 
ATOM 849 C CA . ASP C 1 259 ? -4.565  30.267  -17.072 1.00 20.00 ? 259 ASP C CA 1 
ATOM 850 C CA . ASP C 1 260 ? -1.728  27.741  -17.963 1.00 20.00 ? 260 ASP C CA 1 
ATOM 851 C CA . SER C 1 261 ? 0.974   30.260  -18.937 1.00 20.00 ? 261 SER C CA 1 
ATOM 852 C CA . LEU C 1 262 ? 1.680   32.169  -15.721 1.00 20.00 ? 262 LEU C CA 1 
ATOM 853 C CA . VAL C 1 263 ? 3.999   29.561  -14.306 1.00 20.00 ? 263 VAL C CA 1 
ATOM 854 C CA . GLU C 1 264 ? 6.484   29.164  -17.243 1.00 20.00 ? 264 GLU C CA 1 
ATOM 855 C CA . SER C 1 265 ? 6.510   32.893  -17.628 1.00 20.00 ? 265 SER C CA 1 
ATOM 856 C CA . GLU C 1 266 ? 7.202   33.262  -13.773 1.00 20.00 ? 266 GLU C CA 1 
ATOM 857 C CA . LYS C 1 267 ? 4.946   34.151  -10.636 1.00 20.00 ? 267 LYS C CA 1 
ATOM 858 C CA . SER C 1 268 ? 3.335   31.081  -8.938  1.00 20.00 ? 268 SER C CA 1 
ATOM 859 C CA . ARG C 1 269 ? 4.949   29.807  -5.739  1.00 20.00 ? 269 ARG C CA 1 
ATOM 860 C CA . ILE C 1 270 ? 2.395   26.978  -5.833  1.00 20.00 ? 270 ILE C CA 1 
ATOM 861 C CA . PHE C 1 271 ? 4.971   24.180  -6.534  1.00 20.00 ? 271 PHE C CA 1 
ATOM 862 C CA . LYS C 1 272 ? 7.209   25.925  -3.878  1.00 20.00 ? 272 LYS C CA 1 
ATOM 863 C CA . GLN C 1 273 ? 4.267   25.356  -1.498  1.00 20.00 ? 273 GLN C CA 1 
ATOM 864 C CA . MET C 1 274 ? 4.764   21.623  -2.290  1.00 20.00 ? 274 MET C CA 1 
ATOM 865 C CA . LYS C 1 275 ? 8.557   22.009  -1.707  1.00 20.00 ? 275 LYS C CA 1 
ATOM 866 C CA . ASN C 1 276 ? 8.102   23.384  1.795   1.00 20.00 ? 276 ASN C CA 1 
ATOM 867 C CA . GLY C 1 277 ? 4.946   21.145  2.047   1.00 20.00 ? 277 GLY C CA 1 
ATOM 868 C CA . VAL C 1 278 ? 7.267   18.278  3.096   1.00 20.00 ? 278 VAL C CA 1 
ATOM 869 C CA . PHE C 1 279 ? 9.271   20.456  5.508   1.00 20.00 ? 279 PHE C CA 1 
ATOM 870 C CA . ILE C 1 280 ? 6.165   21.744  7.327   1.00 20.00 ? 280 ILE C CA 1 
ATOM 871 C CA . ARG C 1 281 ? 4.863   18.179  7.709   1.00 20.00 ? 281 ARG C CA 1 
ATOM 872 C CA . MET C 1 282 ? 8.302   16.858  9.099   1.00 20.00 ? 282 MET C CA 1 
ATOM 873 C CA . ALA C 1 283 ? 8.635   19.905  11.437  1.00 20.00 ? 283 ALA C CA 1 
ATOM 874 C CA . VAL C 1 284 ? 5.112   19.491  12.746  1.00 20.00 ? 284 VAL C CA 1 
ATOM 875 C CA . ILE C 1 285 ? 5.740   15.760  13.200  1.00 20.00 ? 285 ILE C CA 1 
ATOM 876 C CA . GLN C 1 286 ? 8.708   16.684  15.368  1.00 20.00 ? 286 GLN C CA 1 
ATOM 877 C CA . CYS C 1 287 ? 6.562   19.048  17.593  1.00 20.00 ? 287 CYS C CA 1 
ATOM 878 C CA . ALA C 1 288 ? 4.552   15.850  18.345  1.00 20.00 ? 288 ALA C CA 1 
ATOM 879 C CA . LEU C 1 289 ? 7.331   13.471  19.543  1.00 20.00 ? 289 LEU C CA 1 
ATOM 880 C CA . GLN C 1 290 ? 9.930   15.768  21.355  1.00 20.00 ? 290 GLN C CA 1 
ATOM 881 C CA . THR C 1 291 ? 9.090   19.510  21.852  1.00 20.00 ? 291 THR C CA 1 
ATOM 882 C CA . ASN C 1 292 ? 12.595  20.504  23.172  1.00 20.00 ? 292 ASN C CA 1 
ATOM 883 C CA . VAL C 1 293 ? 14.438  20.549  19.940  1.00 20.00 ? 293 VAL C CA 1 
ATOM 884 C CA . LYS C 1 294 ? 17.342  19.735  17.671  1.00 20.00 ? 294 LYS C CA 1 
ATOM 885 C CA . ARG C 1 295 ? 18.156  18.062  14.330  1.00 20.00 ? 295 ARG C CA 1 
# 
